data_5I05
# 
_entry.id   5I05 
# 
_audit_conform.dict_name       mmcif_pdbx.dic 
_audit_conform.dict_version    5.397 
_audit_conform.dict_location   http://mmcif.pdb.org/dictionaries/ascii/mmcif_pdbx.dic 
# 
loop_
_database_2.database_id 
_database_2.database_code 
_database_2.pdbx_database_accession 
_database_2.pdbx_DOI 
PDB   5I05         pdb_00005i05 10.2210/pdb5i05/pdb 
WWPDB D_1000215899 ?            ?                   
# 
loop_
_pdbx_audit_revision_history.ordinal 
_pdbx_audit_revision_history.data_content_type 
_pdbx_audit_revision_history.major_revision 
_pdbx_audit_revision_history.minor_revision 
_pdbx_audit_revision_history.revision_date 
1 'Structure model' 1 0 2017-06-07 
2 'Structure model' 1 1 2017-06-14 
3 'Structure model' 1 2 2017-09-06 
4 'Structure model' 1 3 2024-01-10 
5 'Structure model' 1 4 2024-10-09 
# 
_pdbx_audit_revision_details.ordinal             1 
_pdbx_audit_revision_details.revision_ordinal    1 
_pdbx_audit_revision_details.data_content_type   'Structure model' 
_pdbx_audit_revision_details.provider            repository 
_pdbx_audit_revision_details.type                'Initial release' 
_pdbx_audit_revision_details.description         ? 
_pdbx_audit_revision_details.details             ? 
# 
loop_
_pdbx_audit_revision_group.ordinal 
_pdbx_audit_revision_group.revision_ordinal 
_pdbx_audit_revision_group.data_content_type 
_pdbx_audit_revision_group.group 
1 2 'Structure model' 'Database references'        
2 3 'Structure model' 'Author supporting evidence' 
3 4 'Structure model' 'Data collection'            
4 4 'Structure model' 'Database references'        
5 4 'Structure model' 'Refinement description'     
6 5 'Structure model' 'Structure summary'          
# 
loop_
_pdbx_audit_revision_category.ordinal 
_pdbx_audit_revision_category.revision_ordinal 
_pdbx_audit_revision_category.data_content_type 
_pdbx_audit_revision_category.category 
1 2 'Structure model' citation                      
2 3 'Structure model' pdbx_audit_support            
3 4 'Structure model' chem_comp_atom                
4 4 'Structure model' chem_comp_bond                
5 4 'Structure model' database_2                    
6 4 'Structure model' pdbx_initial_refinement_model 
7 5 'Structure model' pdbx_entry_details            
8 5 'Structure model' pdbx_modification_feature     
# 
loop_
_pdbx_audit_revision_item.ordinal 
_pdbx_audit_revision_item.revision_ordinal 
_pdbx_audit_revision_item.data_content_type 
_pdbx_audit_revision_item.item 
1 2 'Structure model' '_citation.country'                        
2 2 'Structure model' '_citation.page_last'                      
3 2 'Structure model' '_citation.pdbx_database_id_DOI'           
4 2 'Structure model' '_citation.pdbx_database_id_PubMed'        
5 2 'Structure model' '_citation.title'                          
6 3 'Structure model' '_pdbx_audit_support.funding_organization' 
7 4 'Structure model' '_database_2.pdbx_DOI'                     
8 4 'Structure model' '_database_2.pdbx_database_accession'      
# 
_pdbx_database_status.status_code                     REL 
_pdbx_database_status.status_code_sf                  REL 
_pdbx_database_status.status_code_mr                  ? 
_pdbx_database_status.entry_id                        5I05 
_pdbx_database_status.recvd_initial_deposition_date   2016-02-03 
_pdbx_database_status.SG_entry                        N 
_pdbx_database_status.deposit_site                    RCSB 
_pdbx_database_status.process_site                    PDBE 
_pdbx_database_status.status_code_cs                  ? 
_pdbx_database_status.methods_development_category    ? 
_pdbx_database_status.pdb_format_compatible           Y 
_pdbx_database_status.status_code_nmr_data            ? 
# 
loop_
_pdbx_database_related.db_name 
_pdbx_database_related.details 
_pdbx_database_related.db_id 
_pdbx_database_related.content_type 
PDB 'Crystal structure of the orphan region of human endoglin/CD105'                      5I04 unspecified 
PDB 'Crystal structure of the orphan region of human endoglin/CD105 in complex with BMP9' 5HZW unspecified 
PDB 'Crystal structure of the zona pellucida module of human endoglin/CD105'              5HZV unspecified 
# 
loop_
_audit_author.name 
_audit_author.pdbx_ordinal 
_audit_author.identifier_ORCID 
'Saito, T.'   1 ? 
'Bokhove, M.' 2 ? 
'Jovine, L.'  3 ? 
# 
loop_
_citation.abstract 
_citation.abstract_id_CAS 
_citation.book_id_ISBN 
_citation.book_publisher 
_citation.book_publisher_city 
_citation.book_title 
_citation.coordinate_linkage 
_citation.country 
_citation.database_id_Medline 
_citation.details 
_citation.id 
_citation.journal_abbrev 
_citation.journal_id_ASTM 
_citation.journal_id_CSD 
_citation.journal_id_ISSN 
_citation.journal_full 
_citation.journal_issue 
_citation.journal_volume 
_citation.language 
_citation.page_first 
_citation.page_last 
_citation.title 
_citation.year 
_citation.database_id_CSD 
_citation.pdbx_database_id_DOI 
_citation.pdbx_database_id_PubMed 
_citation.unpublished_flag 
? ? ? ? ? ? ? US ? ? primary 'Cell Rep'                      ?      ?    2211-1247 ? ? 19  ? 1917  1928  
'Structural Basis of the Human Endoglin-BMP9 Interaction: Insights into BMP Signaling and HHT1.' 2017 ? 
10.1016/j.celrep.2017.05.011 28564608 ? 
? ? ? ? ? ? ? US ? ? 1       'J. Biol. Chem.'                JBCHA3 0071 0021-9258 ? ? 280 ? 25111 25118 
'Crystal structure of BMP-9 and functional interactions with pro-region and receptors.'          2005 ? 10.1074/jbc.M503328200 
15851468 ? 
? ? ? ? ? ? ? US ? ? 2       'Proc. Natl. Acad. Sci. U.S.A.' PNASA6 0040 1091-6490 ? ? 112 ? 3710  3715  
'Structure of bone morphogenetic protein 9 procomplex.'                                          2015 ? 10.1073/pnas.1501303112 
25751889 ? 
# 
loop_
_citation_author.citation_id 
_citation_author.name 
_citation_author.ordinal 
_citation_author.identifier_ORCID 
primary 'Saito, T.'            1  ? 
primary 'Bokhove, M.'          2  ? 
primary 'Croci, R.'            3  ? 
primary 'Zamora-Caballero, S.' 4  ? 
primary 'Han, L.'              5  ? 
primary 'Letarte, M.'          6  ? 
primary 'de Sanctis, D.'       7  ? 
primary 'Jovine, L.'           8  ? 
1       'Brown, M.A.'          9  ? 
1       'Zhao, Q.'             10 ? 
1       'Baker, K.A.'          11 ? 
1       'Naik, C.'             12 ? 
1       'Chen, C.'             13 ? 
1       'Pukac, L.'            14 ? 
1       'Singh, M.'            15 ? 
1       'Tsareva, T.'          16 ? 
1       'Parice, Y.'           17 ? 
1       'Mahoney, A.'          18 ? 
1       'Roschke, V.'          19 ? 
1       'Sanyal, I.'           20 ? 
1       'Choe, S.'             21 ? 
2       'Mi, L.Z.'             22 ? 
2       'Brown, C.T.'          23 ? 
2       'Gao, Y.'              24 ? 
2       'Tian, Y.'             25 ? 
2       'Le, V.Q.'             26 ? 
2       'Walz, T.'             27 ? 
2       'Springer, T.A.'       28 ? 
# 
loop_
_entity.id 
_entity.type 
_entity.src_method 
_entity.pdbx_description 
_entity.formula_weight 
_entity.pdbx_number_of_molecules 
_entity.pdbx_ec 
_entity.pdbx_mutation 
_entity.pdbx_fragment 
_entity.details 
1 polymer     man 'Growth/differentiation factor 2' 12102.971 1  ? ? 'UNP residues 320-429' 'Mature BMP9' 
2 non-polymer syn GLYCEROL                          92.094    2  ? ? ?                      ?             
3 water       nat water                             18.015    52 ? ? ?                      ?             
# 
_entity_name_com.entity_id   1 
_entity_name_com.name        'GDF-2,Bone morphogenetic protein 9,BMP-9' 
# 
_entity_poly.entity_id                      1 
_entity_poly.type                           'polypeptide(L)' 
_entity_poly.nstd_linkage                   no 
_entity_poly.nstd_monomer                   no 
_entity_poly.pdbx_seq_one_letter_code       
;SAGAGSHCQKTSLRVNFEDIGWDSWIIAPKEYEAYECKGGCFFPLADDVTPTKHAIVQTLVHLKFPTKVGKACCVPTKLS
PISVLYKDDMGVPTLKYHYEGMSVAECGCR
;
_entity_poly.pdbx_seq_one_letter_code_can   
;SAGAGSHCQKTSLRVNFEDIGWDSWIIAPKEYEAYECKGGCFFPLADDVTPTKHAIVQTLVHLKFPTKVGKACCVPTKLS
PISVLYKDDMGVPTLKYHYEGMSVAECGCR
;
_entity_poly.pdbx_strand_id                 A 
_entity_poly.pdbx_target_identifier         ? 
# 
loop_
_pdbx_entity_nonpoly.entity_id 
_pdbx_entity_nonpoly.name 
_pdbx_entity_nonpoly.comp_id 
2 GLYCEROL GOL 
3 water    HOH 
# 
loop_
_entity_poly_seq.entity_id 
_entity_poly_seq.num 
_entity_poly_seq.mon_id 
_entity_poly_seq.hetero 
1 1   SER n 
1 2   ALA n 
1 3   GLY n 
1 4   ALA n 
1 5   GLY n 
1 6   SER n 
1 7   HIS n 
1 8   CYS n 
1 9   GLN n 
1 10  LYS n 
1 11  THR n 
1 12  SER n 
1 13  LEU n 
1 14  ARG n 
1 15  VAL n 
1 16  ASN n 
1 17  PHE n 
1 18  GLU n 
1 19  ASP n 
1 20  ILE n 
1 21  GLY n 
1 22  TRP n 
1 23  ASP n 
1 24  SER n 
1 25  TRP n 
1 26  ILE n 
1 27  ILE n 
1 28  ALA n 
1 29  PRO n 
1 30  LYS n 
1 31  GLU n 
1 32  TYR n 
1 33  GLU n 
1 34  ALA n 
1 35  TYR n 
1 36  GLU n 
1 37  CYS n 
1 38  LYS n 
1 39  GLY n 
1 40  GLY n 
1 41  CYS n 
1 42  PHE n 
1 43  PHE n 
1 44  PRO n 
1 45  LEU n 
1 46  ALA n 
1 47  ASP n 
1 48  ASP n 
1 49  VAL n 
1 50  THR n 
1 51  PRO n 
1 52  THR n 
1 53  LYS n 
1 54  HIS n 
1 55  ALA n 
1 56  ILE n 
1 57  VAL n 
1 58  GLN n 
1 59  THR n 
1 60  LEU n 
1 61  VAL n 
1 62  HIS n 
1 63  LEU n 
1 64  LYS n 
1 65  PHE n 
1 66  PRO n 
1 67  THR n 
1 68  LYS n 
1 69  VAL n 
1 70  GLY n 
1 71  LYS n 
1 72  ALA n 
1 73  CYS n 
1 74  CYS n 
1 75  VAL n 
1 76  PRO n 
1 77  THR n 
1 78  LYS n 
1 79  LEU n 
1 80  SER n 
1 81  PRO n 
1 82  ILE n 
1 83  SER n 
1 84  VAL n 
1 85  LEU n 
1 86  TYR n 
1 87  LYS n 
1 88  ASP n 
1 89  ASP n 
1 90  MET n 
1 91  GLY n 
1 92  VAL n 
1 93  PRO n 
1 94  THR n 
1 95  LEU n 
1 96  LYS n 
1 97  TYR n 
1 98  HIS n 
1 99  TYR n 
1 100 GLU n 
1 101 GLY n 
1 102 MET n 
1 103 SER n 
1 104 VAL n 
1 105 ALA n 
1 106 GLU n 
1 107 CYS n 
1 108 GLY n 
1 109 CYS n 
1 110 ARG n 
# 
_entity_src_gen.entity_id                          1 
_entity_src_gen.pdbx_src_id                        1 
_entity_src_gen.pdbx_alt_source_flag               sample 
_entity_src_gen.pdbx_seq_type                      'Biological sequence' 
_entity_src_gen.pdbx_beg_seq_num                   1 
_entity_src_gen.pdbx_end_seq_num                   110 
_entity_src_gen.gene_src_common_name               Human 
_entity_src_gen.gene_src_genus                     ? 
_entity_src_gen.pdbx_gene_src_gene                 'GDF2, BMP9' 
_entity_src_gen.gene_src_species                   ? 
_entity_src_gen.gene_src_strain                    ? 
_entity_src_gen.gene_src_tissue                    ? 
_entity_src_gen.gene_src_tissue_fraction           ? 
_entity_src_gen.gene_src_details                   ? 
_entity_src_gen.pdbx_gene_src_fragment             ? 
_entity_src_gen.pdbx_gene_src_scientific_name      'Homo sapiens' 
_entity_src_gen.pdbx_gene_src_ncbi_taxonomy_id     9606 
_entity_src_gen.pdbx_gene_src_variant              ? 
_entity_src_gen.pdbx_gene_src_cell_line            ? 
_entity_src_gen.pdbx_gene_src_atcc                 ? 
_entity_src_gen.pdbx_gene_src_organ                ? 
_entity_src_gen.pdbx_gene_src_organelle            ? 
_entity_src_gen.pdbx_gene_src_cell                 Endothelial 
_entity_src_gen.pdbx_gene_src_cellular_location    ? 
_entity_src_gen.host_org_common_name               Human 
_entity_src_gen.pdbx_host_org_scientific_name      'Homo sapiens' 
_entity_src_gen.pdbx_host_org_ncbi_taxonomy_id     9606 
_entity_src_gen.host_org_genus                     ? 
_entity_src_gen.pdbx_host_org_gene                 ? 
_entity_src_gen.pdbx_host_org_organ                ? 
_entity_src_gen.host_org_species                   ? 
_entity_src_gen.pdbx_host_org_tissue               ? 
_entity_src_gen.pdbx_host_org_tissue_fraction      ? 
_entity_src_gen.pdbx_host_org_strain               ? 
_entity_src_gen.pdbx_host_org_variant              ? 
_entity_src_gen.pdbx_host_org_cell_line            HEK293S 
_entity_src_gen.pdbx_host_org_atcc                 CRL-3022 
_entity_src_gen.pdbx_host_org_culture_collection   ? 
_entity_src_gen.pdbx_host_org_cell                 ? 
_entity_src_gen.pdbx_host_org_organelle            ? 
_entity_src_gen.pdbx_host_org_cellular_location    ? 
_entity_src_gen.pdbx_host_org_vector_type          ? 
_entity_src_gen.pdbx_host_org_vector               ? 
_entity_src_gen.host_org_details                   ? 
_entity_src_gen.expression_system_id               ? 
_entity_src_gen.plasmid_name                       pHLsec 
_entity_src_gen.plasmid_details                    ? 
_entity_src_gen.pdbx_description                   ? 
# 
loop_
_chem_comp.id 
_chem_comp.type 
_chem_comp.mon_nstd_flag 
_chem_comp.name 
_chem_comp.pdbx_synonyms 
_chem_comp.formula 
_chem_comp.formula_weight 
ALA 'L-peptide linking' y ALANINE         ?                               'C3 H7 N O2'     89.093  
ARG 'L-peptide linking' y ARGININE        ?                               'C6 H15 N4 O2 1' 175.209 
ASN 'L-peptide linking' y ASPARAGINE      ?                               'C4 H8 N2 O3'    132.118 
ASP 'L-peptide linking' y 'ASPARTIC ACID' ?                               'C4 H7 N O4'     133.103 
CYS 'L-peptide linking' y CYSTEINE        ?                               'C3 H7 N O2 S'   121.158 
GLN 'L-peptide linking' y GLUTAMINE       ?                               'C5 H10 N2 O3'   146.144 
GLU 'L-peptide linking' y 'GLUTAMIC ACID' ?                               'C5 H9 N O4'     147.129 
GLY 'peptide linking'   y GLYCINE         ?                               'C2 H5 N O2'     75.067  
GOL non-polymer         . GLYCEROL        'GLYCERIN; PROPANE-1,2,3-TRIOL' 'C3 H8 O3'       92.094  
HIS 'L-peptide linking' y HISTIDINE       ?                               'C6 H10 N3 O2 1' 156.162 
HOH non-polymer         . WATER           ?                               'H2 O'           18.015  
ILE 'L-peptide linking' y ISOLEUCINE      ?                               'C6 H13 N O2'    131.173 
LEU 'L-peptide linking' y LEUCINE         ?                               'C6 H13 N O2'    131.173 
LYS 'L-peptide linking' y LYSINE          ?                               'C6 H15 N2 O2 1' 147.195 
MET 'L-peptide linking' y METHIONINE      ?                               'C5 H11 N O2 S'  149.211 
PHE 'L-peptide linking' y PHENYLALANINE   ?                               'C9 H11 N O2'    165.189 
PRO 'L-peptide linking' y PROLINE         ?                               'C5 H9 N O2'     115.130 
SER 'L-peptide linking' y SERINE          ?                               'C3 H7 N O3'     105.093 
THR 'L-peptide linking' y THREONINE       ?                               'C4 H9 N O3'     119.119 
TRP 'L-peptide linking' y TRYPTOPHAN      ?                               'C11 H12 N2 O2'  204.225 
TYR 'L-peptide linking' y TYROSINE        ?                               'C9 H11 N O3'    181.189 
VAL 'L-peptide linking' y VALINE          ?                               'C5 H11 N O2'    117.146 
# 
loop_
_pdbx_poly_seq_scheme.asym_id 
_pdbx_poly_seq_scheme.entity_id 
_pdbx_poly_seq_scheme.seq_id 
_pdbx_poly_seq_scheme.mon_id 
_pdbx_poly_seq_scheme.ndb_seq_num 
_pdbx_poly_seq_scheme.pdb_seq_num 
_pdbx_poly_seq_scheme.auth_seq_num 
_pdbx_poly_seq_scheme.pdb_mon_id 
_pdbx_poly_seq_scheme.auth_mon_id 
_pdbx_poly_seq_scheme.pdb_strand_id 
_pdbx_poly_seq_scheme.pdb_ins_code 
_pdbx_poly_seq_scheme.hetero 
A 1 1   SER 1   1   ?   ?   ?   A . n 
A 1 2   ALA 2   2   ?   ?   ?   A . n 
A 1 3   GLY 3   3   ?   ?   ?   A . n 
A 1 4   ALA 4   4   4   ALA ALA A . n 
A 1 5   GLY 5   5   5   GLY GLY A . n 
A 1 6   SER 6   6   6   SER SER A . n 
A 1 7   HIS 7   7   7   HIS HIS A . n 
A 1 8   CYS 8   8   8   CYS CYS A . n 
A 1 9   GLN 9   9   9   GLN GLN A . n 
A 1 10  LYS 10  10  10  LYS LYS A . n 
A 1 11  THR 11  11  11  THR THR A . n 
A 1 12  SER 12  12  12  SER SER A . n 
A 1 13  LEU 13  13  13  LEU LEU A . n 
A 1 14  ARG 14  14  14  ARG ARG A . n 
A 1 15  VAL 15  15  15  VAL VAL A . n 
A 1 16  ASN 16  16  16  ASN ASN A . n 
A 1 17  PHE 17  17  17  PHE PHE A . n 
A 1 18  GLU 18  18  18  GLU GLU A . n 
A 1 19  ASP 19  19  19  ASP ASP A . n 
A 1 20  ILE 20  20  20  ILE ILE A . n 
A 1 21  GLY 21  21  21  GLY GLY A . n 
A 1 22  TRP 22  22  22  TRP TRP A . n 
A 1 23  ASP 23  23  23  ASP ASP A . n 
A 1 24  SER 24  24  24  SER SER A . n 
A 1 25  TRP 25  25  25  TRP TRP A . n 
A 1 26  ILE 26  26  26  ILE ILE A . n 
A 1 27  ILE 27  27  27  ILE ILE A . n 
A 1 28  ALA 28  28  28  ALA ALA A . n 
A 1 29  PRO 29  29  29  PRO PRO A . n 
A 1 30  LYS 30  30  30  LYS LYS A . n 
A 1 31  GLU 31  31  31  GLU GLU A . n 
A 1 32  TYR 32  32  32  TYR TYR A . n 
A 1 33  GLU 33  33  33  GLU GLU A . n 
A 1 34  ALA 34  34  34  ALA ALA A . n 
A 1 35  TYR 35  35  35  TYR TYR A . n 
A 1 36  GLU 36  36  36  GLU GLU A . n 
A 1 37  CYS 37  37  37  CYS CYS A . n 
A 1 38  LYS 38  38  38  LYS LYS A . n 
A 1 39  GLY 39  39  39  GLY GLY A . n 
A 1 40  GLY 40  40  40  GLY GLY A . n 
A 1 41  CYS 41  41  41  CYS CYS A . n 
A 1 42  PHE 42  42  42  PHE PHE A . n 
A 1 43  PHE 43  43  43  PHE PHE A . n 
A 1 44  PRO 44  44  44  PRO PRO A . n 
A 1 45  LEU 45  45  45  LEU LEU A . n 
A 1 46  ALA 46  46  46  ALA ALA A . n 
A 1 47  ASP 47  47  47  ASP ASP A . n 
A 1 48  ASP 48  48  48  ASP ASP A . n 
A 1 49  VAL 49  49  49  VAL VAL A . n 
A 1 50  THR 50  50  50  THR THR A . n 
A 1 51  PRO 51  51  51  PRO PRO A . n 
A 1 52  THR 52  52  52  THR THR A . n 
A 1 53  LYS 53  53  53  LYS LYS A . n 
A 1 54  HIS 54  54  54  HIS HIS A . n 
A 1 55  ALA 55  55  55  ALA ALA A . n 
A 1 56  ILE 56  56  56  ILE ILE A . n 
A 1 57  VAL 57  57  57  VAL VAL A . n 
A 1 58  GLN 58  58  58  GLN GLN A . n 
A 1 59  THR 59  59  59  THR THR A . n 
A 1 60  LEU 60  60  60  LEU LEU A . n 
A 1 61  VAL 61  61  61  VAL VAL A . n 
A 1 62  HIS 62  62  62  HIS HIS A . n 
A 1 63  LEU 63  63  63  LEU LEU A . n 
A 1 64  LYS 64  64  64  LYS LYS A . n 
A 1 65  PHE 65  65  65  PHE PHE A . n 
A 1 66  PRO 66  66  66  PRO PRO A . n 
A 1 67  THR 67  67  67  THR THR A . n 
A 1 68  LYS 68  68  68  LYS LYS A . n 
A 1 69  VAL 69  69  69  VAL VAL A . n 
A 1 70  GLY 70  70  70  GLY GLY A . n 
A 1 71  LYS 71  71  71  LYS LYS A . n 
A 1 72  ALA 72  72  72  ALA ALA A . n 
A 1 73  CYS 73  73  73  CYS CYS A . n 
A 1 74  CYS 74  74  74  CYS CYS A . n 
A 1 75  VAL 75  75  75  VAL VAL A . n 
A 1 76  PRO 76  76  76  PRO PRO A . n 
A 1 77  THR 77  77  77  THR THR A . n 
A 1 78  LYS 78  78  78  LYS LYS A . n 
A 1 79  LEU 79  79  79  LEU LEU A . n 
A 1 80  SER 80  80  80  SER SER A . n 
A 1 81  PRO 81  81  81  PRO PRO A . n 
A 1 82  ILE 82  82  82  ILE ILE A . n 
A 1 83  SER 83  83  83  SER SER A . n 
A 1 84  VAL 84  84  84  VAL VAL A . n 
A 1 85  LEU 85  85  85  LEU LEU A . n 
A 1 86  TYR 86  86  86  TYR TYR A . n 
A 1 87  LYS 87  87  87  LYS LYS A . n 
A 1 88  ASP 88  88  88  ASP ASP A . n 
A 1 89  ASP 89  89  89  ASP ASP A . n 
A 1 90  MET 90  90  90  MET MET A . n 
A 1 91  GLY 91  91  91  GLY GLY A . n 
A 1 92  VAL 92  92  92  VAL VAL A . n 
A 1 93  PRO 93  93  93  PRO PRO A . n 
A 1 94  THR 94  94  94  THR THR A . n 
A 1 95  LEU 95  95  95  LEU LEU A . n 
A 1 96  LYS 96  96  96  LYS LYS A . n 
A 1 97  TYR 97  97  97  TYR TYR A . n 
A 1 98  HIS 98  98  98  HIS HIS A . n 
A 1 99  TYR 99  99  99  TYR TYR A . n 
A 1 100 GLU 100 100 100 GLU GLU A . n 
A 1 101 GLY 101 101 101 GLY GLY A . n 
A 1 102 MET 102 102 102 MET MET A . n 
A 1 103 SER 103 103 103 SER SER A . n 
A 1 104 VAL 104 104 104 VAL VAL A . n 
A 1 105 ALA 105 105 105 ALA ALA A . n 
A 1 106 GLU 106 106 106 GLU GLU A . n 
A 1 107 CYS 107 107 107 CYS CYS A . n 
A 1 108 GLY 108 108 108 GLY GLY A . n 
A 1 109 CYS 109 109 109 CYS CYS A . n 
A 1 110 ARG 110 110 110 ARG ARG A . n 
# 
loop_
_pdbx_nonpoly_scheme.asym_id 
_pdbx_nonpoly_scheme.entity_id 
_pdbx_nonpoly_scheme.mon_id 
_pdbx_nonpoly_scheme.ndb_seq_num 
_pdbx_nonpoly_scheme.pdb_seq_num 
_pdbx_nonpoly_scheme.auth_seq_num 
_pdbx_nonpoly_scheme.pdb_mon_id 
_pdbx_nonpoly_scheme.auth_mon_id 
_pdbx_nonpoly_scheme.pdb_strand_id 
_pdbx_nonpoly_scheme.pdb_ins_code 
B 2 GOL 1  900  900 GOL GOL A . 
C 2 GOL 1  901  901 GOL GOL A . 
D 3 HOH 1  1001 23  HOH HOH A . 
D 3 HOH 2  1002 43  HOH HOH A . 
D 3 HOH 3  1003 1   HOH HOH A . 
D 3 HOH 4  1004 14  HOH HOH A . 
D 3 HOH 5  1005 6   HOH HOH A . 
D 3 HOH 6  1006 27  HOH HOH A . 
D 3 HOH 7  1007 20  HOH HOH A . 
D 3 HOH 8  1008 4   HOH HOH A . 
D 3 HOH 9  1009 22  HOH HOH A . 
D 3 HOH 10 1010 36  HOH HOH A . 
D 3 HOH 11 1011 9   HOH HOH A . 
D 3 HOH 12 1012 28  HOH HOH A . 
D 3 HOH 13 1013 21  HOH HOH A . 
D 3 HOH 14 1014 13  HOH HOH A . 
D 3 HOH 15 1015 10  HOH HOH A . 
D 3 HOH 16 1016 49  HOH HOH A . 
D 3 HOH 17 1017 25  HOH HOH A . 
D 3 HOH 18 1018 8   HOH HOH A . 
D 3 HOH 19 1019 31  HOH HOH A . 
D 3 HOH 20 1020 2   HOH HOH A . 
D 3 HOH 21 1021 26  HOH HOH A . 
D 3 HOH 22 1022 7   HOH HOH A . 
D 3 HOH 23 1023 5   HOH HOH A . 
D 3 HOH 24 1024 15  HOH HOH A . 
D 3 HOH 25 1025 32  HOH HOH A . 
D 3 HOH 26 1026 3   HOH HOH A . 
D 3 HOH 27 1027 38  HOH HOH A . 
D 3 HOH 28 1028 48  HOH HOH A . 
D 3 HOH 29 1029 30  HOH HOH A . 
D 3 HOH 30 1030 35  HOH HOH A . 
D 3 HOH 31 1031 37  HOH HOH A . 
D 3 HOH 32 1032 51  HOH HOH A . 
D 3 HOH 33 1033 33  HOH HOH A . 
D 3 HOH 34 1034 24  HOH HOH A . 
D 3 HOH 35 1035 18  HOH HOH A . 
D 3 HOH 36 1036 46  HOH HOH A . 
D 3 HOH 37 1037 19  HOH HOH A . 
D 3 HOH 38 1038 45  HOH HOH A . 
D 3 HOH 39 1039 40  HOH HOH A . 
D 3 HOH 40 1040 39  HOH HOH A . 
D 3 HOH 41 1041 47  HOH HOH A . 
D 3 HOH 42 1042 42  HOH HOH A . 
D 3 HOH 43 1043 50  HOH HOH A . 
D 3 HOH 44 1044 44  HOH HOH A . 
D 3 HOH 45 1045 41  HOH HOH A . 
D 3 HOH 46 1046 11  HOH HOH A . 
D 3 HOH 47 1047 52  HOH HOH A . 
D 3 HOH 48 1048 34  HOH HOH A . 
D 3 HOH 49 1049 17  HOH HOH A . 
D 3 HOH 50 1050 16  HOH HOH A . 
D 3 HOH 51 1051 29  HOH HOH A . 
D 3 HOH 52 1052 12  HOH HOH A . 
# 
loop_
_software.citation_id 
_software.classification 
_software.compiler_name 
_software.compiler_version 
_software.contact_author 
_software.contact_author_email 
_software.date 
_software.description 
_software.dependencies 
_software.hardware 
_software.language 
_software.location 
_software.mods 
_software.name 
_software.os 
_software.os_version 
_software.type 
_software.version 
_software.pdbx_ordinal 
? refinement       ? ? ? ? ? ? ? ? ? ? ? PHENIX ? ? ? '(1.10.1_2155: ???)'                 1 
? 'data reduction' ? ? ? ? ? ? ? ? ? ? ? XDS    ? ? ? '(November 3, 2014)'                 2 
? 'data scaling'   ? ? ? ? ? ? ? ? ? ? ? XSCALE ? ? ? '(November 3, 2014  BUILT=20141103)' 3 
? phasing          ? ? ? ? ? ? ? ? ? ? ? PHASER ? ? ? '(2.56)'                             4 
# 
_cell.entry_id           5I05 
_cell.length_a           71.060 
_cell.length_b           71.060 
_cell.length_c           145.670 
_cell.angle_alpha        90.00 
_cell.angle_beta         90.00 
_cell.angle_gamma        90.00 
_cell.Z_PDB              16 
_cell.pdbx_unique_axis   ? 
# 
_symmetry.entry_id                         5I05 
_symmetry.space_group_name_H-M             'I 41 2 2' 
_symmetry.pdbx_full_space_group_name_H-M   ? 
_symmetry.cell_setting                     ? 
_symmetry.Int_Tables_number                98 
# 
_exptl.absorpt_coefficient_mu     ? 
_exptl.absorpt_correction_T_max   ? 
_exptl.absorpt_correction_T_min   ? 
_exptl.absorpt_correction_type    ? 
_exptl.absorpt_process_details    ? 
_exptl.entry_id                   5I05 
_exptl.crystals_number            1 
_exptl.details                    ? 
_exptl.method                     'X-RAY DIFFRACTION' 
_exptl.method_details             ? 
# 
_exptl_crystal.colour                      ? 
_exptl_crystal.density_diffrn              ? 
_exptl_crystal.density_Matthews            3.81 
_exptl_crystal.density_method              ? 
_exptl_crystal.density_percent_sol         67.77 
_exptl_crystal.description                 'Rectangular Prism' 
_exptl_crystal.F_000                       ? 
_exptl_crystal.id                          1 
_exptl_crystal.preparation                 ? 
_exptl_crystal.size_max                    ? 
_exptl_crystal.size_mid                    ? 
_exptl_crystal.size_min                    ? 
_exptl_crystal.size_rad                    ? 
_exptl_crystal.colour_lustre               ? 
_exptl_crystal.colour_modifier             ? 
_exptl_crystal.colour_primary              ? 
_exptl_crystal.density_meas                ? 
_exptl_crystal.density_meas_esd            ? 
_exptl_crystal.density_meas_gt             ? 
_exptl_crystal.density_meas_lt             ? 
_exptl_crystal.density_meas_temp           ? 
_exptl_crystal.density_meas_temp_esd       ? 
_exptl_crystal.density_meas_temp_gt        ? 
_exptl_crystal.density_meas_temp_lt        ? 
_exptl_crystal.pdbx_crystal_image_url      ? 
_exptl_crystal.pdbx_crystal_image_format   ? 
_exptl_crystal.pdbx_mosaicity              ? 
_exptl_crystal.pdbx_mosaicity_esd          ? 
# 
_exptl_crystal_grow.apparatus       ? 
_exptl_crystal_grow.atmosphere      ? 
_exptl_crystal_grow.crystal_id      1 
_exptl_crystal_grow.details         ? 
_exptl_crystal_grow.method          'VAPOR DIFFUSION, HANGING DROP' 
_exptl_crystal_grow.method_ref      ? 
_exptl_crystal_grow.pH              3.5 
_exptl_crystal_grow.pressure        ? 
_exptl_crystal_grow.pressure_esd    ? 
_exptl_crystal_grow.seeding         ? 
_exptl_crystal_grow.seeding_ref     ? 
_exptl_crystal_grow.temp            293 
_exptl_crystal_grow.temp_details    ? 
_exptl_crystal_grow.temp_esd        ? 
_exptl_crystal_grow.time            ? 
_exptl_crystal_grow.pdbx_details    '1.0 M LiCl, 4% (v/v) PEG6000, 0.1 M NA-CITRATE' 
_exptl_crystal_grow.pdbx_pH_range   3.0-4.5 
# 
_diffrn.ambient_environment    ? 
_diffrn.ambient_temp           100 
_diffrn.ambient_temp_details   ? 
_diffrn.ambient_temp_esd       ? 
_diffrn.crystal_id             1 
_diffrn.crystal_support        ? 
_diffrn.crystal_treatment      ? 
_diffrn.details                ? 
_diffrn.id                     1 
_diffrn.ambient_pressure       ? 
_diffrn.ambient_pressure_esd   ? 
_diffrn.ambient_pressure_gt    ? 
_diffrn.ambient_pressure_lt    ? 
_diffrn.ambient_temp_gt        ? 
_diffrn.ambient_temp_lt        ? 
# 
_diffrn_detector.details                      ? 
_diffrn_detector.detector                     PIXEL 
_diffrn_detector.diffrn_id                    1 
_diffrn_detector.type                         'DECTRIS PILATUS 6M' 
_diffrn_detector.area_resol_mean              ? 
_diffrn_detector.dtime                        ? 
_diffrn_detector.pdbx_frames_total            ? 
_diffrn_detector.pdbx_collection_time_total   ? 
_diffrn_detector.pdbx_collection_date         2014-12-10 
# 
_diffrn_radiation.collimation                      ? 
_diffrn_radiation.diffrn_id                        1 
_diffrn_radiation.filter_edge                      ? 
_diffrn_radiation.inhomogeneity                    ? 
_diffrn_radiation.monochromator                    'Si Single Crystal' 
_diffrn_radiation.polarisn_norm                    ? 
_diffrn_radiation.polarisn_ratio                   ? 
_diffrn_radiation.probe                            ? 
_diffrn_radiation.type                             ? 
_diffrn_radiation.xray_symbol                      ? 
_diffrn_radiation.wavelength_id                    1 
_diffrn_radiation.pdbx_monochromatic_or_laue_m_l   M 
_diffrn_radiation.pdbx_wavelength_list             ? 
_diffrn_radiation.pdbx_wavelength                  ? 
_diffrn_radiation.pdbx_diffrn_protocol             'SINGLE WAVELENGTH' 
_diffrn_radiation.pdbx_analyzer                    ? 
_diffrn_radiation.pdbx_scattering_type             x-ray 
# 
_diffrn_radiation_wavelength.id           1 
_diffrn_radiation_wavelength.wavelength   0.97949 
_diffrn_radiation_wavelength.wt           1.0 
# 
_diffrn_source.current                     ? 
_diffrn_source.details                     ? 
_diffrn_source.diffrn_id                   1 
_diffrn_source.power                       ? 
_diffrn_source.size                        ? 
_diffrn_source.source                      SYNCHROTRON 
_diffrn_source.target                      ? 
_diffrn_source.type                        'DIAMOND BEAMLINE I02' 
_diffrn_source.voltage                     ? 
_diffrn_source.take-off_angle              ? 
_diffrn_source.pdbx_wavelength_list        0.97949 
_diffrn_source.pdbx_wavelength             ? 
_diffrn_source.pdbx_synchrotron_beamline   I02 
_diffrn_source.pdbx_synchrotron_site       Diamond 
# 
_reflns.B_iso_Wilson_estimate            ? 
_reflns.entry_id                         5I05 
_reflns.data_reduction_details           ? 
_reflns.data_reduction_method            ? 
_reflns.d_resolution_high                1.87 
_reflns.d_resolution_low                 41.36 
_reflns.details                          ? 
_reflns.limit_h_max                      ? 
_reflns.limit_h_min                      ? 
_reflns.limit_k_max                      ? 
_reflns.limit_k_min                      ? 
_reflns.limit_l_max                      ? 
_reflns.limit_l_min                      ? 
_reflns.number_all                       ? 
_reflns.number_obs                       15763 
_reflns.observed_criterion               ? 
_reflns.observed_criterion_F_max         ? 
_reflns.observed_criterion_F_min         ? 
_reflns.observed_criterion_I_max         ? 
_reflns.observed_criterion_I_min         ? 
_reflns.observed_criterion_sigma_F       ? 
_reflns.observed_criterion_sigma_I       -3.00 
_reflns.percent_possible_obs             99.4 
_reflns.R_free_details                   ? 
_reflns.Rmerge_F_all                     ? 
_reflns.Rmerge_F_obs                     ? 
_reflns.Friedel_coverage                 ? 
_reflns.number_gt                        ? 
_reflns.threshold_expression             ? 
_reflns.pdbx_redundancy                  5.7 
_reflns.pdbx_Rmerge_I_obs                0.033 
_reflns.pdbx_Rmerge_I_all                ? 
_reflns.pdbx_Rsym_value                  ? 
_reflns.pdbx_netI_over_av_sigmaI         ? 
_reflns.pdbx_netI_over_sigmaI            15.95 
_reflns.pdbx_res_netI_over_av_sigmaI_2   ? 
_reflns.pdbx_res_netI_over_sigmaI_2      ? 
_reflns.pdbx_chi_squared                 ? 
_reflns.pdbx_scaling_rejects             ? 
_reflns.pdbx_d_res_high_opt              ? 
_reflns.pdbx_d_res_low_opt               ? 
_reflns.pdbx_d_res_opt_method            ? 
_reflns.phase_calculation_details        ? 
_reflns.pdbx_Rrim_I_all                  ? 
_reflns.pdbx_Rpim_I_all                  ? 
_reflns.pdbx_d_opt                       ? 
_reflns.pdbx_number_measured_all         ? 
_reflns.pdbx_diffrn_id                   1 
_reflns.pdbx_ordinal                     1 
_reflns.pdbx_CC_half                     ? 
_reflns.pdbx_R_split                     ? 
# 
_reflns_shell.d_res_high                  1.87 
_reflns_shell.d_res_low                   1.92 
_reflns_shell.meanI_over_sigI_all         ? 
_reflns_shell.meanI_over_sigI_obs         1.39 
_reflns_shell.number_measured_all         ? 
_reflns_shell.number_measured_obs         ? 
_reflns_shell.number_possible             ? 
_reflns_shell.number_unique_all           ? 
_reflns_shell.number_unique_obs           ? 
_reflns_shell.percent_possible_all        99.7 
_reflns_shell.percent_possible_obs        ? 
_reflns_shell.Rmerge_F_all                ? 
_reflns_shell.Rmerge_F_obs                ? 
_reflns_shell.Rmerge_I_all                ? 
_reflns_shell.Rmerge_I_obs                0.79 
_reflns_shell.meanI_over_sigI_gt          ? 
_reflns_shell.meanI_over_uI_all           ? 
_reflns_shell.meanI_over_uI_gt            ? 
_reflns_shell.number_measured_gt          ? 
_reflns_shell.number_unique_gt            ? 
_reflns_shell.percent_possible_gt         ? 
_reflns_shell.Rmerge_F_gt                 ? 
_reflns_shell.Rmerge_I_gt                 ? 
_reflns_shell.pdbx_redundancy             5.9 
_reflns_shell.pdbx_Rsym_value             ? 
_reflns_shell.pdbx_chi_squared            ? 
_reflns_shell.pdbx_netI_over_sigmaI_all   ? 
_reflns_shell.pdbx_netI_over_sigmaI_obs   ? 
_reflns_shell.pdbx_Rrim_I_all             ? 
_reflns_shell.pdbx_Rpim_I_all             ? 
_reflns_shell.pdbx_rejects                ? 
_reflns_shell.pdbx_ordinal                1 
_reflns_shell.pdbx_diffrn_id              1 
_reflns_shell.pdbx_CC_half                ? 
_reflns_shell.pdbx_R_split                ? 
# 
_refine.pdbx_refine_id                           'X-RAY DIFFRACTION' 
_refine.entry_id                                 5I05 
_refine.pdbx_diffrn_id                           1 
_refine.pdbx_TLS_residual_ADP_flag               ? 
_refine.ls_number_reflns_obs                     15756 
_refine.ls_number_reflns_all                     ? 
_refine.pdbx_ls_sigma_I                          ? 
_refine.pdbx_ls_sigma_F                          1.38 
_refine.pdbx_data_cutoff_high_absF               ? 
_refine.pdbx_data_cutoff_low_absF                ? 
_refine.pdbx_data_cutoff_high_rms_absF           ? 
_refine.ls_d_res_low                             41.360 
_refine.ls_d_res_high                            1.870 
_refine.ls_percent_reflns_obs                    99.40 
_refine.ls_R_factor_obs                          0.2155 
_refine.ls_R_factor_all                          ? 
_refine.ls_R_factor_R_work                       0.2135 
_refine.ls_R_factor_R_free                       0.2332 
_refine.ls_R_factor_R_free_error                 ? 
_refine.ls_R_factor_R_free_error_details         ? 
_refine.ls_percent_reflns_R_free                 10.00 
_refine.ls_number_reflns_R_free                  1576 
_refine.ls_number_parameters                     ? 
_refine.ls_number_restraints                     ? 
_refine.occupancy_min                            ? 
_refine.occupancy_max                            ? 
_refine.correlation_coeff_Fo_to_Fc               ? 
_refine.correlation_coeff_Fo_to_Fc_free          ? 
_refine.B_iso_mean                               ? 
_refine.aniso_B[1][1]                            ? 
_refine.aniso_B[2][2]                            ? 
_refine.aniso_B[3][3]                            ? 
_refine.aniso_B[1][2]                            ? 
_refine.aniso_B[1][3]                            ? 
_refine.aniso_B[2][3]                            ? 
_refine.solvent_model_details                    'FLAT BULK SOLVENT MODEL' 
_refine.solvent_model_param_ksol                 ? 
_refine.solvent_model_param_bsol                 ? 
_refine.pdbx_solvent_vdw_probe_radii             1.00 
_refine.pdbx_solvent_ion_probe_radii             ? 
_refine.pdbx_solvent_shrinkage_radii             0.70 
_refine.pdbx_ls_cross_valid_method               'FREE R-VALUE' 
_refine.details                                  ? 
_refine.pdbx_starting_model                      1KZK 
_refine.pdbx_method_to_determine_struct          'MOLECULAR REPLACEMENT' 
_refine.pdbx_isotropic_thermal_model             ? 
_refine.pdbx_stereochemistry_target_values       ML 
_refine.pdbx_stereochem_target_val_spec_case     ? 
_refine.pdbx_R_Free_selection_details            'Random selection' 
_refine.pdbx_overall_ESU_R                       ? 
_refine.pdbx_overall_ESU_R_Free                  ? 
_refine.overall_SU_ML                            0.23 
_refine.pdbx_overall_phase_error                 26.53 
_refine.overall_SU_B                             ? 
_refine.overall_SU_R_Cruickshank_DPI             ? 
_refine.pdbx_overall_SU_R_free_Cruickshank_DPI   ? 
_refine.pdbx_overall_SU_R_Blow_DPI               ? 
_refine.pdbx_overall_SU_R_free_Blow_DPI          ? 
# 
_refine_hist.pdbx_refine_id                   'X-RAY DIFFRACTION' 
_refine_hist.cycle_id                         LAST 
_refine_hist.pdbx_number_atoms_protein        831 
_refine_hist.pdbx_number_atoms_nucleic_acid   0 
_refine_hist.pdbx_number_atoms_ligand         12 
_refine_hist.number_atoms_solvent             52 
_refine_hist.number_atoms_total               895 
_refine_hist.d_res_high                       1.870 
_refine_hist.d_res_low                        41.360 
# 
loop_
_refine_ls_restr.type 
_refine_ls_restr.dev_ideal 
_refine_ls_restr.dev_ideal_target 
_refine_ls_restr.weight 
_refine_ls_restr.number 
_refine_ls_restr.pdbx_refine_id 
_refine_ls_restr.pdbx_restraint_function 
f_bond_d           0.005  ? ? 874  'X-RAY DIFFRACTION' ? 
f_angle_d          0.734  ? ? 1186 'X-RAY DIFFRACTION' ? 
f_dihedral_angle_d 14.726 ? ? 326  'X-RAY DIFFRACTION' ? 
f_chiral_restr     0.047  ? ? 128  'X-RAY DIFFRACTION' ? 
f_plane_restr      0.005  ? ? 148  'X-RAY DIFFRACTION' ? 
# 
loop_
_refine_ls_shell.pdbx_refine_id 
_refine_ls_shell.pdbx_total_number_of_bins_used 
_refine_ls_shell.d_res_high 
_refine_ls_shell.d_res_low 
_refine_ls_shell.number_reflns_R_work 
_refine_ls_shell.R_factor_R_work 
_refine_ls_shell.percent_reflns_obs 
_refine_ls_shell.R_factor_R_free 
_refine_ls_shell.R_factor_R_free_error 
_refine_ls_shell.percent_reflns_R_free 
_refine_ls_shell.number_reflns_R_free 
_refine_ls_shell.number_reflns_all 
_refine_ls_shell.R_factor_all 
_refine_ls_shell.R_factor_obs 
_refine_ls_shell.number_reflns_obs 
'X-RAY DIFFRACTION' . 1.8701 1.9305  1257 0.3572 100.00 0.3633 . . 139 . . . . 
'X-RAY DIFFRACTION' . 1.9305 1.9995  1263 0.3343 100.00 0.3349 . . 141 . . . . 
'X-RAY DIFFRACTION' . 1.9995 2.0795  1264 0.2888 100.00 0.3201 . . 143 . . . . 
'X-RAY DIFFRACTION' . 2.0795 2.1742  1279 0.2539 100.00 0.2959 . . 141 . . . . 
'X-RAY DIFFRACTION' . 2.1742 2.2888  1282 0.2382 100.00 0.2957 . . 142 . . . . 
'X-RAY DIFFRACTION' . 2.2888 2.4322  1269 0.2165 99.00  0.2072 . . 141 . . . . 
'X-RAY DIFFRACTION' . 2.4322 2.6199  1287 0.2126 100.00 0.2655 . . 144 . . . . 
'X-RAY DIFFRACTION' . 2.6199 2.8835  1280 0.2092 100.00 0.2317 . . 143 . . . . 
'X-RAY DIFFRACTION' . 2.8835 3.3006  1304 0.2076 99.00  0.1929 . . 144 . . . . 
'X-RAY DIFFRACTION' . 3.3006 4.1578  1320 0.1913 99.00  0.1982 . . 147 . . . . 
'X-RAY DIFFRACTION' . 4.1578 41.3698 1375 0.1908 97.00  0.2256 . . 151 . . . . 
# 
_struct.entry_id                     5I05 
_struct.title                        'Crystal structure of human BMP9 at 1.87 A resolution' 
_struct.pdbx_model_details           ? 
_struct.pdbx_formula_weight          ? 
_struct.pdbx_formula_weight_method   ? 
_struct.pdbx_model_type_details      ? 
_struct.pdbx_CASP_flag               ? 
# 
_struct_keywords.entry_id        5I05 
_struct_keywords.text            
'GROWTH DIFFERENTIATION FACTOR 2, CELL PROLIFERATION SIGNAL, CYTOKINE, ANGIOGENESIS, SIGNALING PROTEIN' 
_struct_keywords.pdbx_keywords   'SIGNALING PROTEIN' 
# 
loop_
_struct_asym.id 
_struct_asym.pdbx_blank_PDB_chainid_flag 
_struct_asym.pdbx_modified 
_struct_asym.entity_id 
_struct_asym.details 
A N N 1 ? 
B N N 2 ? 
C N N 2 ? 
D N N 3 ? 
# 
_struct_ref.id                         1 
_struct_ref.db_name                    UNP 
_struct_ref.db_code                    GDF2_HUMAN 
_struct_ref.pdbx_db_accession          Q9UK05 
_struct_ref.pdbx_db_isoform            ? 
_struct_ref.entity_id                  1 
_struct_ref.pdbx_seq_one_letter_code   
;SAGAGSHCQKTSLRVNFEDIGWDSWIIAPKEYEAYECKGGCFFPLADDVTPTKHAIVQTLVHLKFPTKVGKACCVPTKLS
PISVLYKDDMGVPTLKYHYEGMSVAECGCR
;
_struct_ref.pdbx_align_begin           320 
# 
_struct_ref_seq.align_id                      1 
_struct_ref_seq.ref_id                        1 
_struct_ref_seq.pdbx_PDB_id_code              5I05 
_struct_ref_seq.pdbx_strand_id                A 
_struct_ref_seq.seq_align_beg                 1 
_struct_ref_seq.pdbx_seq_align_beg_ins_code   ? 
_struct_ref_seq.seq_align_end                 110 
_struct_ref_seq.pdbx_seq_align_end_ins_code   ? 
_struct_ref_seq.pdbx_db_accession             Q9UK05 
_struct_ref_seq.db_align_beg                  320 
_struct_ref_seq.pdbx_db_align_beg_ins_code    ? 
_struct_ref_seq.db_align_end                  429 
_struct_ref_seq.pdbx_db_align_end_ins_code    ? 
_struct_ref_seq.pdbx_auth_seq_align_beg       1 
_struct_ref_seq.pdbx_auth_seq_align_end       110 
# 
_pdbx_struct_assembly.id                   1 
_pdbx_struct_assembly.details              author_and_software_defined_assembly 
_pdbx_struct_assembly.method_details       PISA 
_pdbx_struct_assembly.oligomeric_details   dimeric 
_pdbx_struct_assembly.oligomeric_count     2 
# 
loop_
_pdbx_struct_assembly_prop.biol_id 
_pdbx_struct_assembly_prop.type 
_pdbx_struct_assembly_prop.value 
_pdbx_struct_assembly_prop.details 
1 'ABSA (A^2)' 3360  ? 
1 MORE         -26   ? 
1 'SSA (A^2)'  11790 ? 
# 
_pdbx_struct_assembly_gen.assembly_id       1 
_pdbx_struct_assembly_gen.oper_expression   1,2 
_pdbx_struct_assembly_gen.asym_id_list      A,B,C,D 
# 
loop_
_pdbx_struct_oper_list.id 
_pdbx_struct_oper_list.type 
_pdbx_struct_oper_list.name 
_pdbx_struct_oper_list.symmetry_operation 
_pdbx_struct_oper_list.matrix[1][1] 
_pdbx_struct_oper_list.matrix[1][2] 
_pdbx_struct_oper_list.matrix[1][3] 
_pdbx_struct_oper_list.vector[1] 
_pdbx_struct_oper_list.matrix[2][1] 
_pdbx_struct_oper_list.matrix[2][2] 
_pdbx_struct_oper_list.matrix[2][3] 
_pdbx_struct_oper_list.vector[2] 
_pdbx_struct_oper_list.matrix[3][1] 
_pdbx_struct_oper_list.matrix[3][2] 
_pdbx_struct_oper_list.matrix[3][3] 
_pdbx_struct_oper_list.vector[3] 
1 'identity operation'         1_555 x,y,z           1.0000000000 0.0000000000 0.0000000000  0.0000000000  0.0000000000 1.0000000000  0.0000000000  0.0000000000  0.0000000000  0.0000000000  1.0000000000  0.0000000000   
2 'crystal symmetry operation' 5_454 -x-1/2,y,-z-1/4 0.2865454006 0.0571310978 -0.9563617365 -8.1932805952 0.0571310978 -0.9974630026 -0.0424687663 -9.1120795436 -0.9563617365 -0.0424687663 -0.2890823980 -11.5663458198 
# 
loop_
_struct_conf.conf_type_id 
_struct_conf.id 
_struct_conf.pdbx_PDB_helix_id 
_struct_conf.beg_label_comp_id 
_struct_conf.beg_label_asym_id 
_struct_conf.beg_label_seq_id 
_struct_conf.pdbx_beg_PDB_ins_code 
_struct_conf.end_label_comp_id 
_struct_conf.end_label_asym_id 
_struct_conf.end_label_seq_id 
_struct_conf.pdbx_end_PDB_ins_code 
_struct_conf.beg_auth_comp_id 
_struct_conf.beg_auth_asym_id 
_struct_conf.beg_auth_seq_id 
_struct_conf.end_auth_comp_id 
_struct_conf.end_auth_asym_id 
_struct_conf.end_auth_seq_id 
_struct_conf.pdbx_PDB_helix_class 
_struct_conf.details 
_struct_conf.pdbx_PDB_helix_length 
HELX_P HELX_P1 AA1 ALA A 46 ? THR A 50 ? ALA A 46 THR A 50 5 ? 5  
HELX_P HELX_P2 AA2 THR A 52 ? PHE A 65 ? THR A 52 PHE A 65 1 ? 14 
# 
_struct_conf_type.id          HELX_P 
_struct_conf_type.criteria    ? 
_struct_conf_type.reference   ? 
# 
loop_
_struct_conn.id 
_struct_conn.conn_type_id 
_struct_conn.pdbx_leaving_atom_flag 
_struct_conn.pdbx_PDB_id 
_struct_conn.ptnr1_label_asym_id 
_struct_conn.ptnr1_label_comp_id 
_struct_conn.ptnr1_label_seq_id 
_struct_conn.ptnr1_label_atom_id 
_struct_conn.pdbx_ptnr1_label_alt_id 
_struct_conn.pdbx_ptnr1_PDB_ins_code 
_struct_conn.pdbx_ptnr1_standard_comp_id 
_struct_conn.ptnr1_symmetry 
_struct_conn.ptnr2_label_asym_id 
_struct_conn.ptnr2_label_comp_id 
_struct_conn.ptnr2_label_seq_id 
_struct_conn.ptnr2_label_atom_id 
_struct_conn.pdbx_ptnr2_label_alt_id 
_struct_conn.pdbx_ptnr2_PDB_ins_code 
_struct_conn.ptnr1_auth_asym_id 
_struct_conn.ptnr1_auth_comp_id 
_struct_conn.ptnr1_auth_seq_id 
_struct_conn.ptnr2_auth_asym_id 
_struct_conn.ptnr2_auth_comp_id 
_struct_conn.ptnr2_auth_seq_id 
_struct_conn.ptnr2_symmetry 
_struct_conn.pdbx_ptnr3_label_atom_id 
_struct_conn.pdbx_ptnr3_label_seq_id 
_struct_conn.pdbx_ptnr3_label_comp_id 
_struct_conn.pdbx_ptnr3_label_asym_id 
_struct_conn.pdbx_ptnr3_label_alt_id 
_struct_conn.pdbx_ptnr3_PDB_ins_code 
_struct_conn.details 
_struct_conn.pdbx_dist_value 
_struct_conn.pdbx_value_order 
_struct_conn.pdbx_role 
disulf1 disulf ? ? A CYS 8  SG ? ? ? 1_555 A CYS 74  SG ? ? A CYS 8  A CYS 74  1_555 ? ? ? ? ? ? ? 2.025 ? ? 
disulf2 disulf ? ? A CYS 37 SG ? ? ? 1_555 A CYS 107 SG ? ? A CYS 37 A CYS 107 1_555 ? ? ? ? ? ? ? 2.030 ? ? 
disulf3 disulf ? ? A CYS 41 SG ? ? ? 1_555 A CYS 109 SG ? ? A CYS 41 A CYS 109 1_555 ? ? ? ? ? ? ? 2.033 ? ? 
disulf4 disulf ? ? A CYS 73 SG A ? ? 1_555 A CYS 73  SG A ? A CYS 73 A CYS 73  5_454 ? ? ? ? ? ? ? 2.031 ? ? 
# 
_struct_conn_type.id          disulf 
_struct_conn_type.criteria    ? 
_struct_conn_type.reference   ? 
# 
loop_
_pdbx_modification_feature.ordinal 
_pdbx_modification_feature.label_comp_id 
_pdbx_modification_feature.label_asym_id 
_pdbx_modification_feature.label_seq_id 
_pdbx_modification_feature.label_alt_id 
_pdbx_modification_feature.modified_residue_label_comp_id 
_pdbx_modification_feature.modified_residue_label_asym_id 
_pdbx_modification_feature.modified_residue_label_seq_id 
_pdbx_modification_feature.modified_residue_label_alt_id 
_pdbx_modification_feature.auth_comp_id 
_pdbx_modification_feature.auth_asym_id 
_pdbx_modification_feature.auth_seq_id 
_pdbx_modification_feature.PDB_ins_code 
_pdbx_modification_feature.symmetry 
_pdbx_modification_feature.modified_residue_auth_comp_id 
_pdbx_modification_feature.modified_residue_auth_asym_id 
_pdbx_modification_feature.modified_residue_auth_seq_id 
_pdbx_modification_feature.modified_residue_PDB_ins_code 
_pdbx_modification_feature.modified_residue_symmetry 
_pdbx_modification_feature.comp_id_linking_atom 
_pdbx_modification_feature.modified_residue_id_linking_atom 
_pdbx_modification_feature.modified_residue_id 
_pdbx_modification_feature.ref_pcm_id 
_pdbx_modification_feature.ref_comp_id 
_pdbx_modification_feature.type 
_pdbx_modification_feature.category 
1 CYS A 8  ? CYS A 74  ? CYS A 8  ? 1_555 CYS A 74  ? 1_555 SG SG . . . None 'Disulfide bridge' 
2 CYS A 37 ? CYS A 107 ? CYS A 37 ? 1_555 CYS A 107 ? 1_555 SG SG . . . None 'Disulfide bridge' 
3 CYS A 41 ? CYS A 109 ? CYS A 41 ? 1_555 CYS A 109 ? 1_555 SG SG . . . None 'Disulfide bridge' 
4 CYS A 73 A CYS A 73  A CYS A 73 ? 1_555 CYS A 73  ? 5_454 SG SG . . . None 'Disulfide bridge' 
# 
loop_
_struct_mon_prot_cis.pdbx_id 
_struct_mon_prot_cis.label_comp_id 
_struct_mon_prot_cis.label_seq_id 
_struct_mon_prot_cis.label_asym_id 
_struct_mon_prot_cis.label_alt_id 
_struct_mon_prot_cis.pdbx_PDB_ins_code 
_struct_mon_prot_cis.auth_comp_id 
_struct_mon_prot_cis.auth_seq_id 
_struct_mon_prot_cis.auth_asym_id 
_struct_mon_prot_cis.pdbx_label_comp_id_2 
_struct_mon_prot_cis.pdbx_label_seq_id_2 
_struct_mon_prot_cis.pdbx_label_asym_id_2 
_struct_mon_prot_cis.pdbx_PDB_ins_code_2 
_struct_mon_prot_cis.pdbx_auth_comp_id_2 
_struct_mon_prot_cis.pdbx_auth_seq_id_2 
_struct_mon_prot_cis.pdbx_auth_asym_id_2 
_struct_mon_prot_cis.pdbx_PDB_model_num 
_struct_mon_prot_cis.pdbx_omega_angle 
1 ALA 28 A . ? ALA 28 A PRO 29 A ? PRO 29 A 1 -0.11 
2 PHE 43 A . ? PHE 43 A PRO 44 A ? PRO 44 A 1 -0.49 
# 
loop_
_struct_sheet.id 
_struct_sheet.type 
_struct_sheet.number_strands 
_struct_sheet.details 
AA1 ? 2 ? 
AA2 ? 2 ? 
AA3 ? 3 ? 
# 
loop_
_struct_sheet_order.sheet_id 
_struct_sheet_order.range_id_1 
_struct_sheet_order.range_id_2 
_struct_sheet_order.offset 
_struct_sheet_order.sense 
AA1 1 2 ? anti-parallel 
AA2 1 2 ? anti-parallel 
AA3 1 2 ? anti-parallel 
AA3 2 3 ? anti-parallel 
# 
loop_
_struct_sheet_range.sheet_id 
_struct_sheet_range.id 
_struct_sheet_range.beg_label_comp_id 
_struct_sheet_range.beg_label_asym_id 
_struct_sheet_range.beg_label_seq_id 
_struct_sheet_range.pdbx_beg_PDB_ins_code 
_struct_sheet_range.end_label_comp_id 
_struct_sheet_range.end_label_asym_id 
_struct_sheet_range.end_label_seq_id 
_struct_sheet_range.pdbx_end_PDB_ins_code 
_struct_sheet_range.beg_auth_comp_id 
_struct_sheet_range.beg_auth_asym_id 
_struct_sheet_range.beg_auth_seq_id 
_struct_sheet_range.end_auth_comp_id 
_struct_sheet_range.end_auth_asym_id 
_struct_sheet_range.end_auth_seq_id 
AA1 1 GLN A 9  ? THR A 11  ? GLN A 9  THR A 11  
AA1 2 GLU A 36 ? LYS A 38  ? GLU A 36 LYS A 38  
AA2 1 ARG A 14 ? ASN A 16  ? ARG A 14 ASN A 16  
AA2 2 GLU A 31 ? GLU A 33  ? GLU A 31 GLU A 33  
AA3 1 ILE A 26 ? ALA A 28  ? ILE A 26 ALA A 28  
AA3 2 CYS A 74 ? LYS A 87  ? CYS A 74 LYS A 87  
AA3 3 PRO A 93 ? CYS A 109 ? PRO A 93 CYS A 109 
# 
loop_
_pdbx_struct_sheet_hbond.sheet_id 
_pdbx_struct_sheet_hbond.range_id_1 
_pdbx_struct_sheet_hbond.range_id_2 
_pdbx_struct_sheet_hbond.range_1_label_atom_id 
_pdbx_struct_sheet_hbond.range_1_label_comp_id 
_pdbx_struct_sheet_hbond.range_1_label_asym_id 
_pdbx_struct_sheet_hbond.range_1_label_seq_id 
_pdbx_struct_sheet_hbond.range_1_PDB_ins_code 
_pdbx_struct_sheet_hbond.range_1_auth_atom_id 
_pdbx_struct_sheet_hbond.range_1_auth_comp_id 
_pdbx_struct_sheet_hbond.range_1_auth_asym_id 
_pdbx_struct_sheet_hbond.range_1_auth_seq_id 
_pdbx_struct_sheet_hbond.range_2_label_atom_id 
_pdbx_struct_sheet_hbond.range_2_label_comp_id 
_pdbx_struct_sheet_hbond.range_2_label_asym_id 
_pdbx_struct_sheet_hbond.range_2_label_seq_id 
_pdbx_struct_sheet_hbond.range_2_PDB_ins_code 
_pdbx_struct_sheet_hbond.range_2_auth_atom_id 
_pdbx_struct_sheet_hbond.range_2_auth_comp_id 
_pdbx_struct_sheet_hbond.range_2_auth_asym_id 
_pdbx_struct_sheet_hbond.range_2_auth_seq_id 
AA1 1 2 N THR A 11 ? N THR A 11 O GLU A 36 ? O GLU A 36 
AA2 1 2 N VAL A 15 ? N VAL A 15 O TYR A 32 ? O TYR A 32 
AA3 1 2 N ALA A 28 ? N ALA A 28 O LEU A 85 ? O LEU A 85 
AA3 2 3 N ILE A 82 ? N ILE A 82 O TYR A 99 ? O TYR A 99 
# 
loop_
_struct_site.id 
_struct_site.pdbx_evidence_code 
_struct_site.pdbx_auth_asym_id 
_struct_site.pdbx_auth_comp_id 
_struct_site.pdbx_auth_seq_id 
_struct_site.pdbx_auth_ins_code 
_struct_site.pdbx_num_residues 
_struct_site.details 
AC1 Software A GOL 900 ? 6 'binding site for residue GOL A 900' 
AC2 Software A GOL 901 ? 3 'binding site for residue GOL A 901' 
# 
loop_
_struct_site_gen.id 
_struct_site_gen.site_id 
_struct_site_gen.pdbx_num_res 
_struct_site_gen.label_comp_id 
_struct_site_gen.label_asym_id 
_struct_site_gen.label_seq_id 
_struct_site_gen.pdbx_auth_ins_code 
_struct_site_gen.auth_comp_id 
_struct_site_gen.auth_asym_id 
_struct_site_gen.auth_seq_id 
_struct_site_gen.label_atom_id 
_struct_site_gen.label_alt_id 
_struct_site_gen.symmetry 
_struct_site_gen.details 
1 AC1 6 PRO A 81 ? PRO A 81 . ? 10_555 ? 
2 AC1 6 ILE A 82 ? ILE A 82 . ? 10_555 ? 
3 AC1 6 SER A 83 ? SER A 83 . ? 1_555  ? 
4 AC1 6 SER A 83 ? SER A 83 . ? 10_555 ? 
5 AC1 6 TYR A 97 ? TYR A 97 . ? 10_555 ? 
6 AC1 6 HIS A 98 ? HIS A 98 . ? 10_555 ? 
7 AC2 3 ALA A 4  ? ALA A 4  . ? 1_555  ? 
8 AC2 3 GLY A 5  ? GLY A 5  . ? 1_555  ? 
9 AC2 3 HIS A 7  ? HIS A 7  . ? 1_555  ? 
# 
_pdbx_entry_details.entry_id                   5I05 
_pdbx_entry_details.compound_details           ? 
_pdbx_entry_details.source_details             ? 
_pdbx_entry_details.nonpolymer_details         ? 
_pdbx_entry_details.sequence_details           ? 
_pdbx_entry_details.has_ligand_of_interest     ? 
_pdbx_entry_details.has_protein_modification   Y 
# 
_pdbx_validate_torsion.id              1 
_pdbx_validate_torsion.PDB_model_num   1 
_pdbx_validate_torsion.auth_comp_id    TYR 
_pdbx_validate_torsion.auth_asym_id    A 
_pdbx_validate_torsion.auth_seq_id     35 
_pdbx_validate_torsion.PDB_ins_code    ? 
_pdbx_validate_torsion.label_alt_id    ? 
_pdbx_validate_torsion.phi             50.61 
_pdbx_validate_torsion.psi             -163.14 
# 
_pdbx_point_symmetry.entry_id             5I05 
_pdbx_point_symmetry.Schoenflies_symbol   C 
_pdbx_point_symmetry.circular_symmetry    2 
_pdbx_point_symmetry.H-M_notation         ? 
# 
_pdbx_struct_special_symmetry.id              1 
_pdbx_struct_special_symmetry.PDB_model_num   1 
_pdbx_struct_special_symmetry.auth_asym_id    A 
_pdbx_struct_special_symmetry.auth_comp_id    HOH 
_pdbx_struct_special_symmetry.auth_seq_id     1047 
_pdbx_struct_special_symmetry.PDB_ins_code    ? 
_pdbx_struct_special_symmetry.label_asym_id   D 
_pdbx_struct_special_symmetry.label_comp_id   HOH 
_pdbx_struct_special_symmetry.label_seq_id    . 
# 
_pdbx_refine_tls.pdbx_refine_id   'X-RAY DIFFRACTION' 
_pdbx_refine_tls.id               1 
_pdbx_refine_tls.details          ? 
_pdbx_refine_tls.method           refined 
_pdbx_refine_tls.origin_x         -0.2357 
_pdbx_refine_tls.origin_y         0.4824 
_pdbx_refine_tls.origin_z         0.2089 
_pdbx_refine_tls.T[1][1]          0.3678 
_pdbx_refine_tls.T[2][2]          0.3091 
_pdbx_refine_tls.T[3][3]          0.2560 
_pdbx_refine_tls.T[1][2]          0.0136 
_pdbx_refine_tls.T[1][3]          0.0354 
_pdbx_refine_tls.T[2][3]          0.0413 
_pdbx_refine_tls.L[1][1]          0.7978 
_pdbx_refine_tls.L[2][2]          1.4945 
_pdbx_refine_tls.L[3][3]          3.3406 
_pdbx_refine_tls.L[1][2]          0.7392 
_pdbx_refine_tls.L[1][3]          0.8755 
_pdbx_refine_tls.L[2][3]          0.9789 
_pdbx_refine_tls.S[1][1]          0.1525 
_pdbx_refine_tls.S[1][2]          -0.0390 
_pdbx_refine_tls.S[1][3]          -0.1161 
_pdbx_refine_tls.S[2][1]          0.3030 
_pdbx_refine_tls.S[2][2]          0.0218 
_pdbx_refine_tls.S[2][3]          -0.2467 
_pdbx_refine_tls.S[3][1]          -0.3724 
_pdbx_refine_tls.S[3][2]          0.0271 
_pdbx_refine_tls.S[3][3]          -0.2668 
# 
_pdbx_refine_tls_group.pdbx_refine_id      'X-RAY DIFFRACTION' 
_pdbx_refine_tls_group.id                  1 
_pdbx_refine_tls_group.refine_tls_id       1 
_pdbx_refine_tls_group.beg_auth_asym_id    ? 
_pdbx_refine_tls_group.beg_auth_seq_id     ? 
_pdbx_refine_tls_group.beg_label_asym_id   ? 
_pdbx_refine_tls_group.beg_label_seq_id    ? 
_pdbx_refine_tls_group.end_auth_asym_id    ? 
_pdbx_refine_tls_group.end_auth_seq_id     ? 
_pdbx_refine_tls_group.end_label_asym_id   ? 
_pdbx_refine_tls_group.end_label_seq_id    ? 
_pdbx_refine_tls_group.selection           ? 
_pdbx_refine_tls_group.selection_details   'chain A and (not resi 900:901)' 
# 
loop_
_pdbx_unobs_or_zero_occ_residues.id 
_pdbx_unobs_or_zero_occ_residues.PDB_model_num 
_pdbx_unobs_or_zero_occ_residues.polymer_flag 
_pdbx_unobs_or_zero_occ_residues.occupancy_flag 
_pdbx_unobs_or_zero_occ_residues.auth_asym_id 
_pdbx_unobs_or_zero_occ_residues.auth_comp_id 
_pdbx_unobs_or_zero_occ_residues.auth_seq_id 
_pdbx_unobs_or_zero_occ_residues.PDB_ins_code 
_pdbx_unobs_or_zero_occ_residues.label_asym_id 
_pdbx_unobs_or_zero_occ_residues.label_comp_id 
_pdbx_unobs_or_zero_occ_residues.label_seq_id 
1 1 Y 1 A SER 1 ? A SER 1 
2 1 Y 1 A ALA 2 ? A ALA 2 
3 1 Y 1 A GLY 3 ? A GLY 3 
# 
loop_
_chem_comp_atom.comp_id 
_chem_comp_atom.atom_id 
_chem_comp_atom.type_symbol 
_chem_comp_atom.pdbx_aromatic_flag 
_chem_comp_atom.pdbx_stereo_config 
_chem_comp_atom.pdbx_ordinal 
ALA N    N N N 1   
ALA CA   C N S 2   
ALA C    C N N 3   
ALA O    O N N 4   
ALA CB   C N N 5   
ALA OXT  O N N 6   
ALA H    H N N 7   
ALA H2   H N N 8   
ALA HA   H N N 9   
ALA HB1  H N N 10  
ALA HB2  H N N 11  
ALA HB3  H N N 12  
ALA HXT  H N N 13  
ARG N    N N N 14  
ARG CA   C N S 15  
ARG C    C N N 16  
ARG O    O N N 17  
ARG CB   C N N 18  
ARG CG   C N N 19  
ARG CD   C N N 20  
ARG NE   N N N 21  
ARG CZ   C N N 22  
ARG NH1  N N N 23  
ARG NH2  N N N 24  
ARG OXT  O N N 25  
ARG H    H N N 26  
ARG H2   H N N 27  
ARG HA   H N N 28  
ARG HB2  H N N 29  
ARG HB3  H N N 30  
ARG HG2  H N N 31  
ARG HG3  H N N 32  
ARG HD2  H N N 33  
ARG HD3  H N N 34  
ARG HE   H N N 35  
ARG HH11 H N N 36  
ARG HH12 H N N 37  
ARG HH21 H N N 38  
ARG HH22 H N N 39  
ARG HXT  H N N 40  
ASN N    N N N 41  
ASN CA   C N S 42  
ASN C    C N N 43  
ASN O    O N N 44  
ASN CB   C N N 45  
ASN CG   C N N 46  
ASN OD1  O N N 47  
ASN ND2  N N N 48  
ASN OXT  O N N 49  
ASN H    H N N 50  
ASN H2   H N N 51  
ASN HA   H N N 52  
ASN HB2  H N N 53  
ASN HB3  H N N 54  
ASN HD21 H N N 55  
ASN HD22 H N N 56  
ASN HXT  H N N 57  
ASP N    N N N 58  
ASP CA   C N S 59  
ASP C    C N N 60  
ASP O    O N N 61  
ASP CB   C N N 62  
ASP CG   C N N 63  
ASP OD1  O N N 64  
ASP OD2  O N N 65  
ASP OXT  O N N 66  
ASP H    H N N 67  
ASP H2   H N N 68  
ASP HA   H N N 69  
ASP HB2  H N N 70  
ASP HB3  H N N 71  
ASP HD2  H N N 72  
ASP HXT  H N N 73  
CYS N    N N N 74  
CYS CA   C N R 75  
CYS C    C N N 76  
CYS O    O N N 77  
CYS CB   C N N 78  
CYS SG   S N N 79  
CYS OXT  O N N 80  
CYS H    H N N 81  
CYS H2   H N N 82  
CYS HA   H N N 83  
CYS HB2  H N N 84  
CYS HB3  H N N 85  
CYS HG   H N N 86  
CYS HXT  H N N 87  
GLN N    N N N 88  
GLN CA   C N S 89  
GLN C    C N N 90  
GLN O    O N N 91  
GLN CB   C N N 92  
GLN CG   C N N 93  
GLN CD   C N N 94  
GLN OE1  O N N 95  
GLN NE2  N N N 96  
GLN OXT  O N N 97  
GLN H    H N N 98  
GLN H2   H N N 99  
GLN HA   H N N 100 
GLN HB2  H N N 101 
GLN HB3  H N N 102 
GLN HG2  H N N 103 
GLN HG3  H N N 104 
GLN HE21 H N N 105 
GLN HE22 H N N 106 
GLN HXT  H N N 107 
GLU N    N N N 108 
GLU CA   C N S 109 
GLU C    C N N 110 
GLU O    O N N 111 
GLU CB   C N N 112 
GLU CG   C N N 113 
GLU CD   C N N 114 
GLU OE1  O N N 115 
GLU OE2  O N N 116 
GLU OXT  O N N 117 
GLU H    H N N 118 
GLU H2   H N N 119 
GLU HA   H N N 120 
GLU HB2  H N N 121 
GLU HB3  H N N 122 
GLU HG2  H N N 123 
GLU HG3  H N N 124 
GLU HE2  H N N 125 
GLU HXT  H N N 126 
GLY N    N N N 127 
GLY CA   C N N 128 
GLY C    C N N 129 
GLY O    O N N 130 
GLY OXT  O N N 131 
GLY H    H N N 132 
GLY H2   H N N 133 
GLY HA2  H N N 134 
GLY HA3  H N N 135 
GLY HXT  H N N 136 
GOL C1   C N N 137 
GOL O1   O N N 138 
GOL C2   C N N 139 
GOL O2   O N N 140 
GOL C3   C N N 141 
GOL O3   O N N 142 
GOL H11  H N N 143 
GOL H12  H N N 144 
GOL HO1  H N N 145 
GOL H2   H N N 146 
GOL HO2  H N N 147 
GOL H31  H N N 148 
GOL H32  H N N 149 
GOL HO3  H N N 150 
HIS N    N N N 151 
HIS CA   C N S 152 
HIS C    C N N 153 
HIS O    O N N 154 
HIS CB   C N N 155 
HIS CG   C Y N 156 
HIS ND1  N Y N 157 
HIS CD2  C Y N 158 
HIS CE1  C Y N 159 
HIS NE2  N Y N 160 
HIS OXT  O N N 161 
HIS H    H N N 162 
HIS H2   H N N 163 
HIS HA   H N N 164 
HIS HB2  H N N 165 
HIS HB3  H N N 166 
HIS HD1  H N N 167 
HIS HD2  H N N 168 
HIS HE1  H N N 169 
HIS HE2  H N N 170 
HIS HXT  H N N 171 
HOH O    O N N 172 
HOH H1   H N N 173 
HOH H2   H N N 174 
ILE N    N N N 175 
ILE CA   C N S 176 
ILE C    C N N 177 
ILE O    O N N 178 
ILE CB   C N S 179 
ILE CG1  C N N 180 
ILE CG2  C N N 181 
ILE CD1  C N N 182 
ILE OXT  O N N 183 
ILE H    H N N 184 
ILE H2   H N N 185 
ILE HA   H N N 186 
ILE HB   H N N 187 
ILE HG12 H N N 188 
ILE HG13 H N N 189 
ILE HG21 H N N 190 
ILE HG22 H N N 191 
ILE HG23 H N N 192 
ILE HD11 H N N 193 
ILE HD12 H N N 194 
ILE HD13 H N N 195 
ILE HXT  H N N 196 
LEU N    N N N 197 
LEU CA   C N S 198 
LEU C    C N N 199 
LEU O    O N N 200 
LEU CB   C N N 201 
LEU CG   C N N 202 
LEU CD1  C N N 203 
LEU CD2  C N N 204 
LEU OXT  O N N 205 
LEU H    H N N 206 
LEU H2   H N N 207 
LEU HA   H N N 208 
LEU HB2  H N N 209 
LEU HB3  H N N 210 
LEU HG   H N N 211 
LEU HD11 H N N 212 
LEU HD12 H N N 213 
LEU HD13 H N N 214 
LEU HD21 H N N 215 
LEU HD22 H N N 216 
LEU HD23 H N N 217 
LEU HXT  H N N 218 
LYS N    N N N 219 
LYS CA   C N S 220 
LYS C    C N N 221 
LYS O    O N N 222 
LYS CB   C N N 223 
LYS CG   C N N 224 
LYS CD   C N N 225 
LYS CE   C N N 226 
LYS NZ   N N N 227 
LYS OXT  O N N 228 
LYS H    H N N 229 
LYS H2   H N N 230 
LYS HA   H N N 231 
LYS HB2  H N N 232 
LYS HB3  H N N 233 
LYS HG2  H N N 234 
LYS HG3  H N N 235 
LYS HD2  H N N 236 
LYS HD3  H N N 237 
LYS HE2  H N N 238 
LYS HE3  H N N 239 
LYS HZ1  H N N 240 
LYS HZ2  H N N 241 
LYS HZ3  H N N 242 
LYS HXT  H N N 243 
MET N    N N N 244 
MET CA   C N S 245 
MET C    C N N 246 
MET O    O N N 247 
MET CB   C N N 248 
MET CG   C N N 249 
MET SD   S N N 250 
MET CE   C N N 251 
MET OXT  O N N 252 
MET H    H N N 253 
MET H2   H N N 254 
MET HA   H N N 255 
MET HB2  H N N 256 
MET HB3  H N N 257 
MET HG2  H N N 258 
MET HG3  H N N 259 
MET HE1  H N N 260 
MET HE2  H N N 261 
MET HE3  H N N 262 
MET HXT  H N N 263 
PHE N    N N N 264 
PHE CA   C N S 265 
PHE C    C N N 266 
PHE O    O N N 267 
PHE CB   C N N 268 
PHE CG   C Y N 269 
PHE CD1  C Y N 270 
PHE CD2  C Y N 271 
PHE CE1  C Y N 272 
PHE CE2  C Y N 273 
PHE CZ   C Y N 274 
PHE OXT  O N N 275 
PHE H    H N N 276 
PHE H2   H N N 277 
PHE HA   H N N 278 
PHE HB2  H N N 279 
PHE HB3  H N N 280 
PHE HD1  H N N 281 
PHE HD2  H N N 282 
PHE HE1  H N N 283 
PHE HE2  H N N 284 
PHE HZ   H N N 285 
PHE HXT  H N N 286 
PRO N    N N N 287 
PRO CA   C N S 288 
PRO C    C N N 289 
PRO O    O N N 290 
PRO CB   C N N 291 
PRO CG   C N N 292 
PRO CD   C N N 293 
PRO OXT  O N N 294 
PRO H    H N N 295 
PRO HA   H N N 296 
PRO HB2  H N N 297 
PRO HB3  H N N 298 
PRO HG2  H N N 299 
PRO HG3  H N N 300 
PRO HD2  H N N 301 
PRO HD3  H N N 302 
PRO HXT  H N N 303 
SER N    N N N 304 
SER CA   C N S 305 
SER C    C N N 306 
SER O    O N N 307 
SER CB   C N N 308 
SER OG   O N N 309 
SER OXT  O N N 310 
SER H    H N N 311 
SER H2   H N N 312 
SER HA   H N N 313 
SER HB2  H N N 314 
SER HB3  H N N 315 
SER HG   H N N 316 
SER HXT  H N N 317 
THR N    N N N 318 
THR CA   C N S 319 
THR C    C N N 320 
THR O    O N N 321 
THR CB   C N R 322 
THR OG1  O N N 323 
THR CG2  C N N 324 
THR OXT  O N N 325 
THR H    H N N 326 
THR H2   H N N 327 
THR HA   H N N 328 
THR HB   H N N 329 
THR HG1  H N N 330 
THR HG21 H N N 331 
THR HG22 H N N 332 
THR HG23 H N N 333 
THR HXT  H N N 334 
TRP N    N N N 335 
TRP CA   C N S 336 
TRP C    C N N 337 
TRP O    O N N 338 
TRP CB   C N N 339 
TRP CG   C Y N 340 
TRP CD1  C Y N 341 
TRP CD2  C Y N 342 
TRP NE1  N Y N 343 
TRP CE2  C Y N 344 
TRP CE3  C Y N 345 
TRP CZ2  C Y N 346 
TRP CZ3  C Y N 347 
TRP CH2  C Y N 348 
TRP OXT  O N N 349 
TRP H    H N N 350 
TRP H2   H N N 351 
TRP HA   H N N 352 
TRP HB2  H N N 353 
TRP HB3  H N N 354 
TRP HD1  H N N 355 
TRP HE1  H N N 356 
TRP HE3  H N N 357 
TRP HZ2  H N N 358 
TRP HZ3  H N N 359 
TRP HH2  H N N 360 
TRP HXT  H N N 361 
TYR N    N N N 362 
TYR CA   C N S 363 
TYR C    C N N 364 
TYR O    O N N 365 
TYR CB   C N N 366 
TYR CG   C Y N 367 
TYR CD1  C Y N 368 
TYR CD2  C Y N 369 
TYR CE1  C Y N 370 
TYR CE2  C Y N 371 
TYR CZ   C Y N 372 
TYR OH   O N N 373 
TYR OXT  O N N 374 
TYR H    H N N 375 
TYR H2   H N N 376 
TYR HA   H N N 377 
TYR HB2  H N N 378 
TYR HB3  H N N 379 
TYR HD1  H N N 380 
TYR HD2  H N N 381 
TYR HE1  H N N 382 
TYR HE2  H N N 383 
TYR HH   H N N 384 
TYR HXT  H N N 385 
VAL N    N N N 386 
VAL CA   C N S 387 
VAL C    C N N 388 
VAL O    O N N 389 
VAL CB   C N N 390 
VAL CG1  C N N 391 
VAL CG2  C N N 392 
VAL OXT  O N N 393 
VAL H    H N N 394 
VAL H2   H N N 395 
VAL HA   H N N 396 
VAL HB   H N N 397 
VAL HG11 H N N 398 
VAL HG12 H N N 399 
VAL HG13 H N N 400 
VAL HG21 H N N 401 
VAL HG22 H N N 402 
VAL HG23 H N N 403 
VAL HXT  H N N 404 
# 
loop_
_chem_comp_bond.comp_id 
_chem_comp_bond.atom_id_1 
_chem_comp_bond.atom_id_2 
_chem_comp_bond.value_order 
_chem_comp_bond.pdbx_aromatic_flag 
_chem_comp_bond.pdbx_stereo_config 
_chem_comp_bond.pdbx_ordinal 
ALA N   CA   sing N N 1   
ALA N   H    sing N N 2   
ALA N   H2   sing N N 3   
ALA CA  C    sing N N 4   
ALA CA  CB   sing N N 5   
ALA CA  HA   sing N N 6   
ALA C   O    doub N N 7   
ALA C   OXT  sing N N 8   
ALA CB  HB1  sing N N 9   
ALA CB  HB2  sing N N 10  
ALA CB  HB3  sing N N 11  
ALA OXT HXT  sing N N 12  
ARG N   CA   sing N N 13  
ARG N   H    sing N N 14  
ARG N   H2   sing N N 15  
ARG CA  C    sing N N 16  
ARG CA  CB   sing N N 17  
ARG CA  HA   sing N N 18  
ARG C   O    doub N N 19  
ARG C   OXT  sing N N 20  
ARG CB  CG   sing N N 21  
ARG CB  HB2  sing N N 22  
ARG CB  HB3  sing N N 23  
ARG CG  CD   sing N N 24  
ARG CG  HG2  sing N N 25  
ARG CG  HG3  sing N N 26  
ARG CD  NE   sing N N 27  
ARG CD  HD2  sing N N 28  
ARG CD  HD3  sing N N 29  
ARG NE  CZ   sing N N 30  
ARG NE  HE   sing N N 31  
ARG CZ  NH1  sing N N 32  
ARG CZ  NH2  doub N N 33  
ARG NH1 HH11 sing N N 34  
ARG NH1 HH12 sing N N 35  
ARG NH2 HH21 sing N N 36  
ARG NH2 HH22 sing N N 37  
ARG OXT HXT  sing N N 38  
ASN N   CA   sing N N 39  
ASN N   H    sing N N 40  
ASN N   H2   sing N N 41  
ASN CA  C    sing N N 42  
ASN CA  CB   sing N N 43  
ASN CA  HA   sing N N 44  
ASN C   O    doub N N 45  
ASN C   OXT  sing N N 46  
ASN CB  CG   sing N N 47  
ASN CB  HB2  sing N N 48  
ASN CB  HB3  sing N N 49  
ASN CG  OD1  doub N N 50  
ASN CG  ND2  sing N N 51  
ASN ND2 HD21 sing N N 52  
ASN ND2 HD22 sing N N 53  
ASN OXT HXT  sing N N 54  
ASP N   CA   sing N N 55  
ASP N   H    sing N N 56  
ASP N   H2   sing N N 57  
ASP CA  C    sing N N 58  
ASP CA  CB   sing N N 59  
ASP CA  HA   sing N N 60  
ASP C   O    doub N N 61  
ASP C   OXT  sing N N 62  
ASP CB  CG   sing N N 63  
ASP CB  HB2  sing N N 64  
ASP CB  HB3  sing N N 65  
ASP CG  OD1  doub N N 66  
ASP CG  OD2  sing N N 67  
ASP OD2 HD2  sing N N 68  
ASP OXT HXT  sing N N 69  
CYS N   CA   sing N N 70  
CYS N   H    sing N N 71  
CYS N   H2   sing N N 72  
CYS CA  C    sing N N 73  
CYS CA  CB   sing N N 74  
CYS CA  HA   sing N N 75  
CYS C   O    doub N N 76  
CYS C   OXT  sing N N 77  
CYS CB  SG   sing N N 78  
CYS CB  HB2  sing N N 79  
CYS CB  HB3  sing N N 80  
CYS SG  HG   sing N N 81  
CYS OXT HXT  sing N N 82  
GLN N   CA   sing N N 83  
GLN N   H    sing N N 84  
GLN N   H2   sing N N 85  
GLN CA  C    sing N N 86  
GLN CA  CB   sing N N 87  
GLN CA  HA   sing N N 88  
GLN C   O    doub N N 89  
GLN C   OXT  sing N N 90  
GLN CB  CG   sing N N 91  
GLN CB  HB2  sing N N 92  
GLN CB  HB3  sing N N 93  
GLN CG  CD   sing N N 94  
GLN CG  HG2  sing N N 95  
GLN CG  HG3  sing N N 96  
GLN CD  OE1  doub N N 97  
GLN CD  NE2  sing N N 98  
GLN NE2 HE21 sing N N 99  
GLN NE2 HE22 sing N N 100 
GLN OXT HXT  sing N N 101 
GLU N   CA   sing N N 102 
GLU N   H    sing N N 103 
GLU N   H2   sing N N 104 
GLU CA  C    sing N N 105 
GLU CA  CB   sing N N 106 
GLU CA  HA   sing N N 107 
GLU C   O    doub N N 108 
GLU C   OXT  sing N N 109 
GLU CB  CG   sing N N 110 
GLU CB  HB2  sing N N 111 
GLU CB  HB3  sing N N 112 
GLU CG  CD   sing N N 113 
GLU CG  HG2  sing N N 114 
GLU CG  HG3  sing N N 115 
GLU CD  OE1  doub N N 116 
GLU CD  OE2  sing N N 117 
GLU OE2 HE2  sing N N 118 
GLU OXT HXT  sing N N 119 
GLY N   CA   sing N N 120 
GLY N   H    sing N N 121 
GLY N   H2   sing N N 122 
GLY CA  C    sing N N 123 
GLY CA  HA2  sing N N 124 
GLY CA  HA3  sing N N 125 
GLY C   O    doub N N 126 
GLY C   OXT  sing N N 127 
GLY OXT HXT  sing N N 128 
GOL C1  O1   sing N N 129 
GOL C1  C2   sing N N 130 
GOL C1  H11  sing N N 131 
GOL C1  H12  sing N N 132 
GOL O1  HO1  sing N N 133 
GOL C2  O2   sing N N 134 
GOL C2  C3   sing N N 135 
GOL C2  H2   sing N N 136 
GOL O2  HO2  sing N N 137 
GOL C3  O3   sing N N 138 
GOL C3  H31  sing N N 139 
GOL C3  H32  sing N N 140 
GOL O3  HO3  sing N N 141 
HIS N   CA   sing N N 142 
HIS N   H    sing N N 143 
HIS N   H2   sing N N 144 
HIS CA  C    sing N N 145 
HIS CA  CB   sing N N 146 
HIS CA  HA   sing N N 147 
HIS C   O    doub N N 148 
HIS C   OXT  sing N N 149 
HIS CB  CG   sing N N 150 
HIS CB  HB2  sing N N 151 
HIS CB  HB3  sing N N 152 
HIS CG  ND1  sing Y N 153 
HIS CG  CD2  doub Y N 154 
HIS ND1 CE1  doub Y N 155 
HIS ND1 HD1  sing N N 156 
HIS CD2 NE2  sing Y N 157 
HIS CD2 HD2  sing N N 158 
HIS CE1 NE2  sing Y N 159 
HIS CE1 HE1  sing N N 160 
HIS NE2 HE2  sing N N 161 
HIS OXT HXT  sing N N 162 
HOH O   H1   sing N N 163 
HOH O   H2   sing N N 164 
ILE N   CA   sing N N 165 
ILE N   H    sing N N 166 
ILE N   H2   sing N N 167 
ILE CA  C    sing N N 168 
ILE CA  CB   sing N N 169 
ILE CA  HA   sing N N 170 
ILE C   O    doub N N 171 
ILE C   OXT  sing N N 172 
ILE CB  CG1  sing N N 173 
ILE CB  CG2  sing N N 174 
ILE CB  HB   sing N N 175 
ILE CG1 CD1  sing N N 176 
ILE CG1 HG12 sing N N 177 
ILE CG1 HG13 sing N N 178 
ILE CG2 HG21 sing N N 179 
ILE CG2 HG22 sing N N 180 
ILE CG2 HG23 sing N N 181 
ILE CD1 HD11 sing N N 182 
ILE CD1 HD12 sing N N 183 
ILE CD1 HD13 sing N N 184 
ILE OXT HXT  sing N N 185 
LEU N   CA   sing N N 186 
LEU N   H    sing N N 187 
LEU N   H2   sing N N 188 
LEU CA  C    sing N N 189 
LEU CA  CB   sing N N 190 
LEU CA  HA   sing N N 191 
LEU C   O    doub N N 192 
LEU C   OXT  sing N N 193 
LEU CB  CG   sing N N 194 
LEU CB  HB2  sing N N 195 
LEU CB  HB3  sing N N 196 
LEU CG  CD1  sing N N 197 
LEU CG  CD2  sing N N 198 
LEU CG  HG   sing N N 199 
LEU CD1 HD11 sing N N 200 
LEU CD1 HD12 sing N N 201 
LEU CD1 HD13 sing N N 202 
LEU CD2 HD21 sing N N 203 
LEU CD2 HD22 sing N N 204 
LEU CD2 HD23 sing N N 205 
LEU OXT HXT  sing N N 206 
LYS N   CA   sing N N 207 
LYS N   H    sing N N 208 
LYS N   H2   sing N N 209 
LYS CA  C    sing N N 210 
LYS CA  CB   sing N N 211 
LYS CA  HA   sing N N 212 
LYS C   O    doub N N 213 
LYS C   OXT  sing N N 214 
LYS CB  CG   sing N N 215 
LYS CB  HB2  sing N N 216 
LYS CB  HB3  sing N N 217 
LYS CG  CD   sing N N 218 
LYS CG  HG2  sing N N 219 
LYS CG  HG3  sing N N 220 
LYS CD  CE   sing N N 221 
LYS CD  HD2  sing N N 222 
LYS CD  HD3  sing N N 223 
LYS CE  NZ   sing N N 224 
LYS CE  HE2  sing N N 225 
LYS CE  HE3  sing N N 226 
LYS NZ  HZ1  sing N N 227 
LYS NZ  HZ2  sing N N 228 
LYS NZ  HZ3  sing N N 229 
LYS OXT HXT  sing N N 230 
MET N   CA   sing N N 231 
MET N   H    sing N N 232 
MET N   H2   sing N N 233 
MET CA  C    sing N N 234 
MET CA  CB   sing N N 235 
MET CA  HA   sing N N 236 
MET C   O    doub N N 237 
MET C   OXT  sing N N 238 
MET CB  CG   sing N N 239 
MET CB  HB2  sing N N 240 
MET CB  HB3  sing N N 241 
MET CG  SD   sing N N 242 
MET CG  HG2  sing N N 243 
MET CG  HG3  sing N N 244 
MET SD  CE   sing N N 245 
MET CE  HE1  sing N N 246 
MET CE  HE2  sing N N 247 
MET CE  HE3  sing N N 248 
MET OXT HXT  sing N N 249 
PHE N   CA   sing N N 250 
PHE N   H    sing N N 251 
PHE N   H2   sing N N 252 
PHE CA  C    sing N N 253 
PHE CA  CB   sing N N 254 
PHE CA  HA   sing N N 255 
PHE C   O    doub N N 256 
PHE C   OXT  sing N N 257 
PHE CB  CG   sing N N 258 
PHE CB  HB2  sing N N 259 
PHE CB  HB3  sing N N 260 
PHE CG  CD1  doub Y N 261 
PHE CG  CD2  sing Y N 262 
PHE CD1 CE1  sing Y N 263 
PHE CD1 HD1  sing N N 264 
PHE CD2 CE2  doub Y N 265 
PHE CD2 HD2  sing N N 266 
PHE CE1 CZ   doub Y N 267 
PHE CE1 HE1  sing N N 268 
PHE CE2 CZ   sing Y N 269 
PHE CE2 HE2  sing N N 270 
PHE CZ  HZ   sing N N 271 
PHE OXT HXT  sing N N 272 
PRO N   CA   sing N N 273 
PRO N   CD   sing N N 274 
PRO N   H    sing N N 275 
PRO CA  C    sing N N 276 
PRO CA  CB   sing N N 277 
PRO CA  HA   sing N N 278 
PRO C   O    doub N N 279 
PRO C   OXT  sing N N 280 
PRO CB  CG   sing N N 281 
PRO CB  HB2  sing N N 282 
PRO CB  HB3  sing N N 283 
PRO CG  CD   sing N N 284 
PRO CG  HG2  sing N N 285 
PRO CG  HG3  sing N N 286 
PRO CD  HD2  sing N N 287 
PRO CD  HD3  sing N N 288 
PRO OXT HXT  sing N N 289 
SER N   CA   sing N N 290 
SER N   H    sing N N 291 
SER N   H2   sing N N 292 
SER CA  C    sing N N 293 
SER CA  CB   sing N N 294 
SER CA  HA   sing N N 295 
SER C   O    doub N N 296 
SER C   OXT  sing N N 297 
SER CB  OG   sing N N 298 
SER CB  HB2  sing N N 299 
SER CB  HB3  sing N N 300 
SER OG  HG   sing N N 301 
SER OXT HXT  sing N N 302 
THR N   CA   sing N N 303 
THR N   H    sing N N 304 
THR N   H2   sing N N 305 
THR CA  C    sing N N 306 
THR CA  CB   sing N N 307 
THR CA  HA   sing N N 308 
THR C   O    doub N N 309 
THR C   OXT  sing N N 310 
THR CB  OG1  sing N N 311 
THR CB  CG2  sing N N 312 
THR CB  HB   sing N N 313 
THR OG1 HG1  sing N N 314 
THR CG2 HG21 sing N N 315 
THR CG2 HG22 sing N N 316 
THR CG2 HG23 sing N N 317 
THR OXT HXT  sing N N 318 
TRP N   CA   sing N N 319 
TRP N   H    sing N N 320 
TRP N   H2   sing N N 321 
TRP CA  C    sing N N 322 
TRP CA  CB   sing N N 323 
TRP CA  HA   sing N N 324 
TRP C   O    doub N N 325 
TRP C   OXT  sing N N 326 
TRP CB  CG   sing N N 327 
TRP CB  HB2  sing N N 328 
TRP CB  HB3  sing N N 329 
TRP CG  CD1  doub Y N 330 
TRP CG  CD2  sing Y N 331 
TRP CD1 NE1  sing Y N 332 
TRP CD1 HD1  sing N N 333 
TRP CD2 CE2  doub Y N 334 
TRP CD2 CE3  sing Y N 335 
TRP NE1 CE2  sing Y N 336 
TRP NE1 HE1  sing N N 337 
TRP CE2 CZ2  sing Y N 338 
TRP CE3 CZ3  doub Y N 339 
TRP CE3 HE3  sing N N 340 
TRP CZ2 CH2  doub Y N 341 
TRP CZ2 HZ2  sing N N 342 
TRP CZ3 CH2  sing Y N 343 
TRP CZ3 HZ3  sing N N 344 
TRP CH2 HH2  sing N N 345 
TRP OXT HXT  sing N N 346 
TYR N   CA   sing N N 347 
TYR N   H    sing N N 348 
TYR N   H2   sing N N 349 
TYR CA  C    sing N N 350 
TYR CA  CB   sing N N 351 
TYR CA  HA   sing N N 352 
TYR C   O    doub N N 353 
TYR C   OXT  sing N N 354 
TYR CB  CG   sing N N 355 
TYR CB  HB2  sing N N 356 
TYR CB  HB3  sing N N 357 
TYR CG  CD1  doub Y N 358 
TYR CG  CD2  sing Y N 359 
TYR CD1 CE1  sing Y N 360 
TYR CD1 HD1  sing N N 361 
TYR CD2 CE2  doub Y N 362 
TYR CD2 HD2  sing N N 363 
TYR CE1 CZ   doub Y N 364 
TYR CE1 HE1  sing N N 365 
TYR CE2 CZ   sing Y N 366 
TYR CE2 HE2  sing N N 367 
TYR CZ  OH   sing N N 368 
TYR OH  HH   sing N N 369 
TYR OXT HXT  sing N N 370 
VAL N   CA   sing N N 371 
VAL N   H    sing N N 372 
VAL N   H2   sing N N 373 
VAL CA  C    sing N N 374 
VAL CA  CB   sing N N 375 
VAL CA  HA   sing N N 376 
VAL C   O    doub N N 377 
VAL C   OXT  sing N N 378 
VAL CB  CG1  sing N N 379 
VAL CB  CG2  sing N N 380 
VAL CB  HB   sing N N 381 
VAL CG1 HG11 sing N N 382 
VAL CG1 HG12 sing N N 383 
VAL CG1 HG13 sing N N 384 
VAL CG2 HG21 sing N N 385 
VAL CG2 HG22 sing N N 386 
VAL CG2 HG23 sing N N 387 
VAL OXT HXT  sing N N 388 
# 
loop_
_pdbx_audit_support.funding_organization 
_pdbx_audit_support.country 
_pdbx_audit_support.grant_number 
_pdbx_audit_support.ordinal 
'Karolinska Institutet'                                               Sweden ?            1 
'Center for Biosciences'                                              Sweden ?            2 
'Swedish Research Council'                                            Sweden 2012-5093    3 
'Gustafsson Foundation for Research in Natural Sciences and Medicine' Sweden ?            4 
'Sven and Ebba-Christina Hagberg foundation'                          Sweden ?            5 
'European Molecular Biology Organization'                             ?      ?            6 
'European Union'                                                      ?      'ERC 260759' 7 
# 
_pdbx_initial_refinement_model.id               1 
_pdbx_initial_refinement_model.entity_id_list   ? 
_pdbx_initial_refinement_model.type             'experimental model' 
_pdbx_initial_refinement_model.source_name      PDB 
_pdbx_initial_refinement_model.accession_code   1KZK 
_pdbx_initial_refinement_model.details          ? 
# 
_atom_sites.entry_id                    5I05 
_atom_sites.fract_transf_matrix[1][1]   0.00839409 
_atom_sites.fract_transf_matrix[1][2]   0.00005400 
_atom_sites.fract_transf_matrix[1][3]   0.01129538 
_atom_sites.fract_transf_matrix[2][1]   -0.01128715 
_atom_sites.fract_transf_matrix[2][2]   -0.00050122 
_atom_sites.fract_transf_matrix[2][3]   0.00839037 
_atom_sites.fract_transf_matrix[3][1]   0.00021195 
_atom_sites.fract_transf_matrix[3][2]   -0.00686059 
_atom_sites.fract_transf_matrix[3][3]   -0.00012471 
_atom_sites.fract_transf_vector[1]      -0.150050 
_atom_sites.fract_transf_vector[2]      -0.158749 
_atom_sites.fract_transf_vector[3]      -0.156113 
# 
loop_
_atom_type.symbol 
C 
N 
O 
S 
# 
loop_
_atom_site.group_PDB 
_atom_site.id 
_atom_site.type_symbol 
_atom_site.label_atom_id 
_atom_site.label_alt_id 
_atom_site.label_comp_id 
_atom_site.label_asym_id 
_atom_site.label_entity_id 
_atom_site.label_seq_id 
_atom_site.pdbx_PDB_ins_code 
_atom_site.Cartn_x 
_atom_site.Cartn_y 
_atom_site.Cartn_z 
_atom_site.occupancy 
_atom_site.B_iso_or_equiv 
_atom_site.pdbx_formal_charge 
_atom_site.auth_seq_id 
_atom_site.auth_comp_id 
_atom_site.auth_asym_id 
_atom_site.auth_atom_id 
_atom_site.pdbx_PDB_model_num 
ATOM   1   N N   . ALA A 1 4   ? 14.244  -16.883 -1.239  1.00 113.77 ? 4    ALA A N   1 
ATOM   2   C CA  . ALA A 1 4   ? 13.638  -17.153 0.055   1.00 111.01 ? 4    ALA A CA  1 
ATOM   3   C C   . ALA A 1 4   ? 13.040  -15.871 0.623   1.00 113.62 ? 4    ALA A C   1 
ATOM   4   O O   . ALA A 1 4   ? 13.686  -14.827 0.631   1.00 127.02 ? 4    ALA A O   1 
ATOM   5   C CB  . ALA A 1 4   ? 14.665  -17.738 1.007   1.00 103.80 ? 4    ALA A CB  1 
ATOM   6   N N   . GLY A 1 5   ? 11.798  -15.957 1.092   1.00 96.96  ? 5    GLY A N   1 
ATOM   7   C CA  . GLY A 1 5   ? 11.122  -14.775 1.600   1.00 92.81  ? 5    GLY A CA  1 
ATOM   8   C C   . GLY A 1 5   ? 11.077  -13.636 0.606   1.00 85.26  ? 5    GLY A C   1 
ATOM   9   O O   . GLY A 1 5   ? 11.172  -12.469 1.001   1.00 76.96  ? 5    GLY A O   1 
ATOM   10  N N   . SER A 1 6   ? 10.943  -13.949 -0.685  1.00 98.76  ? 6    SER A N   1 
ATOM   11  C CA  . SER A 1 6   ? 10.862  -12.953 -1.741  1.00 90.80  ? 6    SER A CA  1 
ATOM   12  C C   . SER A 1 6   ? 9.426   -12.651 -2.146  1.00 77.55  ? 6    SER A C   1 
ATOM   13  O O   . SER A 1 6   ? 9.200   -12.024 -3.185  1.00 65.51  ? 6    SER A O   1 
ATOM   14  C CB  . SER A 1 6   ? 11.644  -13.433 -2.964  1.00 96.19  ? 6    SER A CB  1 
ATOM   15  O OG  . SER A 1 6   ? 11.589  -12.482 -4.010  1.00 99.09  ? 6    SER A OG  1 
ATOM   16  N N   . HIS A 1 7   ? 8.454   -13.097 -1.365  1.00 54.03  ? 7    HIS A N   1 
ATOM   17  C CA  . HIS A 1 7   ? 7.058   -12.956 -1.736  1.00 52.75  ? 7    HIS A CA  1 
ATOM   18  C C   . HIS A 1 7   ? 6.443   -11.691 -1.131  1.00 40.22  ? 7    HIS A C   1 
ATOM   19  O O   . HIS A 1 7   ? 7.102   -10.895 -0.461  1.00 33.84  ? 7    HIS A O   1 
ATOM   20  C CB  . HIS A 1 7   ? 6.302   -14.213 -1.324  1.00 61.14  ? 7    HIS A CB  1 
ATOM   21  C CG  . HIS A 1 7   ? 6.579   -15.388 -2.210  1.00 70.03  ? 7    HIS A CG  1 
ATOM   22  N ND1 . HIS A 1 7   ? 7.461   -16.388 -1.863  1.00 73.87  ? 7    HIS A ND1 1 
ATOM   23  C CD2 . HIS A 1 7   ? 6.117   -15.707 -3.444  1.00 66.36  ? 7    HIS A CD2 1 
ATOM   24  C CE1 . HIS A 1 7   ? 7.510   -17.286 -2.831  1.00 54.83  ? 7    HIS A CE1 1 
ATOM   25  N NE2 . HIS A 1 7   ? 6.704   -16.897 -3.800  1.00 78.91  ? 7    HIS A NE2 1 
ATOM   26  N N   . CYS A 1 8   ? 5.145   -11.534 -1.363  1.00 38.36  ? 8    CYS A N   1 
ATOM   27  C CA  . CYS A 1 8   ? 4.426   -10.298 -1.084  1.00 47.51  ? 8    CYS A CA  1 
ATOM   28  C C   . CYS A 1 8   ? 4.366   -10.039 0.415   1.00 47.80  ? 8    CYS A C   1 
ATOM   29  O O   . CYS A 1 8   ? 3.809   -10.840 1.171   1.00 39.58  ? 8    CYS A O   1 
ATOM   30  C CB  . CYS A 1 8   ? 3.020   -10.397 -1.676  1.00 35.82  ? 8    CYS A CB  1 
ATOM   31  S SG  . CYS A 1 8   ? 1.982   -8.953  -1.467  1.00 38.30  ? 8    CYS A SG  1 
ATOM   32  N N   . GLN A 1 9   ? 4.931   -8.912  0.846   1.00 28.55  ? 9    GLN A N   1 
ATOM   33  C CA  . GLN A 1 9   ? 4.977   -8.601  2.264   1.00 29.46  ? 9    GLN A CA  1 
ATOM   34  C C   . GLN A 1 9   ? 5.007   -7.095  2.470   1.00 29.07  ? 9    GLN A C   1 
ATOM   35  O O   . GLN A 1 9   ? 5.346   -6.322  1.568   1.00 29.02  ? 9    GLN A O   1 
ATOM   36  C CB  . GLN A 1 9   ? 6.198   -9.233  2.930   1.00 33.11  ? 9    GLN A CB  1 
ATOM   37  C CG  . GLN A 1 9   ? 7.516   -8.773  2.330   1.00 50.02  ? 9    GLN A CG  1 
ATOM   38  C CD  . GLN A 1 9   ? 8.683   -9.626  2.776   1.00 67.26  ? 9    GLN A CD  1 
ATOM   39  O OE1 . GLN A 1 9   ? 8.951   -9.746  3.967   1.00 63.33  ? 9    GLN A OE1 1 
ATOM   40  N NE2 . GLN A 1 9   ? 9.378   -10.235 1.819   1.00 67.71  ? 9    GLN A NE2 1 
ATOM   41  N N   . LYS A 1 10  ? 4.667   -6.701  3.695   1.00 29.37  ? 10   LYS A N   1 
ATOM   42  C CA  . LYS A 1 10  ? 4.727   -5.307  4.105   1.00 42.17  ? 10   LYS A CA  1 
ATOM   43  C C   . LYS A 1 10  ? 6.160   -4.930  4.463   1.00 37.13  ? 10   LYS A C   1 
ATOM   44  O O   . LYS A 1 10  ? 6.835   -5.649  5.206   1.00 35.21  ? 10   LYS A O   1 
ATOM   45  C CB  . LYS A 1 10  ? 3.794   -5.089  5.294   1.00 38.19  ? 10   LYS A CB  1 
ATOM   46  C CG  . LYS A 1 10  ? 3.735   -3.657  5.786   1.00 39.49  ? 10   LYS A CG  1 
ATOM   47  C CD  . LYS A 1 10  ? 2.575   -3.446  6.758   1.00 36.14  ? 10   LYS A CD  1 
ATOM   48  C CE  . LYS A 1 10  ? 2.955   -3.718  8.204   1.00 56.27  ? 10   LYS A CE  1 
ATOM   49  N NZ  . LYS A 1 10  ? 2.043   -2.993  9.145   1.00 72.72  ? 10   LYS A NZ  1 
ATOM   50  N N   . THR A 1 11  ? 6.631   -3.807  3.925   1.00 29.37  ? 11   THR A N   1 
ATOM   51  C CA  . THR A 1 11  ? 7.948   -3.284  4.241   1.00 32.20  ? 11   THR A CA  1 
ATOM   52  C C   . THR A 1 11  ? 7.809   -1.808  4.592   1.00 43.84  ? 11   THR A C   1 
ATOM   53  O O   . THR A 1 11  ? 6.750   -1.203  4.412   1.00 29.38  ? 11   THR A O   1 
ATOM   54  C CB  . THR A 1 11  ? 8.928   -3.492  3.073   1.00 48.95  ? 11   THR A CB  1 
ATOM   55  O OG1 . THR A 1 11  ? 8.497   -2.740  1.935   1.00 44.69  ? 11   THR A OG1 1 
ATOM   56  C CG2 . THR A 1 11  ? 8.987   -4.963  2.691   1.00 58.07  ? 11   THR A CG2 1 
ATOM   57  N N   . SER A 1 12  ? 8.880   -1.238  5.135   1.00 34.79  ? 12   SER A N   1 
ATOM   58  C CA  . SER A 1 12  ? 8.842   0.145   5.586   1.00 36.80  ? 12   SER A CA  1 
ATOM   59  C C   . SER A 1 12  ? 8.801   1.110   4.409   1.00 35.97  ? 12   SER A C   1 
ATOM   60  O O   . SER A 1 12  ? 9.429   0.883   3.372   1.00 37.71  ? 12   SER A O   1 
ATOM   61  C CB  . SER A 1 12  ? 10.061  0.444   6.460   1.00 41.49  ? 12   SER A CB  1 
ATOM   62  O OG  . SER A 1 12  ? 10.161  1.830   6.742   1.00 69.69  ? 12   SER A OG  1 
ATOM   63  N N   . LEU A 1 13  ? 8.053   2.201   4.575   1.00 33.51  ? 13   LEU A N   1 
ATOM   64  C CA  . LEU A 1 13  ? 8.099   3.321   3.635   1.00 31.40  ? 13   LEU A CA  1 
ATOM   65  C C   . LEU A 1 13  ? 7.824   4.596   4.422   1.00 32.69  ? 13   LEU A C   1 
ATOM   66  O O   . LEU A 1 13  ? 6.681   4.841   4.826   1.00 35.08  ? 13   LEU A O   1 
ATOM   67  C CB  . LEU A 1 13  ? 7.090   3.167   2.505   1.00 30.26  ? 13   LEU A CB  1 
ATOM   68  C CG  . LEU A 1 13  ? 7.107   4.346   1.512   1.00 33.89  ? 13   LEU A CG  1 
ATOM   69  C CD1 . LEU A 1 13  ? 8.468   4.499   0.839   1.00 39.81  ? 13   LEU A CD1 1 
ATOM   70  C CD2 . LEU A 1 13  ? 6.016   4.195   0.477   1.00 35.99  ? 13   LEU A CD2 1 
ATOM   71  N N   . ARG A 1 14  ? 8.861   5.406   4.617   1.00 33.36  ? 14   ARG A N   1 
ATOM   72  C CA  . ARG A 1 14  ? 8.751   6.685   5.312   1.00 34.00  ? 14   ARG A CA  1 
ATOM   73  C C   . ARG A 1 14  ? 8.422   7.771   4.297   1.00 34.03  ? 14   ARG A C   1 
ATOM   74  O O   . ARG A 1 14  ? 9.176   7.970   3.339   1.00 44.00  ? 14   ARG A O   1 
ATOM   75  C CB  . ARG A 1 14  ? 10.059  7.022   6.030   1.00 43.97  ? 14   ARG A CB  1 
ATOM   76  C CG  . ARG A 1 14  ? 10.374  6.167   7.237   1.00 74.14  ? 14   ARG A CG  1 
ATOM   77  C CD  . ARG A 1 14  ? 9.501   6.539   8.425   1.00 88.69  ? 14   ARG A CD  1 
ATOM   78  N NE  . ARG A 1 14  ? 9.694   7.926   8.846   1.00 86.09  ? 14   ARG A NE  1 
ATOM   79  C CZ  . ARG A 1 14  ? 9.034   8.502   9.847   1.00 89.72  ? 14   ARG A CZ  1 
ATOM   80  N NH1 . ARG A 1 14  ? 8.136   7.811   10.540  1.00 82.74  ? 14   ARG A NH1 1 
ATOM   81  N NH2 . ARG A 1 14  ? 9.269   9.770   10.158  1.00 86.77  ? 14   ARG A NH2 1 
ATOM   82  N N   . VAL A 1 15  ? 7.307   8.471   4.509   1.00 35.23  ? 15   VAL A N   1 
ATOM   83  C CA  . VAL A 1 15  ? 6.806   9.486   3.585   1.00 32.80  ? 15   VAL A CA  1 
ATOM   84  C C   . VAL A 1 15  ? 6.940   10.871  4.210   1.00 40.48  ? 15   VAL A C   1 
ATOM   85  O O   . VAL A 1 15  ? 6.428   11.119  5.310   1.00 34.16  ? 15   VAL A O   1 
ATOM   86  C CB  . VAL A 1 15  ? 5.340   9.223   3.204   1.00 33.70  ? 15   VAL A CB  1 
ATOM   87  C CG1 . VAL A 1 15  ? 4.850   10.291  2.234   1.00 33.50  ? 15   VAL A CG1 1 
ATOM   88  C CG2 . VAL A 1 15  ? 5.190   7.830   2.597   1.00 36.63  ? 15   VAL A CG2 1 
ATOM   89  N N   . ASN A 1 16  ? 7.573   11.785  3.472   1.00 39.76  ? 16   ASN A N   1 
ATOM   90  C CA  . ASN A 1 16  ? 7.684   13.193  3.844   1.00 45.19  ? 16   ASN A CA  1 
ATOM   91  C C   . ASN A 1 16  ? 6.667   13.996  3.040   1.00 37.93  ? 16   ASN A C   1 
ATOM   92  O O   . ASN A 1 16  ? 6.679   13.967  1.800   1.00 36.52  ? 16   ASN A O   1 
ATOM   93  C CB  . ASN A 1 16  ? 9.100   13.710  3.584   1.00 54.69  ? 16   ASN A CB  1 
ATOM   94  C CG  . ASN A 1 16  ? 9.261   15.170  3.939   1.00 55.69  ? 16   ASN A CG  1 
ATOM   95  O OD1 . ASN A 1 16  ? 8.662   16.044  3.309   1.00 53.65  ? 16   ASN A OD1 1 
ATOM   96  N ND2 . ASN A 1 16  ? 10.079  15.445  4.949   1.00 42.59  ? 16   ASN A ND2 1 
ATOM   97  N N   . PHE A 1 17  ? 5.794   14.715  3.741   1.00 41.18  ? 17   PHE A N   1 
ATOM   98  C CA  . PHE A 1 17  ? 4.692   15.378  3.060   1.00 46.31  ? 17   PHE A CA  1 
ATOM   99  C C   . PHE A 1 17  ? 5.167   16.521  2.177   1.00 44.61  ? 17   PHE A C   1 
ATOM   100 O O   . PHE A 1 17  ? 4.494   16.838  1.187   1.00 40.76  ? 17   PHE A O   1 
ATOM   101 C CB  . PHE A 1 17  ? 3.659   15.876  4.074   1.00 50.04  ? 17   PHE A CB  1 
ATOM   102 C CG  . PHE A 1 17  ? 2.814   14.772  4.667   1.00 48.00  ? 17   PHE A CG  1 
ATOM   103 C CD1 . PHE A 1 17  ? 1.998   13.995  3.856   1.00 56.85  ? 17   PHE A CD1 1 
ATOM   104 C CD2 . PHE A 1 17  ? 2.835   14.516  6.026   1.00 36.61  ? 17   PHE A CD2 1 
ATOM   105 C CE1 . PHE A 1 17  ? 1.224   12.976  4.390   1.00 39.51  ? 17   PHE A CE1 1 
ATOM   106 C CE2 . PHE A 1 17  ? 2.060   13.497  6.572   1.00 34.91  ? 17   PHE A CE2 1 
ATOM   107 C CZ  . PHE A 1 17  ? 1.251   12.729  5.754   1.00 33.78  ? 17   PHE A CZ  1 
ATOM   108 N N   . GLU A 1 18  ? 6.316   17.125  2.489   1.00 45.50  ? 18   GLU A N   1 
ATOM   109 C CA  . GLU A 1 18  ? 6.871   18.150  1.608   1.00 53.73  ? 18   GLU A CA  1 
ATOM   110 C C   . GLU A 1 18  ? 7.312   17.538  0.290   1.00 51.84  ? 18   GLU A C   1 
ATOM   111 O O   . GLU A 1 18  ? 7.048   18.101  -0.780  1.00 41.91  ? 18   GLU A O   1 
ATOM   112 C CB  . GLU A 1 18  ? 8.049   18.858  2.280   1.00 47.50  ? 18   GLU A CB  1 
ATOM   113 C CG  . GLU A 1 18  ? 8.586   20.056  1.479   1.00 54.23  ? 18   GLU A CG  1 
ATOM   114 C CD  . GLU A 1 18  ? 9.803   20.713  2.124   1.00 69.24  ? 18   GLU A CD  1 
ATOM   115 O OE1 . GLU A 1 18  ? 10.027  20.501  3.332   1.00 61.94  ? 18   GLU A OE1 1 
ATOM   116 O OE2 . GLU A 1 18  ? 10.539  21.442  1.422   1.00 68.09  ? 18   GLU A OE2 1 
ATOM   117 N N   . ASP A 1 19  ? 7.971   16.374  0.351   1.00 43.56  ? 19   ASP A N   1 
ATOM   118 C CA  . ASP A 1 19  ? 8.407   15.672  -0.855  1.00 49.04  ? 19   ASP A CA  1 
ATOM   119 C C   . ASP A 1 19  ? 7.264   15.449  -1.835  1.00 50.59  ? 19   ASP A C   1 
ATOM   120 O O   . ASP A 1 19  ? 7.486   15.420  -3.052  1.00 42.91  ? 19   ASP A O   1 
ATOM   121 C CB  . ASP A 1 19  ? 9.016   14.310  -0.500  1.00 54.32  ? 19   ASP A CB  1 
ATOM   122 C CG  . ASP A 1 19  ? 10.367  14.414  0.160   1.00 60.49  ? 19   ASP A CG  1 
ATOM   123 O OD1 . ASP A 1 19  ? 10.945  15.517  0.182   1.00 68.04  ? 19   ASP A OD1 1 
ATOM   124 O OD2 . ASP A 1 19  ? 10.855  13.368  0.651   1.00 53.75  ? 19   ASP A OD2 1 
ATOM   125 N N   . ILE A 1 20  ? 6.052   15.206  -1.330  1.00 45.66  ? 20   ILE A N   1 
ATOM   126 C CA  . ILE A 1 20  ? 4.911   14.893  -2.193  1.00 45.82  ? 20   ILE A CA  1 
ATOM   127 C C   . ILE A 1 20  ? 3.993   16.094  -2.387  1.00 50.16  ? 20   ILE A C   1 
ATOM   128 O O   . ILE A 1 20  ? 2.898   15.943  -2.938  1.00 39.41  ? 20   ILE A O   1 
ATOM   129 C CB  . ILE A 1 20  ? 4.110   13.690  -1.665  1.00 45.25  ? 20   ILE A CB  1 
ATOM   130 C CG1 . ILE A 1 20  ? 3.448   13.998  -0.315  1.00 38.84  ? 20   ILE A CG1 1 
ATOM   131 C CG2 . ILE A 1 20  ? 5.003   12.475  -1.546  1.00 51.08  ? 20   ILE A CG2 1 
ATOM   132 C CD1 . ILE A 1 20  ? 2.364   13.000  0.066   1.00 47.49  ? 20   ILE A CD1 1 
ATOM   133 N N   . GLY A 1 21  ? 4.407   17.278  -1.942  1.00 44.36  ? 21   GLY A N   1 
ATOM   134 C CA  . GLY A 1 21  ? 3.632   18.487  -2.147  1.00 51.54  ? 21   GLY A CA  1 
ATOM   135 C C   . GLY A 1 21  ? 2.397   18.635  -1.285  1.00 55.51  ? 21   GLY A C   1 
ATOM   136 O O   . GLY A 1 21  ? 1.542   19.471  -1.591  1.00 51.55  ? 21   GLY A O   1 
ATOM   137 N N   . TRP A 1 22  ? 2.284   17.870  -0.202  1.00 50.94  ? 22   TRP A N   1 
ATOM   138 C CA  . TRP A 1 22  ? 1.141   17.987  0.691   1.00 46.36  ? 22   TRP A CA  1 
ATOM   139 C C   . TRP A 1 22  ? 1.401   18.907  1.880   1.00 46.31  ? 22   TRP A C   1 
ATOM   140 O O   . TRP A 1 22  ? 0.456   19.242  2.605   1.00 47.02  ? 22   TRP A O   1 
ATOM   141 C CB  . TRP A 1 22  ? 0.726   16.594  1.189   1.00 47.89  ? 22   TRP A CB  1 
ATOM   142 C CG  . TRP A 1 22  ? -0.102  15.831  0.194   1.00 57.04  ? 22   TRP A CG  1 
ATOM   143 C CD1 . TRP A 1 22  ? -0.273  16.125  -1.132  1.00 56.24  ? 22   TRP A CD1 1 
ATOM   144 C CD2 . TRP A 1 22  ? -0.874  14.647  0.441   1.00 37.25  ? 22   TRP A CD2 1 
ATOM   145 N NE1 . TRP A 1 22  ? -1.105  15.197  -1.720  1.00 41.53  ? 22   TRP A NE1 1 
ATOM   146 C CE2 . TRP A 1 22  ? -1.489  14.286  -0.773  1.00 45.46  ? 22   TRP A CE2 1 
ATOM   147 C CE3 . TRP A 1 22  ? -1.117  13.867  1.576   1.00 37.72  ? 22   TRP A CE3 1 
ATOM   148 C CZ2 . TRP A 1 22  ? -2.321  13.175  -0.886  1.00 35.29  ? 22   TRP A CZ2 1 
ATOM   149 C CZ3 . TRP A 1 22  ? -1.946  12.763  1.456   1.00 42.72  ? 22   TRP A CZ3 1 
ATOM   150 C CH2 . TRP A 1 22  ? -2.536  12.433  0.234   1.00 39.90  ? 22   TRP A CH2 1 
ATOM   151 N N   . ASP A 1 23  ? 2.651   19.332  2.087   1.00 52.87  ? 23   ASP A N   1 
ATOM   152 C CA  . ASP A 1 23  ? 2.982   20.241  3.178   1.00 56.12  ? 23   ASP A CA  1 
ATOM   153 C C   . ASP A 1 23  ? 2.205   21.549  3.107   1.00 67.15  ? 23   ASP A C   1 
ATOM   154 O O   . ASP A 1 23  ? 2.139   22.274  4.105   1.00 64.36  ? 23   ASP A O   1 
ATOM   155 C CB  . ASP A 1 23  ? 4.478   20.548  3.165   1.00 65.62  ? 23   ASP A CB  1 
ATOM   156 C CG  . ASP A 1 23  ? 4.900   21.285  1.915   1.00 69.21  ? 23   ASP A CG  1 
ATOM   157 O OD1 . ASP A 1 23  ? 4.204   21.138  0.887   1.00 63.99  ? 23   ASP A OD1 1 
ATOM   158 O OD2 . ASP A 1 23  ? 5.922   22.000  1.954   1.00 79.84  ? 23   ASP A OD2 1 
ATOM   159 N N   . SER A 1 24  ? 1.631   21.882  1.952   1.00 65.15  ? 24   SER A N   1 
ATOM   160 C CA  . SER A 1 24  ? 0.812   23.086  1.870   1.00 83.41  ? 24   SER A CA  1 
ATOM   161 C C   . SER A 1 24  ? -0.402  22.994  2.788   1.00 72.83  ? 24   SER A C   1 
ATOM   162 O O   . SER A 1 24  ? -0.746  23.970  3.466   1.00 72.83  ? 24   SER A O   1 
ATOM   163 C CB  . SER A 1 24  ? 0.373   23.328  0.427   1.00 100.46 ? 24   SER A CB  1 
ATOM   164 O OG  . SER A 1 24  ? -0.129  22.141  -0.159  1.00 87.03  ? 24   SER A OG  1 
ATOM   165 N N   . TRP A 1 25  ? -1.058  21.831  2.832   1.00 56.90  ? 25   TRP A N   1 
ATOM   166 C CA  . TRP A 1 25  ? -2.277  21.661  3.616   1.00 50.99  ? 25   TRP A CA  1 
ATOM   167 C C   . TRP A 1 25  ? -2.109  20.764  4.837   1.00 67.58  ? 25   TRP A C   1 
ATOM   168 O O   . TRP A 1 25  ? -3.071  20.599  5.593   1.00 74.50  ? 25   TRP A O   1 
ATOM   169 C CB  . TRP A 1 25  ? -3.405  21.116  2.729   1.00 50.51  ? 25   TRP A CB  1 
ATOM   170 C CG  . TRP A 1 25  ? -3.337  19.655  2.456   1.00 73.31  ? 25   TRP A CG  1 
ATOM   171 C CD1 . TRP A 1 25  ? -2.506  19.018  1.583   1.00 82.53  ? 25   TRP A CD1 1 
ATOM   172 C CD2 . TRP A 1 25  ? -4.150  18.641  3.051   1.00 80.07  ? 25   TRP A CD2 1 
ATOM   173 N NE1 . TRP A 1 25  ? -2.746  17.664  1.604   1.00 82.42  ? 25   TRP A NE1 1 
ATOM   174 C CE2 . TRP A 1 25  ? -3.752  17.409  2.498   1.00 86.74  ? 25   TRP A CE2 1 
ATOM   175 C CE3 . TRP A 1 25  ? -5.173  18.653  4.002   1.00 76.52  ? 25   TRP A CE3 1 
ATOM   176 C CZ2 . TRP A 1 25  ? -4.343  16.206  2.866   1.00 89.13  ? 25   TRP A CZ2 1 
ATOM   177 C CZ3 . TRP A 1 25  ? -5.752  17.458  4.364   1.00 95.52  ? 25   TRP A CZ3 1 
ATOM   178 C CH2 . TRP A 1 25  ? -5.340  16.255  3.799   1.00 91.07  ? 25   TRP A CH2 1 
ATOM   179 N N   . ILE A 1 26  ? -0.927  20.195  5.066   1.00 68.03  ? 26   ILE A N   1 
ATOM   180 C CA  . ILE A 1 26  ? -0.667  19.347  6.229   1.00 48.47  ? 26   ILE A CA  1 
ATOM   181 C C   . ILE A 1 26  ? 0.417   20.025  7.053   1.00 54.30  ? 26   ILE A C   1 
ATOM   182 O O   . ILE A 1 26  ? 1.578   20.096  6.626   1.00 63.35  ? 26   ILE A O   1 
ATOM   183 C CB  . ILE A 1 26  ? -0.254  17.923  5.828   1.00 62.11  ? 26   ILE A CB  1 
ATOM   184 C CG1 . ILE A 1 26  ? -1.500  17.122  5.436   1.00 46.39  ? 26   ILE A CG1 1 
ATOM   185 C CG2 . ILE A 1 26  ? 0.467   17.223  6.976   1.00 63.37  ? 26   ILE A CG2 1 
ATOM   186 C CD1 . ILE A 1 26  ? -1.229  15.795  4.814   1.00 62.22  ? 26   ILE A CD1 1 
ATOM   187 N N   . ILE A 1 27  ? 0.042   20.523  8.232   1.00 49.59  ? 27   ILE A N   1 
ATOM   188 C CA  . ILE A 1 27  ? 1.003   21.175  9.118   1.00 57.30  ? 27   ILE A CA  1 
ATOM   189 C C   . ILE A 1 27  ? 1.886   20.149  9.804   1.00 59.49  ? 27   ILE A C   1 
ATOM   190 O O   . ILE A 1 27  ? 3.100   20.342  9.935   1.00 48.83  ? 27   ILE A O   1 
ATOM   191 C CB  . ILE A 1 27  ? 0.283   22.040  10.165  1.00 69.73  ? 27   ILE A CB  1 
ATOM   192 C CG1 . ILE A 1 27  ? -0.520  23.169  9.524   1.00 80.39  ? 27   ILE A CG1 1 
ATOM   193 C CG2 . ILE A 1 27  ? 1.294   22.660  11.126  1.00 76.02  ? 27   ILE A CG2 1 
ATOM   194 C CD1 . ILE A 1 27  ? -1.968  22.854  9.378   1.00 90.59  ? 27   ILE A CD1 1 
ATOM   195 N N   . ALA A 1 28  ? 1.282   19.074  10.300  1.00 45.74  ? 28   ALA A N   1 
ATOM   196 C CA  . ALA A 1 28  ? 2.007   18.063  11.039  1.00 48.93  ? 28   ALA A CA  1 
ATOM   197 C C   . ALA A 1 28  ? 1.260   16.737  10.900  1.00 42.09  ? 28   ALA A C   1 
ATOM   198 O O   . ALA A 1 28  ? 0.041   16.728  10.727  1.00 44.13  ? 28   ALA A O   1 
ATOM   199 C CB  . ALA A 1 28  ? 2.146   18.462  12.523  1.00 47.55  ? 28   ALA A CB  1 
ATOM   200 N N   . PRO A 1 29  ? 1.982   15.613  10.974  1.00 41.68  ? 29   PRO A N   1 
ATOM   201 C CA  . PRO A 1 29  ? 3.432   15.548  11.177  1.00 40.92  ? 29   PRO A CA  1 
ATOM   202 C C   . PRO A 1 29  ? 4.197   15.911  9.913   1.00 43.94  ? 29   PRO A C   1 
ATOM   203 O O   . PRO A 1 29  ? 3.581   16.139  8.872   1.00 40.96  ? 29   PRO A O   1 
ATOM   204 C CB  . PRO A 1 29  ? 3.665   14.093  11.559  1.00 39.38  ? 29   PRO A CB  1 
ATOM   205 C CG  . PRO A 1 29  ? 2.573   13.354  10.866  1.00 40.15  ? 29   PRO A CG  1 
ATOM   206 C CD  . PRO A 1 29  ? 1.382   14.272  10.849  1.00 40.98  ? 29   PRO A CD  1 
ATOM   207 N N   . LYS A 1 30  ? 5.525   15.984  10.009  1.00 45.78  ? 30   LYS A N   1 
ATOM   208 C CA  . LYS A 1 30  ? 6.339   16.243  8.830   1.00 54.98  ? 30   LYS A CA  1 
ATOM   209 C C   . LYS A 1 30  ? 6.483   14.988  7.981   1.00 48.81  ? 30   LYS A C   1 
ATOM   210 O O   . LYS A 1 30  ? 6.493   15.069  6.747   1.00 40.00  ? 30   LYS A O   1 
ATOM   211 C CB  . LYS A 1 30  ? 7.718   16.761  9.244   1.00 61.19  ? 30   LYS A CB  1 
ATOM   212 C CG  . LYS A 1 30  ? 7.701   18.074  10.020  1.00 63.98  ? 30   LYS A CG  1 
ATOM   213 C CD  . LYS A 1 30  ? 7.059   19.194  9.214   1.00 59.39  ? 30   LYS A CD  1 
ATOM   214 C CE  . LYS A 1 30  ? 7.152   20.531  9.926   1.00 85.14  ? 30   LYS A CE  1 
ATOM   215 N NZ  . LYS A 1 30  ? 6.453   21.610  9.170   1.00 73.35  ? 30   LYS A NZ  1 
ATOM   216 N N   . GLU A 1 31  ? 6.593   13.833  8.633   1.00 37.76  ? 31   GLU A N   1 
ATOM   217 C CA  . GLU A 1 31  ? 6.721   12.546  7.962   1.00 36.49  ? 31   GLU A CA  1 
ATOM   218 C C   . GLU A 1 31  ? 5.872   11.514  8.691   1.00 42.05  ? 31   GLU A C   1 
ATOM   219 O O   . GLU A 1 31  ? 5.488   11.702  9.847   1.00 36.98  ? 31   GLU A O   1 
ATOM   220 C CB  . GLU A 1 31  ? 8.178   12.076  7.929   1.00 55.74  ? 31   GLU A CB  1 
ATOM   221 C CG  . GLU A 1 31  ? 9.142   13.048  7.282   1.00 77.30  ? 31   GLU A CG  1 
ATOM   222 C CD  . GLU A 1 31  ? 10.572  12.551  7.307   1.00 83.35  ? 31   GLU A CD  1 
ATOM   223 O OE1 . GLU A 1 31  ? 10.860  11.601  8.064   1.00 81.93  ? 31   GLU A OE1 1 
ATOM   224 O OE2 . GLU A 1 31  ? 11.406  13.107  6.564   1.00 77.51  ? 31   GLU A OE2 1 
ATOM   225 N N   . TYR A 1 32  ? 5.596   10.395  8.023   1.00 36.23  ? 32   TYR A N   1 
ATOM   226 C CA  . TYR A 1 32  ? 4.906   9.303   8.692   1.00 38.27  ? 32   TYR A CA  1 
ATOM   227 C C   . TYR A 1 32  ? 5.304   7.988   8.044   1.00 37.99  ? 32   TYR A C   1 
ATOM   228 O O   . TYR A 1 32  ? 5.922   7.964   6.981   1.00 32.24  ? 32   TYR A O   1 
ATOM   229 C CB  . TYR A 1 32  ? 3.391   9.509   8.664   1.00 38.19  ? 32   TYR A CB  1 
ATOM   230 C CG  . TYR A 1 32  ? 2.682   9.048   7.410   1.00 37.20  ? 32   TYR A CG  1 
ATOM   231 C CD1 . TYR A 1 32  ? 2.756   9.777   6.236   1.00 38.14  ? 32   TYR A CD1 1 
ATOM   232 C CD2 . TYR A 1 32  ? 1.917   7.889   7.417   1.00 36.52  ? 32   TYR A CD2 1 
ATOM   233 C CE1 . TYR A 1 32  ? 2.094   9.373   5.110   1.00 32.04  ? 32   TYR A CE1 1 
ATOM   234 C CE2 . TYR A 1 32  ? 1.255   7.478   6.300   1.00 29.96  ? 32   TYR A CE2 1 
ATOM   235 C CZ  . TYR A 1 32  ? 1.342   8.228   5.145   1.00 33.05  ? 32   TYR A CZ  1 
ATOM   236 O OH  . TYR A 1 32  ? 0.680   7.828   4.019   1.00 33.21  ? 32   TYR A OH  1 
ATOM   237 N N   . GLU A 1 33  ? 4.952   6.887   8.707   1.00 31.90  ? 33   GLU A N   1 
ATOM   238 C CA  . GLU A 1 33  ? 5.235   5.542   8.200   1.00 31.24  ? 33   GLU A CA  1 
ATOM   239 C C   . GLU A 1 33  ? 4.001   5.023   7.461   1.00 30.14  ? 33   GLU A C   1 
ATOM   240 O O   . GLU A 1 33  ? 3.026   4.593   8.077   1.00 30.65  ? 33   GLU A O   1 
ATOM   241 C CB  . GLU A 1 33  ? 5.644   4.619   9.343   1.00 43.58  ? 33   GLU A CB  1 
ATOM   242 C CG  . GLU A 1 33  ? 5.887   3.180   8.929   1.00 43.47  ? 33   GLU A CG  1 
ATOM   243 C CD  . GLU A 1 33  ? 7.109   3.024   8.059   1.00 54.56  ? 33   GLU A CD  1 
ATOM   244 O OE1 . GLU A 1 33  ? 8.222   3.375   8.504   1.00 51.08  ? 33   GLU A OE1 1 
ATOM   245 O OE2 . GLU A 1 33  ? 6.944   2.563   6.915   1.00 38.80  ? 33   GLU A OE2 1 
ATOM   246 N N   . ALA A 1 34  ? 4.051   5.055   6.129   1.00 29.61  ? 34   ALA A N   1 
ATOM   247 C CA  . ALA A 1 34  ? 2.946   4.573   5.310   1.00 28.69  ? 34   ALA A CA  1 
ATOM   248 C C   . ALA A 1 34  ? 3.070   3.094   5.006   1.00 28.06  ? 34   ALA A C   1 
ATOM   249 O O   . ALA A 1 34  ? 2.076   2.453   4.646   1.00 29.81  ? 34   ALA A O   1 
ATOM   250 C CB  . ALA A 1 34  ? 2.888   5.345   3.985   1.00 28.46  ? 34   ALA A CB  1 
ATOM   251 N N   . TYR A 1 35  ? 4.264   2.561   5.214   1.00 28.55  ? 35   TYR A N   1 
ATOM   252 C CA  . TYR A 1 35  ? 4.765   1.281   4.720   1.00 28.36  ? 35   TYR A CA  1 
ATOM   253 C C   . TYR A 1 35  ? 4.567   1.098   3.217   1.00 27.66  ? 35   TYR A C   1 
ATOM   254 O O   . TYR A 1 35  ? 4.251   2.045   2.503   1.00 29.88  ? 35   TYR A O   1 
ATOM   255 C CB  . TYR A 1 35  ? 4.062   0.136   5.470   1.00 30.17  ? 35   TYR A CB  1 
ATOM   256 C CG  . TYR A 1 35  ? 4.283   0.152   6.969   1.00 32.41  ? 35   TYR A CG  1 
ATOM   257 C CD1 . TYR A 1 35  ? 5.379   -0.479  7.531   1.00 39.49  ? 35   TYR A CD1 1 
ATOM   258 C CD2 . TYR A 1 35  ? 3.398   0.804   7.817   1.00 40.78  ? 35   TYR A CD2 1 
ATOM   259 C CE1 . TYR A 1 35  ? 5.595   -0.462  8.894   1.00 41.62  ? 35   TYR A CE1 1 
ATOM   260 C CE2 . TYR A 1 35  ? 3.606   0.825   9.189   1.00 41.13  ? 35   TYR A CE2 1 
ATOM   261 C CZ  . TYR A 1 35  ? 4.707   0.192   9.718   1.00 44.52  ? 35   TYR A CZ  1 
ATOM   262 O OH  . TYR A 1 35  ? 4.927   0.204   11.079  1.00 55.91  ? 35   TYR A OH  1 
ATOM   263 N N   . GLU A 1 36  ? 4.665   -0.134  2.728   1.00 28.72  ? 36   GLU A N   1 
ATOM   264 C CA  . GLU A 1 36  ? 4.384   -0.440  1.325   1.00 28.93  ? 36   GLU A CA  1 
ATOM   265 C C   . GLU A 1 36  ? 4.346   -1.948  1.182   1.00 31.63  ? 36   GLU A C   1 
ATOM   266 O O   . GLU A 1 36  ? 4.798   -2.673  2.069   1.00 31.96  ? 36   GLU A O   1 
ATOM   267 C CB  . GLU A 1 36  ? 5.453   0.128   0.394   1.00 28.37  ? 36   GLU A CB  1 
ATOM   268 C CG  . GLU A 1 36  ? 6.844   -0.378  0.721   1.00 50.74  ? 36   GLU A CG  1 
ATOM   269 C CD  . GLU A 1 36  ? 7.871   0.040   -0.305  1.00 45.73  ? 36   GLU A CD  1 
ATOM   270 O OE1 . GLU A 1 36  ? 7.468   0.528   -1.381  1.00 52.69  ? 36   GLU A OE1 1 
ATOM   271 O OE2 . GLU A 1 36  ? 9.081   -0.130  -0.036  1.00 58.06  ? 36   GLU A OE2 1 
ATOM   272 N N   . CYS A 1 37  ? 3.828   -2.417  0.051   1.00 27.34  ? 37   CYS A N   1 
ATOM   273 C CA  . CYS A 1 37  ? 3.757   -3.850  -0.228  1.00 27.82  ? 37   CYS A CA  1 
ATOM   274 C C   . CYS A 1 37  ? 4.721   -4.183  -1.356  1.00 42.35  ? 37   CYS A C   1 
ATOM   275 O O   . CYS A 1 37  ? 4.580   -3.661  -2.468  1.00 28.97  ? 37   CYS A O   1 
ATOM   276 C CB  . CYS A 1 37  ? 2.327   -4.260  -0.582  1.00 27.66  ? 37   CYS A CB  1 
ATOM   277 S SG  . CYS A 1 37  ? 1.175   -3.964  0.774   1.00 32.39  ? 37   CYS A SG  1 
ATOM   278 N N   . LYS A 1 38  ? 5.690   -5.061  -1.073  1.00 31.54  ? 38   LYS A N   1 
ATOM   279 C CA  . LYS A 1 38  ? 6.719   -5.426  -2.036  1.00 31.07  ? 38   LYS A CA  1 
ATOM   280 C C   . LYS A 1 38  ? 6.892   -6.938  -2.072  1.00 31.71  ? 38   LYS A C   1 
ATOM   281 O O   . LYS A 1 38  ? 6.677   -7.631  -1.073  1.00 39.19  ? 38   LYS A O   1 
ATOM   282 C CB  . LYS A 1 38  ? 8.080   -4.793  -1.708  1.00 37.98  ? 38   LYS A CB  1 
ATOM   283 C CG  . LYS A 1 38  ? 8.356   -3.473  -2.400  1.00 69.65  ? 38   LYS A CG  1 
ATOM   284 C CD  . LYS A 1 38  ? 9.586   -2.786  -1.817  1.00 78.16  ? 38   LYS A CD  1 
ATOM   285 C CE  . LYS A 1 38  ? 10.807  -3.697  -1.820  1.00 80.68  ? 38   LYS A CE  1 
ATOM   286 N NZ  . LYS A 1 38  ? 12.038  -2.989  -1.357  1.00 82.42  ? 38   LYS A NZ  1 
ATOM   287 N N   . GLY A 1 39  ? 7.335   -7.429  -3.220  1.00 31.21  ? 39   GLY A N   1 
ATOM   288 C CA  . GLY A 1 39  ? 7.501   -8.848  -3.456  1.00 35.47  ? 39   GLY A CA  1 
ATOM   289 C C   . GLY A 1 39  ? 6.645   -9.319  -4.616  1.00 41.15  ? 39   GLY A C   1 
ATOM   290 O O   . GLY A 1 39  ? 5.782   -8.609  -5.130  1.00 55.57  ? 39   GLY A O   1 
ATOM   291 N N   . GLY A 1 40  ? 6.912   -10.556 -5.018  1.00 69.32  ? 40   GLY A N   1 
ATOM   292 C CA  . GLY A 1 40  ? 6.284   -11.127 -6.184  1.00 61.81  ? 40   GLY A CA  1 
ATOM   293 C C   . GLY A 1 40  ? 5.088   -11.988 -5.830  1.00 42.01  ? 40   GLY A C   1 
ATOM   294 O O   . GLY A 1 40  ? 4.899   -12.413 -4.689  1.00 37.87  ? 40   GLY A O   1 
ATOM   295 N N   . CYS A 1 41  ? 4.260   -12.198 -6.824  1.00 39.89  ? 41   CYS A N   1 
ATOM   296 C CA  . CYS A 1 41  ? 3.137   -13.120 -6.745  1.00 32.73  ? 41   CYS A CA  1 
ATOM   297 C C   . CYS A 1 41  ? 3.460   -14.222 -7.738  1.00 41.29  ? 41   CYS A C   1 
ATOM   298 O O   . CYS A 1 41  ? 3.239   -14.080 -8.942  1.00 51.50  ? 41   CYS A O   1 
ATOM   299 C CB  . CYS A 1 41  ? 1.824   -12.426 -7.055  1.00 37.59  ? 41   CYS A CB  1 
ATOM   300 S SG  . CYS A 1 41  ? 1.547   -11.086 -5.910  1.00 36.69  ? 41   CYS A SG  1 
ATOM   301 N N   . PHE A 1 42  ? 4.047   -15.290 -7.228  1.00 33.12  ? 42   PHE A N   1 
ATOM   302 C CA  . PHE A 1 42  ? 4.401   -16.420 -8.064  1.00 39.59  ? 42   PHE A CA  1 
ATOM   303 C C   . PHE A 1 42  ? 4.325   -17.669 -7.212  1.00 35.99  ? 42   PHE A C   1 
ATOM   304 O O   . PHE A 1 42  ? 4.403   -17.611 -5.981  1.00 39.43  ? 42   PHE A O   1 
ATOM   305 C CB  . PHE A 1 42  ? 5.790   -16.245 -8.682  1.00 41.96  ? 42   PHE A CB  1 
ATOM   306 C CG  . PHE A 1 42  ? 6.876   -16.059 -7.668  1.00 52.34  ? 42   PHE A CG  1 
ATOM   307 C CD1 . PHE A 1 42  ? 7.511   -17.153 -7.112  1.00 67.06  ? 42   PHE A CD1 1 
ATOM   308 C CD2 . PHE A 1 42  ? 7.255   -14.790 -7.262  1.00 49.99  ? 42   PHE A CD2 1 
ATOM   309 C CE1 . PHE A 1 42  ? 8.514   -16.989 -6.179  1.00 74.85  ? 42   PHE A CE1 1 
ATOM   310 C CE2 . PHE A 1 42  ? 8.253   -14.616 -6.323  1.00 67.06  ? 42   PHE A CE2 1 
ATOM   311 C CZ  . PHE A 1 42  ? 8.884   -15.718 -5.780  1.00 77.99  ? 42   PHE A CZ  1 
ATOM   312 N N   . PHE A 1 43  ? 4.160   -18.802 -7.880  1.00 36.17  ? 43   PHE A N   1 
ATOM   313 C CA  . PHE A 1 43  ? 4.046   -20.060 -7.174  1.00 38.23  ? 43   PHE A CA  1 
ATOM   314 C C   . PHE A 1 43  ? 5.426   -20.590 -6.812  1.00 45.42  ? 43   PHE A C   1 
ATOM   315 O O   . PHE A 1 43  ? 6.375   -20.427 -7.576  1.00 42.54  ? 43   PHE A O   1 
ATOM   316 C CB  . PHE A 1 43  ? 3.285   -21.083 -8.014  1.00 34.28  ? 43   PHE A CB  1 
ATOM   317 C CG  . PHE A 1 43  ? 1.866   -20.677 -8.300  1.00 32.11  ? 43   PHE A CG  1 
ATOM   318 C CD1 . PHE A 1 43  ? 0.931   -20.618 -7.276  1.00 46.79  ? 43   PHE A CD1 1 
ATOM   319 C CD2 . PHE A 1 43  ? 1.477   -20.329 -9.579  1.00 32.33  ? 43   PHE A CD2 1 
ATOM   320 C CE1 . PHE A 1 43  ? -0.375  -20.222 -7.534  1.00 33.26  ? 43   PHE A CE1 1 
ATOM   321 C CE2 . PHE A 1 43  ? 0.173   -19.942 -9.849  1.00 39.33  ? 43   PHE A CE2 1 
ATOM   322 C CZ  . PHE A 1 43  ? -0.753  -19.885 -8.827  1.00 32.26  ? 43   PHE A CZ  1 
ATOM   323 N N   . PRO A 1 44  ? 5.539   -21.235 -5.645  1.00 36.59  ? 44   PRO A N   1 
ATOM   324 C CA  . PRO A 1 44  ? 4.467   -21.473 -4.673  1.00 45.84  ? 44   PRO A CA  1 
ATOM   325 C C   . PRO A 1 44  ? 4.179   -20.237 -3.816  1.00 66.62  ? 44   PRO A C   1 
ATOM   326 O O   . PRO A 1 44  ? 5.107   -19.526 -3.424  1.00 46.49  ? 44   PRO A O   1 
ATOM   327 C CB  . PRO A 1 44  ? 5.023   -22.607 -3.823  1.00 41.40  ? 44   PRO A CB  1 
ATOM   328 C CG  . PRO A 1 44  ? 6.491   -22.359 -3.828  1.00 56.73  ? 44   PRO A CG  1 
ATOM   329 C CD  . PRO A 1 44  ? 6.820   -21.787 -5.182  1.00 40.04  ? 44   PRO A CD  1 
ATOM   330 N N   . LEU A 1 45  ? 2.912   -19.991 -3.523  1.00 48.45  ? 45   LEU A N   1 
ATOM   331 C CA  . LEU A 1 45  ? 2.532   -18.778 -2.818  1.00 64.41  ? 45   LEU A CA  1 
ATOM   332 C C   . LEU A 1 45  ? 2.820   -18.915 -1.330  1.00 78.01  ? 45   LEU A C   1 
ATOM   333 O O   . LEU A 1 45  ? 2.858   -20.020 -0.782  1.00 70.23  ? 45   LEU A O   1 
ATOM   334 C CB  . LEU A 1 45  ? 1.051   -18.473 -3.043  1.00 59.85  ? 45   LEU A CB  1 
ATOM   335 C CG  . LEU A 1 45  ? 0.673   -18.040 -4.465  1.00 54.00  ? 45   LEU A CG  1 
ATOM   336 C CD1 . LEU A 1 45  ? -0.823  -18.025 -4.632  1.00 62.03  ? 45   LEU A CD1 1 
ATOM   337 C CD2 . LEU A 1 45  ? 1.251   -16.664 -4.786  1.00 57.37  ? 45   LEU A CD2 1 
ATOM   338 N N   . ALA A 1 46  ? 3.057   -17.778 -0.681  1.00 110.56 ? 46   ALA A N   1 
ATOM   339 C CA  . ALA A 1 46  ? 3.162   -17.763 0.768   1.00 108.08 ? 46   ALA A CA  1 
ATOM   340 C C   . ALA A 1 46  ? 1.791   -18.011 1.387   1.00 116.09 ? 46   ALA A C   1 
ATOM   341 O O   . ALA A 1 46  ? 0.750   -17.744 0.778   1.00 122.85 ? 46   ALA A O   1 
ATOM   342 C CB  . ALA A 1 46  ? 3.740   -16.432 1.253   1.00 105.56 ? 46   ALA A CB  1 
ATOM   343 N N   . ASP A 1 47  ? 1.796   -18.534 2.613   1.00 112.45 ? 47   ASP A N   1 
ATOM   344 C CA  . ASP A 1 47  ? 0.545   -18.962 3.229   1.00 111.01 ? 47   ASP A CA  1 
ATOM   345 C C   . ASP A 1 47  ? -0.398  -17.786 3.463   1.00 118.14 ? 47   ASP A C   1 
ATOM   346 O O   . ASP A 1 47  ? -1.606  -17.890 3.218   1.00 114.63 ? 47   ASP A O   1 
ATOM   347 C CB  . ASP A 1 47  ? 0.836   -19.684 4.542   1.00 102.55 ? 47   ASP A CB  1 
ATOM   348 C CG  . ASP A 1 47  ? -0.427  -20.020 5.302   1.00 102.05 ? 47   ASP A CG  1 
ATOM   349 O OD1 . ASP A 1 47  ? -0.888  -19.166 6.086   1.00 109.12 ? 47   ASP A OD1 1 
ATOM   350 O OD2 . ASP A 1 47  ? -0.966  -21.129 5.102   1.00 95.70  ? 47   ASP A OD2 1 
ATOM   351 N N   . ASP A 1 48  ? 0.132   -16.658 3.934   1.00 107.19 ? 48   ASP A N   1 
ATOM   352 C CA  . ASP A 1 48  ? -0.685  -15.534 4.369   1.00 113.51 ? 48   ASP A CA  1 
ATOM   353 C C   . ASP A 1 48  ? -0.961  -14.524 3.257   1.00 109.68 ? 48   ASP A C   1 
ATOM   354 O O   . ASP A 1 48  ? -1.357  -13.391 3.555   1.00 120.10 ? 48   ASP A O   1 
ATOM   355 C CB  . ASP A 1 48  ? -0.016  -14.826 5.551   1.00 112.40 ? 48   ASP A CB  1 
ATOM   356 C CG  . ASP A 1 48  ? 1.432   -14.464 5.272   1.00 124.25 ? 48   ASP A CG  1 
ATOM   357 O OD1 . ASP A 1 48  ? 2.182   -15.335 4.780   1.00 130.39 ? 48   ASP A OD1 1 
ATOM   358 O OD2 . ASP A 1 48  ? 1.815   -13.305 5.539   1.00 127.53 ? 48   ASP A OD2 1 
ATOM   359 N N   . VAL A 1 49  ? -0.766  -14.898 1.990   1.00 114.18 ? 49   VAL A N   1 
ATOM   360 C CA  . VAL A 1 49  ? -1.037  -13.958 0.905   1.00 108.94 ? 49   VAL A CA  1 
ATOM   361 C C   . VAL A 1 49  ? -2.532  -13.729 0.715   1.00 95.17  ? 49   VAL A C   1 
ATOM   362 O O   . VAL A 1 49  ? -2.927  -12.770 0.041   1.00 63.36  ? 49   VAL A O   1 
ATOM   363 C CB  . VAL A 1 49  ? -0.429  -14.438 -0.427  1.00 99.40  ? 49   VAL A CB  1 
ATOM   364 C CG1 . VAL A 1 49  ? -0.580  -13.366 -1.493  1.00 80.94  ? 49   VAL A CG1 1 
ATOM   365 C CG2 . VAL A 1 49  ? 1.029   -14.792 -0.267  1.00 108.02 ? 49   VAL A CG2 1 
ATOM   366 N N   . THR A 1 50  ? -3.374  -14.596 1.270   1.00 76.71  ? 50   THR A N   1 
ATOM   367 C CA  . THR A 1 50  ? -4.822  -14.505 1.126   1.00 71.77  ? 50   THR A CA  1 
ATOM   368 C C   . THR A 1 50  ? -5.208  -14.259 -0.336  1.00 61.76  ? 50   THR A C   1 
ATOM   369 O O   . THR A 1 50  ? -6.025  -13.383 -0.626  1.00 59.84  ? 50   THR A O   1 
ATOM   370 C CB  . THR A 1 50  ? -5.391  -13.407 2.013   1.00 78.96  ? 50   THR A CB  1 
ATOM   371 O OG1 . THR A 1 50  ? -5.201  -12.129 1.385   1.00 67.17  ? 50   THR A OG1 1 
ATOM   372 C CG2 . THR A 1 50  ? -4.712  -13.411 3.378   1.00 79.96  ? 50   THR A CG2 1 
ATOM   373 N N   . PRO A 1 51  ? -4.632  -15.004 -1.273  1.00 49.98  ? 51   PRO A N   1 
ATOM   374 C CA  . PRO A 1 51  ? -4.860  -14.680 -2.678  1.00 42.44  ? 51   PRO A CA  1 
ATOM   375 C C   . PRO A 1 51  ? -6.290  -14.987 -3.077  1.00 31.93  ? 51   PRO A C   1 
ATOM   376 O O   . PRO A 1 51  ? -6.876  -15.993 -2.669  1.00 33.38  ? 51   PRO A O   1 
ATOM   377 C CB  . PRO A 1 51  ? -3.862  -15.576 -3.417  1.00 47.99  ? 51   PRO A CB  1 
ATOM   378 C CG  . PRO A 1 51  ? -3.748  -16.747 -2.551  1.00 41.98  ? 51   PRO A CG  1 
ATOM   379 C CD  . PRO A 1 51  ? -3.849  -16.243 -1.134  1.00 44.69  ? 51   PRO A CD  1 
ATOM   380 N N   . THR A 1 52  ? -6.852  -14.091 -3.866  1.00 31.81  ? 52   THR A N   1 
ATOM   381 C CA  . THR A 1 52  ? -8.129  -14.350 -4.489  1.00 35.77  ? 52   THR A CA  1 
ATOM   382 C C   . THR A 1 52  ? -7.966  -15.415 -5.566  1.00 34.74  ? 52   THR A C   1 
ATOM   383 O O   . THR A 1 52  ? -6.862  -15.664 -6.071  1.00 27.70  ? 52   THR A O   1 
ATOM   384 C CB  . THR A 1 52  ? -8.670  -13.075 -5.119  1.00 28.12  ? 52   THR A CB  1 
ATOM   385 O OG1 . THR A 1 52  ? -7.762  -12.660 -6.142  1.00 30.53  ? 52   THR A OG1 1 
ATOM   386 C CG2 . THR A 1 52  ? -8.816  -11.973 -4.067  1.00 30.72  ? 52   THR A CG2 1 
ATOM   387 N N   . LYS A 1 53  ? -9.084  -16.043 -5.929  1.00 30.18  ? 53   LYS A N   1 
ATOM   388 C CA  . LYS A 1 53  ? -9.060  -17.004 -7.025  1.00 26.31  ? 53   LYS A CA  1 
ATOM   389 C C   . LYS A 1 53  ? -8.608  -16.343 -8.319  1.00 25.28  ? 53   LYS A C   1 
ATOM   390 O O   . LYS A 1 53  ? -7.866  -16.943 -9.105  1.00 25.36  ? 53   LYS A O   1 
ATOM   391 C CB  . LYS A 1 53  ? -10.441 -17.642 -7.212  1.00 27.30  ? 53   LYS A CB  1 
ATOM   392 C CG  . LYS A 1 53  ? -10.907 -18.480 -6.028  1.00 31.37  ? 53   LYS A CG  1 
ATOM   393 C CD  . LYS A 1 53  ? -12.062 -19.400 -6.406  1.00 47.33  ? 53   LYS A CD  1 
ATOM   394 C CE  . LYS A 1 53  ? -12.717 -20.013 -5.169  1.00 62.13  ? 53   LYS A CE  1 
ATOM   395 N NZ  . LYS A 1 53  ? -13.453 -19.016 -4.335  1.00 42.04  ? 53   LYS A NZ  1 
ATOM   396 N N   . HIS A 1 54  ? -9.035  -15.102 -8.558  1.00 23.54  ? 54   HIS A N   1 
ATOM   397 C CA  . HIS A 1 54  ? -8.619  -14.434 -9.787  1.00 22.74  ? 54   HIS A CA  1 
ATOM   398 C C   . HIS A 1 54  ? -7.105  -14.234 -9.831  1.00 22.59  ? 54   HIS A C   1 
ATOM   399 O O   . HIS A 1 54  ? -6.488  -14.410 -10.881 1.00 25.36  ? 54   HIS A O   1 
ATOM   400 C CB  . HIS A 1 54  ? -9.331  -13.094 -9.957  1.00 24.97  ? 54   HIS A CB  1 
ATOM   401 C CG  . HIS A 1 54  ? -9.173  -12.535 -11.333 1.00 21.60  ? 54   HIS A CG  1 
ATOM   402 N ND1 . HIS A 1 54  ? -8.041  -11.860 -11.733 1.00 21.21  ? 54   HIS A ND1 1 
ATOM   403 C CD2 . HIS A 1 54  ? -9.958  -12.634 -12.430 1.00 24.31  ? 54   HIS A CD2 1 
ATOM   404 C CE1 . HIS A 1 54  ? -8.151  -11.537 -13.007 1.00 20.92  ? 54   HIS A CE1 1 
ATOM   405 N NE2 . HIS A 1 54  ? -9.310  -11.986 -13.451 1.00 21.61  ? 54   HIS A NE2 1 
ATOM   406 N N   . ALA A 1 55  ? -6.488  -13.866 -8.709  1.00 22.76  ? 55   ALA A N   1 
ATOM   407 C CA  . ALA A 1 55  ? -5.034  -13.705 -8.692  1.00 25.86  ? 55   ALA A CA  1 
ATOM   408 C C   . ALA A 1 55  ? -4.323  -15.016 -9.017  1.00 28.00  ? 55   ALA A C   1 
ATOM   409 O O   . ALA A 1 55  ? -3.295  -15.030 -9.710  1.00 23.77  ? 55   ALA A O   1 
ATOM   410 C CB  . ALA A 1 55  ? -4.579  -13.185 -7.334  1.00 23.07  ? 55   ALA A CB  1 
ATOM   411 N N   . ILE A 1 56  ? -4.843  -16.127 -8.505  1.00 29.92  ? 56   ILE A N   1 
ATOM   412 C CA  . ILE A 1 56  ? -4.252  -17.427 -8.802  1.00 25.36  ? 56   ILE A CA  1 
ATOM   413 C C   . ILE A 1 56  ? -4.395  -17.737 -10.286 1.00 25.12  ? 56   ILE A C   1 
ATOM   414 O O   . ILE A 1 56  ? -3.436  -18.137 -10.969 1.00 25.57  ? 56   ILE A O   1 
ATOM   415 C CB  . ILE A 1 56  ? -4.918  -18.501 -7.917  1.00 26.37  ? 56   ILE A CB  1 
ATOM   416 C CG1 . ILE A 1 56  ? -4.572  -18.218 -6.448  1.00 31.31  ? 56   ILE A CG1 1 
ATOM   417 C CG2 . ILE A 1 56  ? -4.474  -19.884 -8.325  1.00 31.21  ? 56   ILE A CG2 1 
ATOM   418 C CD1 . ILE A 1 56  ? -5.452  -18.928 -5.454  1.00 40.17  ? 56   ILE A CD1 1 
ATOM   419 N N   . VAL A 1 57  ? -5.604  -17.554 -10.812 1.00 24.54  ? 57   VAL A N   1 
ATOM   420 C CA  . VAL A 1 57  ? -5.843  -17.819 -12.227 1.00 24.33  ? 57   VAL A CA  1 
ATOM   421 C C   . VAL A 1 57  ? -4.929  -16.963 -13.091 1.00 27.56  ? 57   VAL A C   1 
ATOM   422 O O   . VAL A 1 57  ? -4.322  -17.440 -14.054 1.00 24.17  ? 57   VAL A O   1 
ATOM   423 C CB  . VAL A 1 57  ? -7.321  -17.576 -12.574 1.00 27.22  ? 57   VAL A CB  1 
ATOM   424 C CG1 . VAL A 1 57  ? -7.527  -17.670 -14.074 1.00 29.17  ? 57   VAL A CG1 1 
ATOM   425 C CG2 . VAL A 1 57  ? -8.197  -18.586 -11.846 1.00 33.89  ? 57   VAL A CG2 1 
ATOM   426 N N   . GLN A 1 58  ? -4.842  -15.673 -12.782 1.00 24.85  ? 58   GLN A N   1 
ATOM   427 C CA  . GLN A 1 58  ? -4.043  -14.794 -13.616 1.00 24.34  ? 58   GLN A CA  1 
ATOM   428 C C   . GLN A 1 58  ? -2.569  -15.171 -13.543 1.00 23.64  ? 58   GLN A C   1 
ATOM   429 O O   . GLN A 1 58  ? -1.865  -15.120 -14.552 1.00 25.40  ? 58   GLN A O   1 
ATOM   430 C CB  . GLN A 1 58  ? -4.266  -13.335 -13.210 1.00 23.81  ? 58   GLN A CB  1 
ATOM   431 C CG  . GLN A 1 58  ? -3.542  -12.361 -14.137 1.00 53.56  ? 58   GLN A CG  1 
ATOM   432 C CD  . GLN A 1 58  ? -4.061  -10.941 -14.032 1.00 31.93  ? 58   GLN A CD  1 
ATOM   433 O OE1 . GLN A 1 58  ? -5.215  -10.706 -13.661 1.00 30.74  ? 58   GLN A OE1 1 
ATOM   434 N NE2 . GLN A 1 58  ? -3.202  -9.979  -14.347 1.00 40.47  ? 58   GLN A NE2 1 
ATOM   435 N N   . THR A 1 59  ? -2.092  -15.572 -12.366 1.00 24.10  ? 59   THR A N   1 
ATOM   436 C CA  . THR A 1 59  ? -0.696  -15.979 -12.244 1.00 25.11  ? 59   THR A CA  1 
ATOM   437 C C   . THR A 1 59  ? -0.404  -17.194 -13.121 1.00 31.00  ? 59   THR A C   1 
ATOM   438 O O   . THR A 1 59  ? 0.633   -17.245 -13.807 1.00 26.72  ? 59   THR A O   1 
ATOM   439 C CB  . THR A 1 59  ? -0.364  -16.276 -10.785 1.00 25.73  ? 59   THR A CB  1 
ATOM   440 O OG1 . THR A 1 59  ? -0.671  -15.131 -9.981  1.00 30.61  ? 59   THR A OG1 1 
ATOM   441 C CG2 . THR A 1 59  ? 1.122   -16.631 -10.632 1.00 27.83  ? 59   THR A CG2 1 
ATOM   442 N N   . LEU A 1 60  ? -1.309  -18.182 -13.121 1.00 27.76  ? 60   LEU A N   1 
ATOM   443 C CA  . LEU A 1 60  ? -1.134  -19.338 -14.004 1.00 27.16  ? 60   LEU A CA  1 
ATOM   444 C C   . LEU A 1 60  ? -1.184  -18.943 -15.478 1.00 26.68  ? 60   LEU A C   1 
ATOM   445 O O   . LEU A 1 60  ? -0.404  -19.459 -16.298 1.00 27.59  ? 60   LEU A O   1 
ATOM   446 C CB  . LEU A 1 60  ? -2.203  -20.390 -13.708 1.00 27.51  ? 60   LEU A CB  1 
ATOM   447 C CG  . LEU A 1 60  ? -2.124  -20.944 -12.286 1.00 28.34  ? 60   LEU A CG  1 
ATOM   448 C CD1 . LEU A 1 60  ? -3.397  -21.698 -11.949 1.00 57.62  ? 60   LEU A CD1 1 
ATOM   449 C CD2 . LEU A 1 60  ? -0.917  -21.869 -12.176 1.00 30.00  ? 60   LEU A CD2 1 
ATOM   450 N N   . VAL A 1 61  ? -2.120  -18.058 -15.847 1.00 25.55  ? 61   VAL A N   1 
ATOM   451 C CA  . VAL A 1 61  ? -2.201  -17.625 -17.241 1.00 25.08  ? 61   VAL A CA  1 
ATOM   452 C C   . VAL A 1 61  ? -0.917  -16.909 -17.648 1.00 25.41  ? 61   VAL A C   1 
ATOM   453 O O   . VAL A 1 61  ? -0.409  -17.099 -18.763 1.00 28.50  ? 61   VAL A O   1 
ATOM   454 C CB  . VAL A 1 61  ? -3.435  -16.730 -17.468 1.00 29.25  ? 61   VAL A CB  1 
ATOM   455 C CG1 . VAL A 1 61  ? -3.456  -16.212 -18.899 1.00 31.63  ? 61   VAL A CG1 1 
ATOM   456 C CG2 . VAL A 1 61  ? -4.722  -17.496 -17.184 1.00 37.54  ? 61   VAL A CG2 1 
ATOM   457 N N   . HIS A 1 62  ? -0.395  -16.052 -16.767 1.00 25.57  ? 62   HIS A N   1 
ATOM   458 C CA  . HIS A 1 62  ? 0.853   -15.351 -17.046 1.00 32.41  ? 62   HIS A CA  1 
ATOM   459 C C   . HIS A 1 62  ? 1.988   -16.336 -17.272 1.00 41.83  ? 62   HIS A C   1 
ATOM   460 O O   . HIS A 1 62  ? 2.784   -16.172 -18.204 1.00 33.32  ? 62   HIS A O   1 
ATOM   461 C CB  . HIS A 1 62  ? 1.212   -14.408 -15.902 1.00 25.76  ? 62   HIS A CB  1 
ATOM   462 C CG  . HIS A 1 62  ? 2.605   -13.867 -15.997 1.00 28.73  ? 62   HIS A CG  1 
ATOM   463 N ND1 . HIS A 1 62  ? 2.941   -12.827 -16.837 1.00 29.07  ? 62   HIS A ND1 1 
ATOM   464 C CD2 . HIS A 1 62  ? 3.758   -14.251 -15.395 1.00 30.45  ? 62   HIS A CD2 1 
ATOM   465 C CE1 . HIS A 1 62  ? 4.231   -12.568 -16.723 1.00 37.13  ? 62   HIS A CE1 1 
ATOM   466 N NE2 . HIS A 1 62  ? 4.753   -13.420 -15.857 1.00 36.10  ? 62   HIS A NE2 1 
ATOM   467 N N   . LEU A 1 63  ? 2.082   -17.367 -16.428 1.00 29.47  ? 63   LEU A N   1 
ATOM   468 C CA  . LEU A 1 63  ? 3.057   -18.430 -16.676 1.00 35.47  ? 63   LEU A CA  1 
ATOM   469 C C   . LEU A 1 63  ? 2.939   -18.972 -18.093 1.00 34.24  ? 63   LEU A C   1 
ATOM   470 O O   . LEU A 1 63  ? 3.939   -19.073 -18.817 1.00 32.86  ? 63   LEU A O   1 
ATOM   471 C CB  . LEU A 1 63  ? 2.873   -19.573 -15.678 1.00 39.44  ? 63   LEU A CB  1 
ATOM   472 C CG  . LEU A 1 63  ? 3.769   -19.529 -14.450 1.00 65.98  ? 63   LEU A CG  1 
ATOM   473 C CD1 . LEU A 1 63  ? 3.467   -18.321 -13.595 1.00 70.06  ? 63   LEU A CD1 1 
ATOM   474 C CD2 . LEU A 1 63  ? 3.611   -20.807 -13.657 1.00 99.92  ? 63   LEU A CD2 1 
ATOM   475 N N   . LYS A 1 64  ? 1.722   -19.349 -18.503 1.00 35.89  ? 64   LYS A N   1 
ATOM   476 C CA  . LYS A 1 64  ? 1.550   -19.918 -19.839 1.00 35.71  ? 64   LYS A CA  1 
ATOM   477 C C   . LYS A 1 64  ? 1.850   -18.902 -20.941 1.00 41.35  ? 64   LYS A C   1 
ATOM   478 O O   . LYS A 1 64  ? 2.448   -19.253 -21.965 1.00 46.37  ? 64   LYS A O   1 
ATOM   479 C CB  . LYS A 1 64  ? 0.128   -20.465 -20.004 1.00 37.75  ? 64   LYS A CB  1 
ATOM   480 C CG  . LYS A 1 64  ? -0.127  -21.799 -19.330 1.00 58.47  ? 64   LYS A CG  1 
ATOM   481 C CD  . LYS A 1 64  ? 0.565   -22.953 -20.045 1.00 53.09  ? 64   LYS A CD  1 
ATOM   482 C CE  . LYS A 1 64  ? -0.076  -23.293 -21.384 1.00 58.52  ? 64   LYS A CE  1 
ATOM   483 N NZ  . LYS A 1 64  ? 0.645   -24.419 -22.068 1.00 57.94  ? 64   LYS A NZ  1 
ATOM   484 N N   . PHE A 1 65  ? 1.424   -17.650 -20.767 1.00 40.95  ? 65   PHE A N   1 
ATOM   485 C CA  . PHE A 1 65  ? 1.519   -16.621 -21.808 1.00 37.33  ? 65   PHE A CA  1 
ATOM   486 C C   . PHE A 1 65  ? 2.127   -15.353 -21.220 1.00 29.96  ? 65   PHE A C   1 
ATOM   487 O O   . PHE A 1 65  ? 1.452   -14.321 -21.090 1.00 37.97  ? 65   PHE A O   1 
ATOM   488 C CB  . PHE A 1 65  ? 0.148   -16.313 -22.420 1.00 46.26  ? 65   PHE A CB  1 
ATOM   489 C CG  . PHE A 1 65  ? -0.627  -17.530 -22.838 1.00 52.05  ? 65   PHE A CG  1 
ATOM   490 C CD1 . PHE A 1 65  ? -1.494  -18.146 -21.958 1.00 55.14  ? 65   PHE A CD1 1 
ATOM   491 C CD2 . PHE A 1 65  ? -0.503  -18.044 -24.116 1.00 61.17  ? 65   PHE A CD2 1 
ATOM   492 C CE1 . PHE A 1 65  ? -2.221  -19.261 -22.339 1.00 62.50  ? 65   PHE A CE1 1 
ATOM   493 C CE2 . PHE A 1 65  ? -1.227  -19.161 -24.502 1.00 57.71  ? 65   PHE A CE2 1 
ATOM   494 C CZ  . PHE A 1 65  ? -2.085  -19.768 -23.611 1.00 55.13  ? 65   PHE A CZ  1 
ATOM   495 N N   . PRO A 1 66  ? 3.419   -15.382 -20.884 1.00 33.88  ? 66   PRO A N   1 
ATOM   496 C CA  . PRO A 1 66  ? 4.001   -14.248 -20.147 1.00 39.47  ? 66   PRO A CA  1 
ATOM   497 C C   . PRO A 1 66  ? 3.992   -12.929 -20.906 1.00 59.05  ? 66   PRO A C   1 
ATOM   498 O O   . PRO A 1 66  ? 4.008   -11.872 -20.262 1.00 49.85  ? 66   PRO A O   1 
ATOM   499 C CB  . PRO A 1 66  ? 5.437   -14.713 -19.855 1.00 31.29  ? 66   PRO A CB  1 
ATOM   500 C CG  . PRO A 1 66  ? 5.698   -15.838 -20.810 1.00 36.59  ? 66   PRO A CG  1 
ATOM   501 C CD  . PRO A 1 66  ? 4.365   -16.498 -21.021 1.00 33.80  ? 66   PRO A CD  1 
ATOM   502 N N   . THR A 1 67  ? 3.990   -12.941 -22.243 1.00 44.09  ? 67   THR A N   1 
ATOM   503 C CA  . THR A 1 67  ? 4.034   -11.680 -22.984 1.00 55.93  ? 67   THR A CA  1 
ATOM   504 C C   . THR A 1 67  ? 2.653   -11.070 -23.177 1.00 46.00  ? 67   THR A C   1 
ATOM   505 O O   . THR A 1 67  ? 2.537   -9.848  -23.324 1.00 68.53  ? 67   THR A O   1 
ATOM   506 C CB  . THR A 1 67  ? 4.684   -11.879 -24.355 1.00 60.27  ? 67   THR A CB  1 
ATOM   507 O OG1 . THR A 1 67  ? 3.904   -12.808 -25.120 1.00 69.95  ? 67   THR A OG1 1 
ATOM   508 C CG2 . THR A 1 67  ? 6.106   -12.408 -24.207 1.00 51.04  ? 67   THR A CG2 1 
ATOM   509 N N   . LYS A 1 68  ? 1.605   -11.891 -23.187 1.00 41.32  ? 68   LYS A N   1 
ATOM   510 C CA  . LYS A 1 68  ? 0.252   -11.398 -23.399 1.00 46.54  ? 68   LYS A CA  1 
ATOM   511 C C   . LYS A 1 68  ? -0.463  -11.014 -22.107 1.00 49.07  ? 68   LYS A C   1 
ATOM   512 O O   . LYS A 1 68  ? -1.359  -10.165 -22.140 1.00 55.59  ? 68   LYS A O   1 
ATOM   513 C CB  . LYS A 1 68  ? -0.577  -12.455 -24.137 1.00 51.06  ? 68   LYS A CB  1 
ATOM   514 C CG  . LYS A 1 68  ? 0.069   -12.973 -25.418 1.00 70.65  ? 68   LYS A CG  1 
ATOM   515 C CD  . LYS A 1 68  ? -0.867  -13.900 -26.186 1.00 71.25  ? 68   LYS A CD  1 
ATOM   516 C CE  . LYS A 1 68  ? -0.133  -14.638 -27.298 1.00 83.95  ? 68   LYS A CE  1 
ATOM   517 N NZ  . LYS A 1 68  ? 0.694   -13.723 -28.135 1.00 76.80  ? 68   LYS A NZ  1 
ATOM   518 N N   . VAL A 1 69  ? -0.106  -11.617 -20.976 1.00 45.29  ? 69   VAL A N   1 
ATOM   519 C CA  . VAL A 1 69  ? -0.848  -11.452 -19.729 1.00 32.45  ? 69   VAL A CA  1 
ATOM   520 C C   . VAL A 1 69  ? 0.131   -11.192 -18.593 1.00 35.10  ? 69   VAL A C   1 
ATOM   521 O O   . VAL A 1 69  ? 1.060   -11.979 -18.377 1.00 34.69  ? 69   VAL A O   1 
ATOM   522 C CB  . VAL A 1 69  ? -1.710  -12.692 -19.415 1.00 35.43  ? 69   VAL A CB  1 
ATOM   523 C CG1 . VAL A 1 69  ? -2.408  -12.531 -18.062 1.00 33.51  ? 69   VAL A CG1 1 
ATOM   524 C CG2 . VAL A 1 69  ? -2.726  -12.926 -20.513 1.00 42.86  ? 69   VAL A CG2 1 
ATOM   525 N N   . GLY A 1 70  ? -0.108  -10.117 -17.836 1.00 32.26  ? 70   GLY A N   1 
ATOM   526 C CA  . GLY A 1 70  ? 0.746   -9.773  -16.718 1.00 35.32  ? 70   GLY A CA  1 
ATOM   527 C C   . GLY A 1 70  ? 0.444   -10.577 -15.459 1.00 40.80  ? 70   GLY A C   1 
ATOM   528 O O   . GLY A 1 70  ? -0.551  -11.295 -15.355 1.00 27.61  ? 70   GLY A O   1 
ATOM   529 N N   . LYS A 1 71  ? 1.344   -10.433 -14.493 1.00 34.04  ? 71   LYS A N   1 
ATOM   530 C CA  . LYS A 1 71  ? 1.278   -11.118 -13.212 1.00 36.88  ? 71   LYS A CA  1 
ATOM   531 C C   . LYS A 1 71  ? 0.219   -10.490 -12.306 1.00 32.20  ? 71   LYS A C   1 
ATOM   532 O O   . LYS A 1 71  ? -0.228  -9.358  -12.510 1.00 33.85  ? 71   LYS A O   1 
ATOM   533 C CB  . LYS A 1 71  ? 2.633   -11.056 -12.495 1.00 46.71  ? 71   LYS A CB  1 
ATOM   534 C CG  . LYS A 1 71  ? 3.853   -11.338 -13.370 1.00 50.11  ? 71   LYS A CG  1 
ATOM   535 C CD  . LYS A 1 71  ? 5.169   -11.110 -12.625 1.00 66.35  ? 71   LYS A CD  1 
ATOM   536 C CE  . LYS A 1 71  ? 6.369   -11.310 -13.547 1.00 83.96  ? 71   LYS A CE  1 
ATOM   537 N NZ  . LYS A 1 71  ? 7.662   -11.339 -12.808 1.00 87.25  ? 71   LYS A NZ  1 
ATOM   538 N N   . ALA A 1 72  ? -0.181  -11.249 -11.289 1.00 36.07  ? 72   ALA A N   1 
ATOM   539 C CA  . ALA A 1 72  ? -0.867  -10.663 -10.154 1.00 41.20  ? 72   ALA A CA  1 
ATOM   540 C C   . ALA A 1 72  ? 0.086   -9.716  -9.431  1.00 42.41  ? 72   ALA A C   1 
ATOM   541 O O   . ALA A 1 72  ? 1.311   -9.838  -9.515  1.00 33.10  ? 72   ALA A O   1 
ATOM   542 C CB  . ALA A 1 72  ? -1.367  -11.745 -9.201  1.00 37.80  ? 72   ALA A CB  1 
ATOM   543 N N   A CYS A 1 73  ? -0.493  -8.760  -8.713  0.46 38.75  ? 73   CYS A N   1 
ATOM   544 N N   B CYS A 1 73  ? -0.490  -8.762  -8.710  0.54 37.81  ? 73   CYS A N   1 
ATOM   545 C CA  A CYS A 1 73  ? 0.262   -7.655  -8.135  0.46 35.48  ? 73   CYS A CA  1 
ATOM   546 C CA  B CYS A 1 73  ? 0.268   -7.654  -8.141  0.54 35.48  ? 73   CYS A CA  1 
ATOM   547 C C   A CYS A 1 73  ? 0.167   -7.683  -6.618  0.46 31.63  ? 73   CYS A C   1 
ATOM   548 C C   B CYS A 1 73  ? 0.163   -7.660  -6.623  0.54 29.73  ? 73   CYS A C   1 
ATOM   549 O O   A CYS A 1 73  ? -0.899  -7.945  -6.054  0.46 29.56  ? 73   CYS A O   1 
ATOM   550 O O   B CYS A 1 73  ? -0.912  -7.884  -6.062  0.54 27.90  ? 73   CYS A O   1 
ATOM   551 C CB  A CYS A 1 73  ? -0.242  -6.306  -8.664  0.46 45.95  ? 73   CYS A CB  1 
ATOM   552 C CB  B CYS A 1 73  ? -0.224  -6.312  -8.702  0.54 45.50  ? 73   CYS A CB  1 
ATOM   553 S SG  A CYS A 1 73  ? 1.005   -5.000  -8.603  0.46 37.71  ? 73   CYS A SG  1 
ATOM   554 S SG  B CYS A 1 73  ? -0.096  -6.160  -10.514 0.54 60.14  ? 73   CYS A SG  1 
ATOM   555 N N   . CYS A 1 74  ? 1.291   -7.409  -5.965  1.00 53.30  ? 74   CYS A N   1 
ATOM   556 C CA  . CYS A 1 74  ? 1.352   -7.318  -4.512  1.00 27.23  ? 74   CYS A CA  1 
ATOM   557 C C   . CYS A 1 74  ? 0.916   -5.917  -4.092  1.00 29.14  ? 74   CYS A C   1 
ATOM   558 O O   . CYS A 1 74  ? 1.602   -4.942  -4.414  1.00 28.57  ? 74   CYS A O   1 
ATOM   559 C CB  . CYS A 1 74  ? 2.779   -7.618  -4.047  1.00 30.41  ? 74   CYS A CB  1 
ATOM   560 S SG  . CYS A 1 74  ? 3.071   -7.468  -2.309  1.00 36.43  ? 74   CYS A SG  1 
ATOM   561 N N   . VAL A 1 75  ? -0.212  -5.815  -3.388  1.00 26.15  ? 75   VAL A N   1 
ATOM   562 C CA  . VAL A 1 75  ? -0.817  -4.519  -3.068  1.00 27.14  ? 75   VAL A CA  1 
ATOM   563 C C   . VAL A 1 75  ? -1.328  -4.521  -1.635  1.00 30.16  ? 75   VAL A C   1 
ATOM   564 O O   . VAL A 1 75  ? -1.528  -5.578  -1.023  1.00 28.57  ? 75   VAL A O   1 
ATOM   565 C CB  . VAL A 1 75  ? -1.979  -4.171  -4.023  1.00 27.02  ? 75   VAL A CB  1 
ATOM   566 C CG1 . VAL A 1 75  ? -1.451  -3.855  -5.413  1.00 29.30  ? 75   VAL A CG1 1 
ATOM   567 C CG2 . VAL A 1 75  ? -2.976  -5.316  -4.062  1.00 31.57  ? 75   VAL A CG2 1 
ATOM   568 N N   . PRO A 1 76  ? -1.559  -3.333  -1.074  1.00 25.88  ? 76   PRO A N   1 
ATOM   569 C CA  . PRO A 1 76  ? -2.253  -3.264  0.213   1.00 24.94  ? 76   PRO A CA  1 
ATOM   570 C C   . PRO A 1 76  ? -3.674  -3.787  0.069   1.00 27.72  ? 76   PRO A C   1 
ATOM   571 O O   . PRO A 1 76  ? -4.399  -3.431  -0.867  1.00 31.03  ? 76   PRO A O   1 
ATOM   572 C CB  . PRO A 1 76  ? -2.212  -1.769  0.571   1.00 26.46  ? 76   PRO A CB  1 
ATOM   573 C CG  . PRO A 1 76  ? -1.120  -1.203  -0.263  1.00 34.75  ? 76   PRO A CG  1 
ATOM   574 C CD  . PRO A 1 76  ? -1.092  -2.011  -1.521  1.00 27.54  ? 76   PRO A CD  1 
ATOM   575 N N   . THR A 1 77  ? -4.051  -4.666  0.988   1.00 26.02  ? 77   THR A N   1 
ATOM   576 C CA  . THR A 1 77  ? -5.392  -5.220  1.056   1.00 31.47  ? 77   THR A CA  1 
ATOM   577 C C   . THR A 1 77  ? -6.166  -4.713  2.261   1.00 39.86  ? 77   THR A C   1 
ATOM   578 O O   . THR A 1 77  ? -7.381  -4.929  2.335   1.00 46.12  ? 77   THR A O   1 
ATOM   579 C CB  . THR A 1 77  ? -5.325  -6.756  1.099   1.00 27.62  ? 77   THR A CB  1 
ATOM   580 O OG1 . THR A 1 77  ? -4.491  -7.162  2.188   1.00 31.94  ? 77   THR A OG1 1 
ATOM   581 C CG2 . THR A 1 77  ? -4.748  -7.298  -0.205  1.00 28.78  ? 77   THR A CG2 1 
ATOM   582 N N   . LYS A 1 78  ? -5.495  -4.045  3.197   1.00 35.61  ? 78   LYS A N   1 
ATOM   583 C CA  . LYS A 1 78  ? -6.153  -3.357  4.294   1.00 35.03  ? 78   LYS A CA  1 
ATOM   584 C C   . LYS A 1 78  ? -5.288  -2.174  4.709   1.00 35.95  ? 78   LYS A C   1 
ATOM   585 O O   . LYS A 1 78  ? -4.062  -2.292  4.783   1.00 33.71  ? 78   LYS A O   1 
ATOM   586 C CB  . LYS A 1 78  ? -6.381  -4.284  5.484   1.00 33.92  ? 78   LYS A CB  1 
ATOM   587 C CG  . LYS A 1 78  ? -7.174  -3.642  6.605   1.00 45.83  ? 78   LYS A CG  1 
ATOM   588 C CD  . LYS A 1 78  ? -7.262  -4.575  7.792   1.00 61.45  ? 78   LYS A CD  1 
ATOM   589 C CE  . LYS A 1 78  ? -7.917  -3.903  8.985   1.00 65.32  ? 78   LYS A CE  1 
ATOM   590 N NZ  . LYS A 1 78  ? -7.853  -4.762  10.191  1.00 78.26  ? 78   LYS A NZ  1 
ATOM   591 N N   . LEU A 1 79  ? -5.934  -1.042  4.980   1.00 33.45  ? 79   LEU A N   1 
ATOM   592 C CA  . LEU A 1 79  ? -5.252  0.204   5.301   1.00 28.09  ? 79   LEU A CA  1 
ATOM   593 C C   . LEU A 1 79  ? -5.703  0.711   6.668   1.00 36.79  ? 79   LEU A C   1 
ATOM   594 O O   . LEU A 1 79  ? -6.761  0.331   7.173   1.00 36.67  ? 79   LEU A O   1 
ATOM   595 C CB  . LEU A 1 79  ? -5.525  1.269   4.229   1.00 28.08  ? 79   LEU A CB  1 
ATOM   596 C CG  . LEU A 1 79  ? -5.142  0.889   2.793   1.00 27.62  ? 79   LEU A CG  1 
ATOM   597 C CD1 . LEU A 1 79  ? -5.721  1.885   1.806   1.00 31.49  ? 79   LEU A CD1 1 
ATOM   598 C CD2 . LEU A 1 79  ? -3.641  0.821   2.657   1.00 25.47  ? 79   LEU A CD2 1 
ATOM   599 N N   . SER A 1 80  ? -4.883  1.570   7.269   1.00 30.84  ? 80   SER A N   1 
ATOM   600 C CA  . SER A 1 80  ? -5.152  2.117   8.585   1.00 29.71  ? 80   SER A CA  1 
ATOM   601 C C   . SER A 1 80  ? -5.077  3.635   8.540   1.00 30.15  ? 80   SER A C   1 
ATOM   602 O O   . SER A 1 80  ? -4.397  4.205   7.683   1.00 29.67  ? 80   SER A O   1 
ATOM   603 C CB  . SER A 1 80  ? -4.160  1.581   9.631   1.00 30.06  ? 80   SER A CB  1 
ATOM   604 O OG  . SER A 1 80  ? -4.333  0.192   9.844   1.00 36.35  ? 80   SER A OG  1 
ATOM   605 N N   . PRO A 1 81  ? -5.770  4.317   9.445   1.00 31.18  ? 81   PRO A N   1 
ATOM   606 C CA  . PRO A 1 81  ? -5.731  5.779   9.467   1.00 36.34  ? 81   PRO A CA  1 
ATOM   607 C C   . PRO A 1 81  ? -4.490  6.291   10.185  1.00 32.17  ? 81   PRO A C   1 
ATOM   608 O O   . PRO A 1 81  ? -3.793  5.569   10.896  1.00 32.77  ? 81   PRO A O   1 
ATOM   609 C CB  . PRO A 1 81  ? -7.000  6.151   10.236  1.00 47.67  ? 81   PRO A CB  1 
ATOM   610 C CG  . PRO A 1 81  ? -7.206  4.990   11.167  1.00 38.85  ? 81   PRO A CG  1 
ATOM   611 C CD  . PRO A 1 81  ? -6.720  3.773   10.438  1.00 33.23  ? 81   PRO A CD  1 
ATOM   612 N N   . ILE A 1 82  ? -4.237  7.579   9.995   1.00 33.38  ? 82   ILE A N   1 
ATOM   613 C CA  . ILE A 1 82  ? -3.336  8.335   10.848  1.00 33.63  ? 82   ILE A CA  1 
ATOM   614 C C   . ILE A 1 82  ? -4.033  9.642   11.203  1.00 35.76  ? 82   ILE A C   1 
ATOM   615 O O   . ILE A 1 82  ? -5.028  10.027  10.593  1.00 35.17  ? 82   ILE A O   1 
ATOM   616 C CB  . ILE A 1 82  ? -1.972  8.610   10.175  1.00 40.30  ? 82   ILE A CB  1 
ATOM   617 C CG1 . ILE A 1 82  ? -2.132  9.560   8.977   1.00 39.18  ? 82   ILE A CG1 1 
ATOM   618 C CG2 . ILE A 1 82  ? -1.336  7.297   9.729   1.00 36.54  ? 82   ILE A CG2 1 
ATOM   619 C CD1 . ILE A 1 82  ? -0.828  10.047  8.405   1.00 40.28  ? 82   ILE A CD1 1 
ATOM   620 N N   . SER A 1 83  ? -3.488  10.329  12.194  1.00 35.16  ? 83   SER A N   1 
ATOM   621 C CA  . SER A 1 83  ? -3.945  11.666  12.541  1.00 36.58  ? 83   SER A CA  1 
ATOM   622 C C   . SER A 1 83  ? -3.088  12.668  11.789  1.00 36.71  ? 83   SER A C   1 
ATOM   623 O O   . SER A 1 83  ? -1.872  12.488  11.667  1.00 36.26  ? 83   SER A O   1 
ATOM   624 C CB  . SER A 1 83  ? -3.852  11.927  14.049  1.00 39.23  ? 83   SER A CB  1 
ATOM   625 O OG  . SER A 1 83  ? -4.656  11.033  14.794  1.00 37.91  ? 83   SER A OG  1 
ATOM   626 N N   . VAL A 1 84  ? -3.719  13.725  11.292  1.00 40.17  ? 84   VAL A N   1 
ATOM   627 C CA  . VAL A 1 84  ? -2.988  14.823  10.676  1.00 38.60  ? 84   VAL A CA  1 
ATOM   628 C C   . VAL A 1 84  ? -3.521  16.127  11.250  1.00 43.25  ? 84   VAL A C   1 
ATOM   629 O O   . VAL A 1 84  ? -4.675  16.215  11.674  1.00 41.27  ? 84   VAL A O   1 
ATOM   630 C CB  . VAL A 1 84  ? -3.099  14.812  9.134   1.00 39.91  ? 84   VAL A CB  1 
ATOM   631 C CG1 . VAL A 1 84  ? -2.493  13.520  8.573   1.00 38.79  ? 84   VAL A CG1 1 
ATOM   632 C CG2 . VAL A 1 84  ? -4.543  14.959  8.700   1.00 41.71  ? 84   VAL A CG2 1 
ATOM   633 N N   . LEU A 1 85  ? -2.655  17.131  11.288  1.00 41.72  ? 85   LEU A N   1 
ATOM   634 C CA  . LEU A 1 85  ? -3.041  18.503  11.591  1.00 43.69  ? 85   LEU A CA  1 
ATOM   635 C C   . LEU A 1 85  ? -3.018  19.281  10.278  1.00 50.48  ? 85   LEU A C   1 
ATOM   636 O O   . LEU A 1 85  ? -1.965  19.377  9.641   1.00 51.85  ? 85   LEU A O   1 
ATOM   637 C CB  . LEU A 1 85  ? -2.085  19.123  12.608  1.00 45.86  ? 85   LEU A CB  1 
ATOM   638 C CG  . LEU A 1 85  ? -2.375  20.567  13.036  1.00 53.07  ? 85   LEU A CG  1 
ATOM   639 C CD1 . LEU A 1 85  ? -3.703  20.647  13.750  1.00 59.09  ? 85   LEU A CD1 1 
ATOM   640 C CD2 . LEU A 1 85  ? -1.255  21.104  13.917  1.00 47.80  ? 85   LEU A CD2 1 
ATOM   641 N N   . TYR A 1 86  ? -4.176  19.809  9.863   1.00 52.33  ? 86   TYR A N   1 
ATOM   642 C CA  . TYR A 1 86  ? -4.322  20.434  8.549   1.00 64.92  ? 86   TYR A CA  1 
ATOM   643 C C   . TYR A 1 86  ? -4.913  21.835  8.666   1.00 78.96  ? 86   TYR A C   1 
ATOM   644 O O   . TYR A 1 86  ? -5.613  22.164  9.626   1.00 60.43  ? 86   TYR A O   1 
ATOM   645 C CB  . TYR A 1 86  ? -5.215  19.593  7.623   1.00 63.71  ? 86   TYR A CB  1 
ATOM   646 C CG  . TYR A 1 86  ? -6.675  19.618  7.995   1.00 70.96  ? 86   TYR A CG  1 
ATOM   647 C CD1 . TYR A 1 86  ? -7.186  18.716  8.908   1.00 62.36  ? 86   TYR A CD1 1 
ATOM   648 C CD2 . TYR A 1 86  ? -7.544  20.545  7.433   1.00 65.88  ? 86   TYR A CD2 1 
ATOM   649 C CE1 . TYR A 1 86  ? -8.523  18.731  9.258   1.00 71.91  ? 86   TYR A CE1 1 
ATOM   650 C CE2 . TYR A 1 86  ? -8.882  20.566  7.776   1.00 65.05  ? 86   TYR A CE2 1 
ATOM   651 C CZ  . TYR A 1 86  ? -9.365  19.655  8.689   1.00 76.53  ? 86   TYR A CZ  1 
ATOM   652 O OH  . TYR A 1 86  ? -10.695 19.668  9.038   1.00 69.26  ? 86   TYR A OH  1 
ATOM   653 N N   . LYS A 1 87  ? -4.644  22.658  7.651   1.00 85.67  ? 87   LYS A N   1 
ATOM   654 C CA  . LYS A 1 87  ? -5.159  24.023  7.617   1.00 88.58  ? 87   LYS A CA  1 
ATOM   655 C C   . LYS A 1 87  ? -6.654  24.025  7.317   1.00 85.25  ? 87   LYS A C   1 
ATOM   656 O O   . LYS A 1 87  ? -7.089  23.484  6.295   1.00 83.82  ? 87   LYS A O   1 
ATOM   657 C CB  . LYS A 1 87  ? -4.426  24.844  6.559   1.00 96.71  ? 87   LYS A CB  1 
ATOM   658 C CG  . LYS A 1 87  ? -2.933  24.978  6.760   1.00 97.71  ? 87   LYS A CG  1 
ATOM   659 C CD  . LYS A 1 87  ? -2.329  25.855  5.678   1.00 97.05  ? 87   LYS A CD  1 
ATOM   660 C CE  . LYS A 1 87  ? -0.847  26.090  5.906   1.00 96.61  ? 87   LYS A CE  1 
ATOM   661 N NZ  . LYS A 1 87  ? -0.298  27.080  4.943   1.00 91.50  ? 87   LYS A NZ  1 
ATOM   662 N N   . ASP A 1 88  ? -7.438  24.648  8.192   1.00 96.79  ? 88   ASP A N   1 
ATOM   663 C CA  . ASP A 1 88  ? -8.833  24.915  7.879   1.00 122.68 ? 88   ASP A CA  1 
ATOM   664 C C   . ASP A 1 88  ? -8.923  25.899  6.718   1.00 141.89 ? 88   ASP A C   1 
ATOM   665 O O   . ASP A 1 88  ? -8.025  26.716  6.497   1.00 136.79 ? 88   ASP A O   1 
ATOM   666 C CB  . ASP A 1 88  ? -9.553  25.481  9.106   1.00 121.09 ? 88   ASP A CB  1 
ATOM   667 C CG  . ASP A 1 88  ? -11.038 25.686  8.875   1.00 124.71 ? 88   ASP A CG  1 
ATOM   668 O OD1 . ASP A 1 88  ? -11.474 25.682  7.704   1.00 126.69 ? 88   ASP A OD1 1 
ATOM   669 O OD2 . ASP A 1 88  ? -11.771 25.861  9.872   1.00 121.19 ? 88   ASP A OD2 1 
ATOM   670 N N   . ASP A 1 89  ? -10.023 25.815  5.965   1.00 154.02 ? 89   ASP A N   1 
ATOM   671 C CA  . ASP A 1 89  ? -10.261 26.800  4.916   1.00 152.17 ? 89   ASP A CA  1 
ATOM   672 C C   . ASP A 1 89  ? -10.303 28.216  5.473   1.00 146.34 ? 89   ASP A C   1 
ATOM   673 O O   . ASP A 1 89  ? -10.104 29.175  4.719   1.00 145.00 ? 89   ASP A O   1 
ATOM   674 C CB  . ASP A 1 89  ? -11.560 26.479  4.170   1.00 149.89 ? 89   ASP A CB  1 
ATOM   675 C CG  . ASP A 1 89  ? -12.730 26.227  5.105   1.00 154.35 ? 89   ASP A CG  1 
ATOM   676 O OD1 . ASP A 1 89  ? -12.929 27.024  6.045   1.00 153.91 ? 89   ASP A OD1 1 
ATOM   677 O OD2 . ASP A 1 89  ? -13.448 25.223  4.902   1.00 156.66 ? 89   ASP A OD2 1 
ATOM   678 N N   . MET A 1 90  ? -10.553 28.368  6.773   1.00 138.56 ? 90   MET A N   1 
ATOM   679 C CA  . MET A 1 90  ? -10.389 29.639  7.465   1.00 134.06 ? 90   MET A CA  1 
ATOM   680 C C   . MET A 1 90  ? -8.985  29.819  8.030   1.00 122.99 ? 90   MET A C   1 
ATOM   681 O O   . MET A 1 90  ? -8.732  30.812  8.718   1.00 124.36 ? 90   MET A O   1 
ATOM   682 C CB  . MET A 1 90  ? -11.419 29.758  8.594   1.00 144.33 ? 90   MET A CB  1 
ATOM   683 C CG  . MET A 1 90  ? -12.838 30.019  8.109   1.00 154.94 ? 90   MET A CG  1 
ATOM   684 S SD  . MET A 1 90  ? -14.034 30.191  9.448   1.00 157.35 ? 90   MET A SD  1 
ATOM   685 C CE  . MET A 1 90  ? -14.067 28.523  10.102  1.00 150.11 ? 90   MET A CE  1 
ATOM   686 N N   . GLY A 1 91  ? -8.072  28.885  7.759   1.00 135.30 ? 91   GLY A N   1 
ATOM   687 C CA  . GLY A 1 91  ? -6.703  28.976  8.212   1.00 128.05 ? 91   GLY A CA  1 
ATOM   688 C C   . GLY A 1 91  ? -6.415  28.286  9.529   1.00 115.46 ? 91   GLY A C   1 
ATOM   689 O O   . GLY A 1 91  ? -5.246  28.018  9.828   1.00 113.26 ? 91   GLY A O   1 
ATOM   690 N N   . VAL A 1 92  ? -7.442  27.987  10.319  1.00 104.20 ? 92   VAL A N   1 
ATOM   691 C CA  . VAL A 1 92  ? -7.271  27.415  11.654  1.00 93.75  ? 92   VAL A CA  1 
ATOM   692 C C   . VAL A 1 92  ? -6.655  26.023  11.556  1.00 82.64  ? 92   VAL A C   1 
ATOM   693 O O   . VAL A 1 92  ? -7.281  25.120  10.981  1.00 71.72  ? 92   VAL A O   1 
ATOM   694 C CB  . VAL A 1 92  ? -8.614  27.346  12.398  1.00 86.68  ? 92   VAL A CB  1 
ATOM   695 C CG1 . VAL A 1 92  ? -8.432  26.734  13.789  1.00 79.80  ? 92   VAL A CG1 1 
ATOM   696 C CG2 . VAL A 1 92  ? -9.239  28.730  12.499  1.00 99.23  ? 92   VAL A CG2 1 
ATOM   697 N N   . PRO A 1 93  ? -5.466  25.779  12.106  1.00 87.74  ? 93   PRO A N   1 
ATOM   698 C CA  . PRO A 1 93  ? -4.989  24.395  12.200  1.00 82.58  ? 93   PRO A CA  1 
ATOM   699 C C   . PRO A 1 93  ? -5.998  23.538  12.948  1.00 72.61  ? 93   PRO A C   1 
ATOM   700 O O   . PRO A 1 93  ? -6.496  23.915  14.010  1.00 64.35  ? 93   PRO A O   1 
ATOM   701 C CB  . PRO A 1 93  ? -3.661  24.521  12.960  1.00 78.42  ? 93   PRO A CB  1 
ATOM   702 C CG  . PRO A 1 93  ? -3.673  25.877  13.570  1.00 92.23  ? 93   PRO A CG  1 
ATOM   703 C CD  . PRO A 1 93  ? -4.488  26.729  12.661  1.00 91.07  ? 93   PRO A CD  1 
ATOM   704 N N   . THR A 1 94  ? -6.310  22.378  12.378  1.00 78.86  ? 94   THR A N   1 
ATOM   705 C CA  . THR A 1 94  ? -7.408  21.545  12.841  1.00 67.21  ? 94   THR A CA  1 
ATOM   706 C C   . THR A 1 94  ? -7.001  20.081  12.760  1.00 54.01  ? 94   THR A C   1 
ATOM   707 O O   . THR A 1 94  ? -6.360  19.661  11.793  1.00 55.90  ? 94   THR A O   1 
ATOM   708 C CB  . THR A 1 94  ? -8.671  21.794  11.999  1.00 67.48  ? 94   THR A CB  1 
ATOM   709 O OG1 . THR A 1 94  ? -9.063  23.169  12.112  1.00 84.76  ? 94   THR A OG1 1 
ATOM   710 C CG2 . THR A 1 94  ? -9.818  20.908  12.451  1.00 61.52  ? 94   THR A CG2 1 
ATOM   711 N N   . LEU A 1 95  ? -7.372  19.313  13.779  1.00 50.02  ? 95   LEU A N   1 
ATOM   712 C CA  . LEU A 1 95  ? -7.004  17.905  13.849  1.00 46.51  ? 95   LEU A CA  1 
ATOM   713 C C   . LEU A 1 95  ? -8.006  17.063  13.076  1.00 48.28  ? 95   LEU A C   1 
ATOM   714 O O   . LEU A 1 95  ? -9.218  17.159  13.297  1.00 65.79  ? 95   LEU A O   1 
ATOM   715 C CB  . LEU A 1 95  ? -6.933  17.422  15.302  1.00 46.84  ? 95   LEU A CB  1 
ATOM   716 C CG  . LEU A 1 95  ? -6.430  15.981  15.478  1.00 51.32  ? 95   LEU A CG  1 
ATOM   717 C CD1 . LEU A 1 95  ? -4.933  15.899  15.210  1.00 44.87  ? 95   LEU A CD1 1 
ATOM   718 C CD2 . LEU A 1 95  ? -6.762  15.431  16.866  1.00 50.10  ? 95   LEU A CD2 1 
ATOM   719 N N   . LYS A 1 96  ? -7.495  16.251  12.159  1.00 49.48  ? 96   LYS A N   1 
ATOM   720 C CA  . LYS A 1 96  ? -8.248  15.150  11.577  1.00 43.02  ? 96   LYS A CA  1 
ATOM   721 C C   . LYS A 1 96  ? -7.743  13.880  12.257  1.00 43.16  ? 96   LYS A C   1 
ATOM   722 O O   . LYS A 1 96  ? -6.612  13.435  12.012  1.00 43.98  ? 96   LYS A O   1 
ATOM   723 C CB  . LYS A 1 96  ? -8.083  15.111  10.056  1.00 46.69  ? 96   LYS A CB  1 
ATOM   724 C CG  . LYS A 1 96  ? -8.851  13.994  9.361   1.00 52.16  ? 96   LYS A CG  1 
ATOM   725 C CD  . LYS A 1 96  ? -10.345 14.064  9.619   1.00 62.15  ? 96   LYS A CD  1 
ATOM   726 C CE  . LYS A 1 96  ? -11.079 12.925  8.928   1.00 70.82  ? 96   LYS A CE  1 
ATOM   727 N NZ  . LYS A 1 96  ? -12.080 12.284  9.822   1.00 69.05  ? 96   LYS A NZ  1 
ATOM   728 N N   . TYR A 1 97  ? -8.573  13.322  13.138  1.00 43.56  ? 97   TYR A N   1 
ATOM   729 C CA  . TYR A 1 97  ? -8.097  12.305  14.066  1.00 40.60  ? 97   TYR A CA  1 
ATOM   730 C C   . TYR A 1 97  ? -7.906  10.960  13.366  1.00 38.80  ? 97   TYR A C   1 
ATOM   731 O O   . TYR A 1 97  ? -6.872  10.307  13.542  1.00 41.55  ? 97   TYR A O   1 
ATOM   732 C CB  . TYR A 1 97  ? -9.063  12.189  15.246  1.00 42.13  ? 97   TYR A CB  1 
ATOM   733 C CG  . TYR A 1 97  ? -8.572  11.269  16.340  1.00 52.03  ? 97   TYR A CG  1 
ATOM   734 C CD1 . TYR A 1 97  ? -7.357  11.500  16.980  1.00 41.76  ? 97   TYR A CD1 1 
ATOM   735 C CD2 . TYR A 1 97  ? -9.317  10.171  16.734  1.00 42.59  ? 97   TYR A CD2 1 
ATOM   736 C CE1 . TYR A 1 97  ? -6.901  10.656  17.975  1.00 41.71  ? 97   TYR A CE1 1 
ATOM   737 C CE2 . TYR A 1 97  ? -8.869  9.319   17.730  1.00 41.96  ? 97   TYR A CE2 1 
ATOM   738 C CZ  . TYR A 1 97  ? -7.663  9.570   18.350  1.00 41.82  ? 97   TYR A CZ  1 
ATOM   739 O OH  . TYR A 1 97  ? -7.211  8.718   19.334  1.00 44.02  ? 97   TYR A OH  1 
ATOM   740 N N   . HIS A 1 98  ? -8.884  10.532  12.567  1.00 41.30  ? 98   HIS A N   1 
ATOM   741 C CA  . HIS A 1 98  ? -8.762  9.325   11.739  1.00 38.49  ? 98   HIS A CA  1 
ATOM   742 C C   . HIS A 1 98  ? -8.761  9.747   10.270  1.00 38.70  ? 98   HIS A C   1 
ATOM   743 O O   . HIS A 1 98  ? -9.807  9.797   9.620   1.00 43.67  ? 98   HIS A O   1 
ATOM   744 C CB  . HIS A 1 98  ? -9.896  8.325   11.993  1.00 37.52  ? 98   HIS A CB  1 
ATOM   745 C CG  . HIS A 1 98  ? -9.981  7.836   13.407  1.00 41.23  ? 98   HIS A CG  1 
ATOM   746 N ND1 . HIS A 1 98  ? -9.007  7.053   13.983  1.00 49.22  ? 98   HIS A ND1 1 
ATOM   747 C CD2 . HIS A 1 98  ? -10.949 7.982   14.343  1.00 49.71  ? 98   HIS A CD2 1 
ATOM   748 C CE1 . HIS A 1 98  ? -9.357  6.758   15.224  1.00 54.58  ? 98   HIS A CE1 1 
ATOM   749 N NE2 . HIS A 1 98  ? -10.533 7.308   15.465  1.00 45.49  ? 98   HIS A NE2 1 
ATOM   750 N N   . TYR A 1 99  ? -7.575  10.016  9.737   1.00 35.11  ? 99   TYR A N   1 
ATOM   751 C CA  . TYR A 1 99  ? -7.430  10.294  8.309   1.00 44.79  ? 99   TYR A CA  1 
ATOM   752 C C   . TYR A 1 99  ? -7.213  8.955   7.605   1.00 45.33  ? 99   TYR A C   1 
ATOM   753 O O   . TYR A 1 99  ? -6.121  8.381   7.654   1.00 33.60  ? 99   TYR A O   1 
ATOM   754 C CB  . TYR A 1 99  ? -6.288  11.270  8.070   1.00 34.57  ? 99   TYR A CB  1 
ATOM   755 C CG  . TYR A 1 99  ? -6.329  11.927  6.715   1.00 35.64  ? 99   TYR A CG  1 
ATOM   756 C CD1 . TYR A 1 99  ? -7.465  12.601  6.288   1.00 40.29  ? 99   TYR A CD1 1 
ATOM   757 C CD2 . TYR A 1 99  ? -5.237  11.880  5.870   1.00 44.64  ? 99   TYR A CD2 1 
ATOM   758 C CE1 . TYR A 1 99  ? -7.511  13.203  5.047   1.00 52.83  ? 99   TYR A CE1 1 
ATOM   759 C CE2 . TYR A 1 99  ? -5.271  12.476  4.630   1.00 45.11  ? 99   TYR A CE2 1 
ATOM   760 C CZ  . TYR A 1 99  ? -6.413  13.135  4.223   1.00 53.20  ? 99   TYR A CZ  1 
ATOM   761 O OH  . TYR A 1 99  ? -6.450  13.736  2.988   1.00 59.51  ? 99   TYR A OH  1 
ATOM   762 N N   . GLU A 1 100 ? -8.263  8.445   6.967   1.00 35.75  ? 100  GLU A N   1 
ATOM   763 C CA  . GLU A 1 100 ? -8.329  7.027   6.628   1.00 40.47  ? 100  GLU A CA  1 
ATOM   764 C C   . GLU A 1 100 ? -7.504  6.683   5.393   1.00 39.57  ? 100  GLU A C   1 
ATOM   765 O O   . GLU A 1 100 ? -7.305  7.501   4.494   1.00 32.65  ? 100  GLU A O   1 
ATOM   766 C CB  . GLU A 1 100 ? -9.777  6.600   6.399   1.00 35.87  ? 100  GLU A CB  1 
ATOM   767 C CG  . GLU A 1 100 ? -10.705 6.851   7.594   1.00 37.98  ? 100  GLU A CG  1 
ATOM   768 C CD  . GLU A 1 100 ? -10.531 5.835   8.722   1.00 60.44  ? 100  GLU A CD  1 
ATOM   769 O OE1 . GLU A 1 100 ? -9.793  4.842   8.536   1.00 58.06  ? 100  GLU A OE1 1 
ATOM   770 O OE2 . GLU A 1 100 ? -11.132 6.029   9.802   1.00 72.64  ? 100  GLU A OE2 1 
ATOM   771 N N   . GLY A 1 101 ? -7.033  5.441   5.360   1.00 35.96  ? 101  GLY A N   1 
ATOM   772 C CA  . GLY A 1 101 ? -6.407  4.896   4.175   1.00 32.71  ? 101  GLY A CA  1 
ATOM   773 C C   . GLY A 1 101 ? -4.966  5.283   3.967   1.00 35.29  ? 101  GLY A C   1 
ATOM   774 O O   . GLY A 1 101 ? -4.469  5.161   2.844   1.00 31.25  ? 101  GLY A O   1 
ATOM   775 N N   . MET A 1 102 ? -4.260  5.690   5.023   1.00 28.36  ? 102  MET A N   1 
ATOM   776 C CA  . MET A 1 102 ? -2.933  6.273   4.868   1.00 28.44  ? 102  MET A CA  1 
ATOM   777 C C   . MET A 1 102 ? -1.784  5.287   5.066   1.00 27.94  ? 102  MET A C   1 
ATOM   778 O O   . MET A 1 102 ? -0.699  5.531   4.525   1.00 32.80  ? 102  MET A O   1 
ATOM   779 C CB  . MET A 1 102 ? -2.769  7.455   5.836   1.00 29.57  ? 102  MET A CB  1 
ATOM   780 C CG  . MET A 1 102 ? -3.601  8.665   5.429   1.00 36.55  ? 102  MET A CG  1 
ATOM   781 S SD  . MET A 1 102 ? -2.990  9.423   3.909   1.00 37.28  ? 102  MET A SD  1 
ATOM   782 C CE  . MET A 1 102 ? -1.525  10.262  4.527   1.00 31.04  ? 102  MET A CE  1 
ATOM   783 N N   . SER A 1 103 ? -1.988  4.168   5.772   1.00 29.61  ? 103  SER A N   1 
ATOM   784 C CA  . SER A 1 103 ? -0.895  3.260   6.091   1.00 29.23  ? 103  SER A CA  1 
ATOM   785 C C   . SER A 1 103 ? -1.326  1.813   5.911   1.00 28.21  ? 103  SER A C   1 
ATOM   786 O O   . SER A 1 103 ? -2.448  1.430   6.257   1.00 35.85  ? 103  SER A O   1 
ATOM   787 C CB  . SER A 1 103 ? -0.405  3.436   7.539   1.00 35.30  ? 103  SER A CB  1 
ATOM   788 O OG  . SER A 1 103 ? -1.374  2.953   8.446   1.00 75.74  ? 103  SER A OG  1 
ATOM   789 N N   . VAL A 1 104 ? -0.393  1.000   5.429   1.00 29.37  ? 104  VAL A N   1 
ATOM   790 C CA  . VAL A 1 104 ? -0.670  -0.397  5.107   1.00 27.21  ? 104  VAL A CA  1 
ATOM   791 C C   . VAL A 1 104 ? -0.804  -1.200  6.392   1.00 27.83  ? 104  VAL A C   1 
ATOM   792 O O   . VAL A 1 104 ? 0.112   -1.217  7.221   1.00 30.25  ? 104  VAL A O   1 
ATOM   793 C CB  . VAL A 1 104 ? 0.428   -0.989  4.216   1.00 29.87  ? 104  VAL A CB  1 
ATOM   794 C CG1 . VAL A 1 104 ? 0.129   -2.455  3.892   1.00 29.30  ? 104  VAL A CG1 1 
ATOM   795 C CG2 . VAL A 1 104 ? 0.564   -0.185  2.945   1.00 28.88  ? 104  VAL A CG2 1 
ATOM   796 N N   . ALA A 1 105 ? -1.941  -1.872  6.549   1.00 28.88  ? 105  ALA A N   1 
ATOM   797 C CA  . ALA A 1 105 ? -2.126  -2.866  7.600   1.00 29.65  ? 105  ALA A CA  1 
ATOM   798 C C   . ALA A 1 105 ? -1.792  -4.267  7.104   1.00 28.81  ? 105  ALA A C   1 
ATOM   799 O O   . ALA A 1 105 ? -1.163  -5.043  7.825   1.00 29.53  ? 105  ALA A O   1 
ATOM   800 C CB  . ALA A 1 105 ? -3.569  -2.834  8.112   1.00 30.89  ? 105  ALA A CB  1 
ATOM   801 N N   . GLU A 1 106 ? -2.193  -4.604  5.880   1.00 30.50  ? 106  GLU A N   1 
ATOM   802 C CA  . GLU A 1 106 ? -1.940  -5.934  5.344   1.00 33.57  ? 106  GLU A CA  1 
ATOM   803 C C   . GLU A 1 106 ? -1.710  -5.848  3.843   1.00 36.45  ? 106  GLU A C   1 
ATOM   804 O O   . GLU A 1 106 ? -2.275  -4.988  3.169   1.00 30.17  ? 106  GLU A O   1 
ATOM   805 C CB  . GLU A 1 106 ? -3.105  -6.882  5.631   1.00 34.79  ? 106  GLU A CB  1 
ATOM   806 C CG  . GLU A 1 106 ? -3.388  -7.058  7.107   1.00 48.05  ? 106  GLU A CG  1 
ATOM   807 C CD  . GLU A 1 106 ? -4.346  -8.184  7.381   1.00 70.43  ? 106  GLU A CD  1 
ATOM   808 O OE1 . GLU A 1 106 ? -4.238  -8.790  8.466   1.00 82.08  ? 106  GLU A OE1 1 
ATOM   809 O OE2 . GLU A 1 106 ? -5.194  -8.464  6.508   1.00 68.50  ? 106  GLU A OE2 1 
ATOM   810 N N   . CYS A 1 107 ? -0.891  -6.770  3.334   1.00 30.41  ? 107  CYS A N   1 
ATOM   811 C CA  . CYS A 1 107 ? -0.553  -6.892  1.923   1.00 34.58  ? 107  CYS A CA  1 
ATOM   812 C C   . CYS A 1 107 ? -1.070  -8.226  1.401   1.00 32.54  ? 107  CYS A C   1 
ATOM   813 O O   . CYS A 1 107 ? -1.227  -9.188  2.159   1.00 27.40  ? 107  CYS A O   1 
ATOM   814 C CB  . CYS A 1 107 ? 0.968   -6.826  1.692   1.00 37.53  ? 107  CYS A CB  1 
ATOM   815 S SG  . CYS A 1 107 ? 1.786   -5.295  2.179   1.00 37.79  ? 107  CYS A SG  1 
ATOM   816 N N   . GLY A 1 108 ? -1.314  -8.281  0.093   1.00 28.48  ? 108  GLY A N   1 
ATOM   817 C CA  . GLY A 1 108 ? -1.699  -9.531  -0.544  1.00 37.99  ? 108  GLY A CA  1 
ATOM   818 C C   . GLY A 1 108 ? -1.599  -9.418  -2.049  1.00 28.12  ? 108  GLY A C   1 
ATOM   819 O O   . GLY A 1 108 ? -1.456  -8.329  -2.610  1.00 27.83  ? 108  GLY A O   1 
ATOM   820 N N   . CYS A 1 109 ? -1.684  -10.571 -2.701  1.00 30.41  ? 109  CYS A N   1 
ATOM   821 C CA  . CYS A 1 109 ? -1.669  -10.645 -4.155  1.00 28.68  ? 109  CYS A CA  1 
ATOM   822 C C   . CYS A 1 109 ? -3.095  -10.520 -4.687  1.00 25.73  ? 109  CYS A C   1 
ATOM   823 O O   . CYS A 1 109 ? -4.001  -11.226 -4.226  1.00 34.78  ? 109  CYS A O   1 
ATOM   824 C CB  . CYS A 1 109 ? -1.018  -11.963 -4.594  1.00 35.58  ? 109  CYS A CB  1 
ATOM   825 S SG  . CYS A 1 109 ? 0.772   -12.007 -4.271  1.00 38.32  ? 109  CYS A SG  1 
ATOM   826 N N   . ARG A 1 110 ? -3.292  -9.614  -5.646  1.00 31.64  ? 110  ARG A N   1 
ATOM   827 C CA  . ARG A 1 110 ? -4.617  -9.354  -6.218  1.00 31.58  ? 110  ARG A CA  1 
ATOM   828 C C   . ARG A 1 110 ? -4.575  -9.279  -7.745  1.00 33.06  ? 110  ARG A C   1 
ATOM   829 O O   . ARG A 1 110 ? -5.581  -9.554  -8.406  1.00 31.44  ? 110  ARG A O   1 
ATOM   830 C CB  . ARG A 1 110 ? -5.211  -8.057  -5.634  1.00 27.77  ? 110  ARG A CB  1 
ATOM   831 C CG  . ARG A 1 110 ? -5.517  -8.119  -4.130  1.00 26.41  ? 110  ARG A CG  1 
ATOM   832 C CD  . ARG A 1 110 ? -6.601  -9.151  -3.820  1.00 27.07  ? 110  ARG A CD  1 
ATOM   833 N NE  . ARG A 1 110 ? -6.963  -9.214  -2.406  1.00 28.94  ? 110  ARG A NE  1 
ATOM   834 C CZ  . ARG A 1 110 ? -6.411  -10.034 -1.511  1.00 30.66  ? 110  ARG A CZ  1 
ATOM   835 N NH1 . ARG A 1 110 ? -5.424  -10.861 -1.849  1.00 32.66  ? 110  ARG A NH1 1 
ATOM   836 N NH2 . ARG A 1 110 ? -6.834  -10.010 -0.257  1.00 39.45  ? 110  ARG A NH2 1 
ATOM   837 O OXT . ARG A 1 110 ? -3.556  -8.960  -8.371  1.00 41.53  ? 110  ARG A OXT 1 
HETATM 838 C C1  . GOL B 2 .   ? -0.565  8.172   14.316  0.93 33.93  ? 900  GOL A C1  1 
HETATM 839 O O1  . GOL B 2 .   ? -1.657  9.052   14.456  0.93 34.54  ? 900  GOL A O1  1 
HETATM 840 C C2  . GOL B 2 .   ? -0.661  7.015   15.307  0.93 38.69  ? 900  GOL A C2  1 
HETATM 841 O O2  . GOL B 2 .   ? -0.175  5.837   14.706  0.93 67.62  ? 900  GOL A O2  1 
HETATM 842 C C3  . GOL B 2 .   ? 0.175   7.299   16.546  0.93 68.57  ? 900  GOL A C3  1 
HETATM 843 O O3  . GOL B 2 .   ? -0.608  7.888   17.544  0.93 43.17  ? 900  GOL A O3  1 
HETATM 844 C C1  . GOL C 2 .   ? 10.051  -20.404 -1.211  1.00 70.61  ? 901  GOL A C1  1 
HETATM 845 O O1  . GOL C 2 .   ? 9.678   -21.671 -1.702  1.00 74.29  ? 901  GOL A O1  1 
HETATM 846 C C2  . GOL C 2 .   ? 10.722  -19.607 -2.325  1.00 74.02  ? 901  GOL A C2  1 
HETATM 847 O O2  . GOL C 2 .   ? 9.988   -19.769 -3.522  1.00 69.61  ? 901  GOL A O2  1 
HETATM 848 C C3  . GOL C 2 .   ? 10.813  -18.125 -1.960  1.00 77.06  ? 901  GOL A C3  1 
HETATM 849 O O3  . GOL C 2 .   ? 10.429  -17.904 -0.616  1.00 82.48  ? 901  GOL A O3  1 
HETATM 850 O O   . HOH D 3 .   ? -3.826  -8.468  -10.792 1.00 40.06  ? 1001 HOH A O   1 
HETATM 851 O O   . HOH D 3 .   ? -12.864 -17.496 -2.345  1.00 59.89  ? 1002 HOH A O   1 
HETATM 852 O O   . HOH D 3 .   ? -5.691  -10.829 -10.659 1.00 30.01  ? 1003 HOH A O   1 
HETATM 853 O O   . HOH D 3 .   ? -5.990  -8.230  -13.294 1.00 25.93  ? 1004 HOH A O   1 
HETATM 854 O O   . HOH D 3 .   ? -11.683 11.519  12.318  1.00 38.84  ? 1005 HOH A O   1 
HETATM 855 O O   . HOH D 3 .   ? 3.501   18.302  6.877   1.00 55.00  ? 1006 HOH A O   1 
HETATM 856 O O   . HOH D 3 .   ? 4.264   -18.301 -10.477 1.00 56.38  ? 1007 HOH A O   1 
HETATM 857 O O   . HOH D 3 .   ? -7.941  -10.283 -7.340  1.00 27.00  ? 1008 HOH A O   1 
HETATM 858 O O   . HOH D 3 .   ? 0.835   16.849  -4.425  1.00 33.69  ? 1009 HOH A O   1 
HETATM 859 O O   . HOH D 3 .   ? 6.574   10.849  12.177  1.00 46.63  ? 1010 HOH A O   1 
HETATM 860 O O   . HOH D 3 .   ? -5.636  -1.048  -0.500  1.00 28.39  ? 1011 HOH A O   1 
HETATM 861 O O   . HOH D 3 .   ? 3.933   -9.220  -9.204  1.00 43.20  ? 1012 HOH A O   1 
HETATM 862 O O   . HOH D 3 .   ? 8.732   17.584  -4.143  1.00 38.10  ? 1013 HOH A O   1 
HETATM 863 O O   . HOH D 3 .   ? -7.942  3.477   7.045   1.00 37.73  ? 1014 HOH A O   1 
HETATM 864 O O   . HOH D 3 .   ? 10.511  8.427   0.986   1.00 67.13  ? 1015 HOH A O   1 
HETATM 865 O O   . HOH D 3 .   ? 7.893   -0.557  -3.881  1.00 52.76  ? 1016 HOH A O   1 
HETATM 866 O O   . HOH D 3 .   ? 5.143   -1.449  -4.056  1.00 44.35  ? 1017 HOH A O   1 
HETATM 867 O O   . HOH D 3 .   ? 7.298   17.482  5.587   1.00 36.92  ? 1018 HOH A O   1 
HETATM 868 O O   . HOH D 3 .   ? 2.142   21.636  -3.373  1.00 56.84  ? 1019 HOH A O   1 
HETATM 869 O O   . HOH D 3 .   ? 3.364   -15.544 -24.421 1.00 35.97  ? 1020 HOH A O   1 
HETATM 870 O O   . HOH D 3 .   ? -6.657  -4.106  -2.532  1.00 39.01  ? 1021 HOH A O   1 
HETATM 871 O O   . HOH D 3 .   ? 9.118   11.054  1.034   1.00 39.00  ? 1022 HOH A O   1 
HETATM 872 O O   . HOH D 3 .   ? 3.831   -7.247  -7.396  1.00 46.92  ? 1023 HOH A O   1 
HETATM 873 O O   . HOH D 3 .   ? -8.795  -1.001  4.342   1.00 35.93  ? 1024 HOH A O   1 
HETATM 874 O O   . HOH D 3 .   ? -1.111  3.978   11.184  1.00 61.26  ? 1025 HOH A O   1 
HETATM 875 O O   . HOH D 3 .   ? -8.983  6.370   19.416  1.00 29.45  ? 1026 HOH A O   1 
HETATM 876 O O   . HOH D 3 .   ? -9.060  -5.857  0.072   1.00 51.83  ? 1027 HOH A O   1 
HETATM 877 O O   . HOH D 3 .   ? 2.496   -2.072  -4.517  1.00 55.53  ? 1028 HOH A O   1 
HETATM 878 O O   . HOH D 3 .   ? 1.839   4.352   10.851  1.00 57.80  ? 1029 HOH A O   1 
HETATM 879 O O   . HOH D 3 .   ? 10.799  -3.038  6.636   1.00 49.69  ? 1030 HOH A O   1 
HETATM 880 O O   . HOH D 3 .   ? -12.659 8.704   9.589   1.00 61.68  ? 1031 HOH A O   1 
HETATM 881 O O   . HOH D 3 .   ? -9.311  -8.268  0.178   1.00 53.77  ? 1032 HOH A O   1 
HETATM 882 O O   . HOH D 3 .   ? 4.339   -4.088  -5.501  1.00 56.23  ? 1033 HOH A O   1 
HETATM 883 O O   . HOH D 3 .   ? 3.348   -8.705  5.608   1.00 54.51  ? 1034 HOH A O   1 
HETATM 884 O O   . HOH D 3 .   ? -11.319 14.575  13.690  1.00 37.98  ? 1035 HOH A O   1 
HETATM 885 O O   . HOH D 3 .   ? -9.036  20.413  16.112  1.00 45.98  ? 1036 HOH A O   1 
HETATM 886 O O   . HOH D 3 .   ? 11.642  4.717   3.455   1.00 45.84  ? 1037 HOH A O   1 
HETATM 887 O O   . HOH D 3 .   ? 3.833   -8.889  -15.484 1.00 57.18  ? 1038 HOH A O   1 
HETATM 888 O O   . HOH D 3 .   ? 0.582   -8.895  5.078   1.00 53.56  ? 1039 HOH A O   1 
HETATM 889 O O   . HOH D 3 .   ? 3.565   -14.393 -2.676  1.00 58.53  ? 1040 HOH A O   1 
HETATM 890 O O   . HOH D 3 .   ? -0.575  0.023   10.031  1.00 70.33  ? 1041 HOH A O   1 
HETATM 891 O O   . HOH D 3 .   ? -9.046  -6.854  -2.691  1.00 57.10  ? 1042 HOH A O   1 
HETATM 892 O O   . HOH D 3 .   ? 1.754   -7.796  -21.009 1.00 91.65  ? 1043 HOH A O   1 
HETATM 893 O O   . HOH D 3 .   ? -10.709 10.363  6.173   1.00 29.68  ? 1044 HOH A O   1 
HETATM 894 O O   . HOH D 3 .   ? -11.505 -15.238 -3.884  1.00 21.23  ? 1045 HOH A O   1 
HETATM 895 O O   . HOH D 3 .   ? 5.331   7.195   12.156  1.00 67.08  ? 1046 HOH A O   1 
HETATM 896 O O   . HOH D 3 .   ? 0.793   -22.657 -4.034  0.50 62.98  ? 1047 HOH A O   1 
HETATM 897 O O   . HOH D 3 .   ? -10.791 15.615  16.340  1.00 43.82  ? 1048 HOH A O   1 
HETATM 898 O O   . HOH D 3 .   ? -9.363  1.913   4.909   1.00 44.86  ? 1049 HOH A O   1 
HETATM 899 O O   . HOH D 3 .   ? -8.202  -1.272  0.981   1.00 53.12  ? 1050 HOH A O   1 
HETATM 900 O O   . HOH D 3 .   ? -9.566  3.156   2.678   1.00 53.55  ? 1051 HOH A O   1 
HETATM 901 O O   . HOH D 3 .   ? 12.401  7.300   0.407   1.00 77.59  ? 1052 HOH A O   1 
# 
loop_
_atom_site_anisotrop.id 
_atom_site_anisotrop.type_symbol 
_atom_site_anisotrop.pdbx_label_atom_id 
_atom_site_anisotrop.pdbx_label_alt_id 
_atom_site_anisotrop.pdbx_label_comp_id 
_atom_site_anisotrop.pdbx_label_asym_id 
_atom_site_anisotrop.pdbx_label_seq_id 
_atom_site_anisotrop.pdbx_PDB_ins_code 
_atom_site_anisotrop.U[1][1] 
_atom_site_anisotrop.U[2][2] 
_atom_site_anisotrop.U[3][3] 
_atom_site_anisotrop.U[1][2] 
_atom_site_anisotrop.U[1][3] 
_atom_site_anisotrop.U[2][3] 
_atom_site_anisotrop.pdbx_auth_seq_id 
_atom_site_anisotrop.pdbx_auth_comp_id 
_atom_site_anisotrop.pdbx_auth_asym_id 
_atom_site_anisotrop.pdbx_auth_atom_id 
1   N N   . ALA A 4   ? 1.3117 1.4165 1.5946 0.1702  -0.2772 -0.1779 4   ALA A N   
2   C CA  . ALA A 4   ? 1.3075 1.3590 1.5516 0.1677  -0.2962 -0.1565 4   ALA A CA  
3   C C   . ALA A 4   ? 1.3424 1.3990 1.5757 0.1505  -0.2852 -0.1392 4   ALA A C   
4   O O   . ALA A 4   ? 1.4913 1.5879 1.7468 0.1440  -0.2747 -0.1489 4   ALA A O   
5   C CB  . ALA A 4   ? 1.2228 1.2576 1.4636 0.1800  -0.3202 -0.1670 4   ALA A CB  
6   N N   . GLY A 5   ? 1.1574 1.1727 1.3539 0.1419  -0.2878 -0.1144 5   GLY A N   
7   C CA  . GLY A 5   ? 1.1136 1.1250 1.2876 0.1215  -0.2675 -0.0962 5   GLY A CA  
8   C C   . GLY A 5   ? 0.9971 1.0514 1.1912 0.1092  -0.2330 -0.1012 5   GLY A C   
9   O O   . GLY A 5   ? 0.8905 0.9552 1.0784 0.0956  -0.2178 -0.0971 5   GLY A O   
10  N N   . SER A 6   ? 1.1538 1.2301 1.3687 0.1132  -0.2212 -0.1099 6   SER A N   
11  C CA  . SER A 6   ? 1.0358 1.1484 1.2659 0.1009  -0.1896 -0.1144 6   SER A CA  
12  C C   . SER A 6   ? 0.8844 0.9763 1.0860 0.0883  -0.1678 -0.0924 6   SER A C   
13  O O   . SER A 6   ? 0.7211 0.8364 0.9315 0.0801  -0.1439 -0.0947 6   SER A O   
14  C CB  . SER A 6   ? 1.0768 1.2304 1.3477 0.1119  -0.1890 -0.1393 6   SER A CB  
15  O OG  . SER A 6   ? 1.0989 1.2854 1.3807 0.0978  -0.1589 -0.1435 6   SER A OG  
16  N N   . HIS A 7   ? 0.6121 0.6615 0.7792 0.0861  -0.1762 -0.0719 7   HIS A N   
17  C CA  . HIS A 7   ? 0.6093 0.6429 0.7520 0.0758  -0.1579 -0.0529 7   HIS A CA  
18  C C   . HIS A 7   ? 0.4610 0.4881 0.5792 0.0612  -0.1390 -0.0378 7   HIS A C   
19  O O   . HIS A 7   ? 0.3783 0.4110 0.4965 0.0575  -0.1390 -0.0418 7   HIS A O   
20  C CB  . HIS A 7   ? 0.7364 0.7313 0.8552 0.0797  -0.1765 -0.0406 7   HIS A CB  
21  C CG  . HIS A 7   ? 0.8418 0.8396 0.9795 0.0929  -0.1895 -0.0530 7   HIS A CG  
22  N ND1 . HIS A 7   ? 0.8910 0.8772 1.0386 0.1092  -0.2191 -0.0661 7   HIS A ND1 
23  C CD2 . HIS A 7   ? 0.7877 0.7980 0.9356 0.0934  -0.1774 -0.0555 7   HIS A CD2 
24  C CE1 . HIS A 7   ? 0.6437 0.6337 0.8059 0.1195  -0.2246 -0.0764 7   HIS A CE1 
25  N NE2 . HIS A 7   ? 0.9435 0.9485 1.1061 0.1093  -0.1992 -0.0700 7   HIS A NE2 
26  N N   . CYS A 8   ? 0.4488 0.4636 0.5451 0.0534  -0.1237 -0.0212 8   CYS A N   
27  C CA  . CYS A 8   ? 0.5722 0.5850 0.6478 0.0423  -0.1025 -0.0091 8   CYS A CA  
28  C C   . CYS A 8   ? 0.5929 0.5809 0.6422 0.0378  -0.1115 0.0003  8   CYS A C   
29  O O   . CYS A 8   ? 0.5049 0.4663 0.5327 0.0370  -0.1249 0.0111  8   CYS A O   
30  C CB  . CYS A 8   ? 0.4307 0.4387 0.4917 0.0380  -0.0880 0.0048  8   CYS A CB  
31  S SG  . CYS A 8   ? 0.4707 0.4772 0.5072 0.0288  -0.0629 0.0183  8   CYS A SG  
32  N N   . GLN A 9   ? 0.3474 0.3422 0.3953 0.0330  -0.1041 -0.0036 9   GLN A N   
33  C CA  . GLN A 9   ? 0.3748 0.3468 0.3978 0.0283  -0.1124 0.0038  9   GLN A CA  
34  C C   . GLN A 9   ? 0.3720 0.3485 0.3839 0.0200  -0.0937 0.0047  9   GLN A C   
35  O O   . GLN A 9   ? 0.3593 0.3570 0.3862 0.0178  -0.0787 -0.0035 9   GLN A O   
36  C CB  . GLN A 9   ? 0.4179 0.3868 0.4531 0.0350  -0.1388 -0.0075 9   GLN A CB  
37  C CG  . GLN A 9   ? 0.6093 0.6121 0.6790 0.0381  -0.1382 -0.0278 9   GLN A CG  
38  C CD  . GLN A 9   ? 0.8200 0.8263 0.9092 0.0491  -0.1667 -0.0417 9   GLN A CD  
39  O OE1 . GLN A 9   ? 0.7831 0.7678 0.8554 0.0490  -0.1840 -0.0377 9   GLN A OE1 
40  N NE2 . GLN A 9   ? 0.8047 0.8386 0.9292 0.0597  -0.1726 -0.0589 9   GLN A NE2 
41  N N   . LYS A 10  ? 0.3933 0.3467 0.3758 0.0145  -0.0954 0.0144  10  LYS A N   
42  C CA  . LYS A 10  ? 0.5619 0.5122 0.5283 0.0072  -0.0811 0.0153  10  LYS A CA  
43  C C   . LYS A 10  ? 0.4904 0.4498 0.4706 0.0051  -0.0917 0.0017  10  LYS A C   
44  O O   . LYS A 10  ? 0.4668 0.4200 0.4511 0.0082  -0.1139 -0.0021 10  LYS A O   
45  C CB  . LYS A 10  ? 0.5327 0.4562 0.4620 0.0023  -0.0790 0.0296  10  LYS A CB  
46  C CG  . LYS A 10  ? 0.5592 0.4744 0.4669 -0.0037 -0.0644 0.0308  10  LYS A CG  
47  C CD  . LYS A 10  ? 0.5355 0.4297 0.4079 -0.0068 -0.0577 0.0439  10  LYS A CD  
48  C CE  . LYS A 10  ? 0.8048 0.6770 0.6561 -0.0125 -0.0742 0.0467  10  LYS A CE  
49  N NZ  . LYS A 10  ? 1.0311 0.8859 0.8461 -0.0176 -0.0621 0.0553  10  LYS A NZ  
50  N N   . THR A 11  ? 0.3855 0.3591 0.3714 -0.0012 -0.0768 -0.0060 11  THR A N   
51  C CA  . THR A 11  ? 0.4135 0.3992 0.4106 -0.0069 -0.0838 -0.0193 11  THR A CA  
52  C C   . THR A 11  ? 0.5751 0.5463 0.5442 -0.0182 -0.0675 -0.0154 11  THR A C   
53  O O   . THR A 11  ? 0.4050 0.3605 0.3509 -0.0189 -0.0508 -0.0047 11  THR A O   
54  C CB  . THR A 11  ? 0.6002 0.6232 0.6363 -0.0059 -0.0836 -0.0370 11  THR A CB  
55  O OG1 . THR A 11  ? 0.5440 0.5755 0.5785 -0.0117 -0.0606 -0.0364 11  THR A OG1 
56  C CG2 . THR A 11  ? 0.7037 0.7375 0.7653 0.0076  -0.0998 -0.0412 11  THR A CG2 
57  N N   . SER A 12  ? 0.4587 0.4344 0.4291 -0.0265 -0.0739 -0.0248 12  SER A N   
58  C CA  . SER A 12  ? 0.5006 0.4573 0.4405 -0.0382 -0.0613 -0.0218 12  SER A CA  
59  C C   . SER A 12  ? 0.4878 0.4524 0.4265 -0.0460 -0.0404 -0.0256 12  SER A C   
60  O O   . SER A 12  ? 0.4902 0.4846 0.4580 -0.0483 -0.0384 -0.0371 12  SER A O   
61  C CB  . SER A 12  ? 0.5578 0.5186 0.4997 -0.0468 -0.0751 -0.0316 12  SER A CB  
62  O OG  . SER A 12  ? 0.9306 0.8739 0.8435 -0.0603 -0.0624 -0.0309 12  SER A OG  
63  N N   . LEU A 13  ? 0.4783 0.4141 0.3807 -0.0501 -0.0255 -0.0165 13  LEU A N   
64  C CA  . LEU A 13  ? 0.4568 0.3892 0.3471 -0.0599 -0.0080 -0.0195 13  LEU A CA  
65  C C   . LEU A 13  ? 0.5001 0.3953 0.3468 -0.0666 -0.0010 -0.0138 13  LEU A C   
66  O O   . LEU A 13  ? 0.5476 0.4173 0.3679 -0.0572 0.0052  -0.0024 13  LEU A O   
67  C CB  . LEU A 13  ? 0.4412 0.3751 0.3335 -0.0515 0.0045  -0.0132 13  LEU A CB  
68  C CG  . LEU A 13  ? 0.4966 0.4205 0.3706 -0.0620 0.0208  -0.0153 13  LEU A CG  
69  C CD1 . LEU A 13  ? 0.5554 0.5067 0.4505 -0.0788 0.0206  -0.0309 13  LEU A CD1 
70  C CD2 . LEU A 13  ? 0.5241 0.4464 0.3969 -0.0519 0.0313  -0.0078 13  LEU A CD2 
71  N N   . ARG A 14  ? 0.5117 0.4053 0.3504 -0.0832 -0.0016 -0.0228 14  ARG A N   
72  C CA  . ARG A 14  ? 0.5473 0.4027 0.3419 -0.0918 0.0045  -0.0192 14  ARG A CA  
73  C C   . ARG A 14  ? 0.5624 0.3984 0.3323 -0.0986 0.0211  -0.0181 14  ARG A C   
74  O O   . ARG A 14  ? 0.6782 0.5325 0.4610 -0.1123 0.0254  -0.0270 14  ARG A O   
75  C CB  . ARG A 14  ? 0.6710 0.5329 0.4667 -0.1086 -0.0056 -0.0295 14  ARG A CB  
76  C CG  . ARG A 14  ? 1.0461 0.9159 0.8549 -0.1025 -0.0243 -0.0295 14  ARG A CG  
77  C CD  . ARG A 14  ? 1.2569 1.0869 1.0262 -0.0963 -0.0239 -0.0179 14  ARG A CD  
78  N NE  . ARG A 14  ? 1.2483 1.0456 0.9770 -0.1097 -0.0164 -0.0186 14  ARG A NE  
79  C CZ  . ARG A 14  ? 1.3199 1.0800 1.0092 -0.1064 -0.0140 -0.0111 14  ARG A CZ  
80  N NH1 . ARG A 14  ? 1.2345 0.9888 0.9203 -0.0919 -0.0174 -0.0022 14  ARG A NH1 
81  N NH2 . ARG A 14  ? 1.3058 1.0339 0.9572 -0.1188 -0.0079 -0.0130 14  ARG A NH2 
82  N N   . VAL A 15  ? 0.6025 0.4009 0.3352 -0.0889 0.0299  -0.0079 15  VAL A N   
83  C CA  . VAL A 15  ? 0.5903 0.3621 0.2939 -0.0909 0.0432  -0.0051 15  VAL A CA  
84  C C   . VAL A 15  ? 0.7192 0.4452 0.3735 -0.1008 0.0464  -0.0050 15  VAL A C   
85  O O   . VAL A 15  ? 0.6547 0.3570 0.2861 -0.0919 0.0442  -0.0003 15  VAL A O   
86  C CB  . VAL A 15  ? 0.6052 0.3700 0.3052 -0.0687 0.0498  0.0051  15  VAL A CB  
87  C CG1 . VAL A 15  ? 0.6235 0.3579 0.2914 -0.0690 0.0608  0.0075  15  VAL A CG1 
88  C CG2 . VAL A 15  ? 0.6130 0.4200 0.3587 -0.0603 0.0460  0.0053  15  VAL A CG2 
89  N N   . ASN A 16  ? 0.7219 0.4328 0.3561 -0.1198 0.0522  -0.0101 16  ASN A N   
90  C CA  . ASN A 16  ? 0.8255 0.4855 0.4061 -0.1312 0.0556  -0.0098 16  ASN A CA  
91  C C   . ASN A 16  ? 0.7588 0.3791 0.3033 -0.1206 0.0648  -0.0029 16  ASN A C   
92  O O   . ASN A 16  ? 0.7359 0.3644 0.2871 -0.1256 0.0701  -0.0034 16  ASN A O   
93  C CB  . ASN A 16  ? 0.9449 0.6112 0.5220 -0.1629 0.0547  -0.0203 16  ASN A CB  
94  C CG  . ASN A 16  ? 0.9964 0.6057 0.5137 -0.1779 0.0574  -0.0200 16  ASN A CG  
95  O OD1 . ASN A 16  ? 0.9985 0.5646 0.4755 -0.1760 0.0644  -0.0151 16  ASN A OD1 
96  N ND2 . ASN A 16  ? 0.8343 0.4404 0.3433 -0.1927 0.0506  -0.0254 16  ASN A ND2 
97  N N   . PHE A 17  ? 0.8274 0.4046 0.3327 -0.1055 0.0660  0.0026  17  PHE A N   
98  C CA  . PHE A 17  ? 0.9145 0.4563 0.3885 -0.0888 0.0723  0.0087  17  PHE A CA  
99  C C   . PHE A 17  ? 0.9206 0.4213 0.3529 -0.1083 0.0755  0.0068  17  PHE A C   
100 O O   . PHE A 17  ? 0.8834 0.3653 0.3000 -0.0993 0.0793  0.0111  17  PHE A O   
101 C CB  . PHE A 17  ? 0.9830 0.4917 0.4265 -0.0660 0.0723  0.0124  17  PHE A CB  
102 C CG  . PHE A 17  ? 0.9326 0.4792 0.4119 -0.0442 0.0716  0.0161  17  PHE A CG  
103 C CD1 . PHE A 17  ? 1.0249 0.6012 0.5340 -0.0283 0.0746  0.0204  17  PHE A CD1 
104 C CD2 . PHE A 17  ? 0.7869 0.3374 0.2666 -0.0417 0.0677  0.0153  17  PHE A CD2 
105 C CE1 . PHE A 17  ? 0.7840 0.3941 0.3229 -0.0116 0.0741  0.0239  17  PHE A CE1 
106 C CE2 . PHE A 17  ? 0.7452 0.3281 0.2530 -0.0252 0.0671  0.0191  17  PHE A CE2 
107 C CZ  . PHE A 17  ? 0.7113 0.3240 0.2484 -0.0108 0.0704  0.0234  17  PHE A CZ  
108 N N   . GLU A 18  ? 0.9433 0.4296 0.3559 -0.1364 0.0735  0.0007  18  GLU A N   
109 C CA  . GLU A 18  ? 1.0737 0.5226 0.4453 -0.1611 0.0766  -0.0013 18  GLU A CA  
110 C C   . GLU A 18  ? 1.0256 0.5143 0.4299 -0.1745 0.0811  -0.0040 18  GLU A C   
111 O O   . GLU A 18  ? 0.9191 0.3789 0.2944 -0.1795 0.0852  -0.0009 18  GLU A O   
112 C CB  . GLU A 18  ? 1.0093 0.4402 0.3552 -0.1914 0.0737  -0.0082 18  GLU A CB  
113 C CG  . GLU A 18  ? 1.1291 0.5110 0.4205 -0.2205 0.0768  -0.0097 18  GLU A CG  
114 C CD  . GLU A 18  ? 1.3313 0.7004 0.5990 -0.2545 0.0740  -0.0173 18  GLU A CD  
115 O OE1 . GLU A 18  ? 1.2311 0.6117 0.5108 -0.2503 0.0686  -0.0198 18  GLU A OE1 
116 O OE2 . GLU A 18  ? 1.3347 0.6823 0.5702 -0.2873 0.0770  -0.0208 18  GLU A OE2 
117 N N   . ASP A 19  ? 0.8792 0.4331 0.3426 -0.1796 0.0795  -0.0101 19  ASP A N   
118 C CA  . ASP A 19  ? 0.9216 0.5199 0.4218 -0.1904 0.0839  -0.0148 19  ASP A CA  
119 C C   . ASP A 19  ? 0.9438 0.5347 0.4437 -0.1692 0.0882  -0.0065 19  ASP A C   
120 O O   . ASP A 19  ? 0.8428 0.4427 0.3449 -0.1822 0.0935  -0.0084 19  ASP A O   
121 C CB  . ASP A 19  ? 0.9435 0.6108 0.5097 -0.1879 0.0790  -0.0222 19  ASP A CB  
122 C CG  . ASP A 19  ? 1.0116 0.6995 0.5872 -0.2130 0.0743  -0.0335 19  ASP A CG  
123 O OD1 . ASP A 19  ? 1.1325 0.7867 0.6659 -0.2379 0.0768  -0.0365 19  ASP A OD1 
124 O OD2 . ASP A 19  ? 0.8932 0.6310 0.5181 -0.2078 0.0671  -0.0397 19  ASP A OD2 
125 N N   . ILE A 20  ? 0.8845 0.4653 0.3852 -0.1373 0.0858  0.0019  20  ILE A N   
126 C CA  . ILE A 20  ? 0.8847 0.4657 0.3907 -0.1152 0.0887  0.0092  20  ILE A CA  
127 C C   . ILE A 20  ? 0.9805 0.4969 0.4283 -0.1028 0.0891  0.0162  20  ILE A C   
128 O O   . ILE A 20  ? 0.8455 0.3581 0.2937 -0.0799 0.0897  0.0224  20  ILE A O   
129 C CB  . ILE A 20  ? 0.8490 0.4703 0.3999 -0.0883 0.0860  0.0129  20  ILE A CB  
130 C CG1 . ILE A 20  ? 0.7815 0.3801 0.3140 -0.0700 0.0826  0.0165  20  ILE A CG1 
131 C CG2 . ILE A 20  ? 0.8852 0.5648 0.4909 -0.0982 0.0830  0.0058  20  ILE A CG2 
132 C CD1 . ILE A 20  ? 0.8704 0.4994 0.4348 -0.0432 0.0816  0.0217  20  ILE A CD1 
133 N N   . GLY A 21  ? 0.9414 0.4060 0.3379 -0.1165 0.0875  0.0147  21  GLY A N   
134 C CA  . GLY A 21  ? 1.0756 0.4716 0.4109 -0.1052 0.0858  0.0201  21  GLY A CA  
135 C C   . GLY A 21  ? 1.1350 0.5135 0.4609 -0.0692 0.0828  0.0239  21  GLY A C   
136 O O   . GLY A 21  ? 1.1105 0.4455 0.4026 -0.0508 0.0793  0.0258  21  GLY A O   
137 N N   . TRP A 22  ? 1.0523 0.4688 0.4144 -0.0580 0.0825  0.0224  22  TRP A N   
138 C CA  . TRP A 22  ? 1.0008 0.4062 0.3546 -0.0266 0.0812  0.0244  22  TRP A CA  
139 C C   . TRP A 22  ? 1.0284 0.3903 0.3407 -0.0297 0.0786  0.0208  22  TRP A C   
140 O O   . TRP A 22  ? 1.0494 0.3929 0.3445 -0.0039 0.0782  0.0207  22  TRP A O   
141 C CB  . TRP A 22  ? 0.9792 0.4486 0.3919 -0.0128 0.0826  0.0254  22  TRP A CB  
142 C CG  . TRP A 22  ? 1.0736 0.5757 0.5178 0.0030  0.0848  0.0298  22  TRP A CG  
143 C CD1 . TRP A 22  ? 1.0721 0.5601 0.5047 0.0016  0.0855  0.0324  22  TRP A CD1 
144 C CD2 . TRP A 22  ? 0.7911 0.3437 0.2804 0.0205  0.0859  0.0323  22  TRP A CD2 
145 N NE1 . TRP A 22  ? 0.8600 0.3883 0.3297 0.0183  0.0871  0.0361  22  TRP A NE1 
146 C CE2 . TRP A 22  ? 0.8847 0.4529 0.3895 0.0296  0.0875  0.0361  22  TRP A CE2 
147 C CE3 . TRP A 22  ? 0.7782 0.3619 0.2932 0.0278  0.0855  0.0321  22  TRP A CE3 
148 C CZ2 . TRP A 22  ? 0.7268 0.3416 0.2725 0.0452  0.0888  0.0393  22  TRP A CZ2 
149 C CZ3 . TRP A 22  ? 0.8138 0.4419 0.3673 0.0423  0.0868  0.0356  22  TRP A CZ3 
150 C CH2 . TRP A 22  ? 0.7679 0.4115 0.3367 0.0506  0.0886  0.0390  22  TRP A CH2 
151 N N   . ASP A 23  ? 1.1223 0.4689 0.4176 -0.0610 0.0771  0.0168  23  ASP A N   
152 C CA  . ASP A 23  ? 1.1927 0.4948 0.4449 -0.0674 0.0741  0.0133  23  ASP A CA  
153 C C   . ASP A 23  ? 1.3709 0.6080 0.5724 -0.0499 0.0705  0.0119  23  ASP A C   
154 O O   . ASP A 23  ? 1.3581 0.5590 0.5281 -0.0453 0.0677  0.0083  23  ASP A O   
155 C CB  . ASP A 23  ? 1.3178 0.6153 0.5602 -0.1074 0.0727  0.0087  23  ASP A CB  
156 C CG  . ASP A 23  ? 1.3808 0.6499 0.5990 -0.1274 0.0726  0.0075  23  ASP A CG  
157 O OD1 . ASP A 23  ? 1.3107 0.5833 0.5372 -0.1132 0.0739  0.0110  23  ASP A OD1 
158 O OD2 . ASP A 23  ? 1.5320 0.7774 0.7240 -0.1583 0.0706  0.0022  23  ASP A OD2 
159 N N   . SER A 24  ? 1.3546 0.5745 0.5464 -0.0398 0.0694  0.0139  24  SER A N   
160 C CA  . SER A 24  ? 1.6230 0.7805 0.7656 -0.0188 0.0640  0.0112  24  SER A CA  
161 C C   . SER A 24  ? 1.4893 0.6474 0.6307 0.0193  0.0652  0.0114  24  SER A C   
162 O O   . SER A 24  ? 1.5207 0.6276 0.6189 0.0324  0.0614  0.0069  24  SER A O   
163 C CB  . SER A 24  ? 1.8455 0.9909 0.9807 -0.0135 0.0613  0.0128  24  SER A CB  
164 O OG  . SER A 24  ? 1.6399 0.8423 0.8245 -0.0017 0.0662  0.0191  24  SER A OG  
165 N N   . TRP A 25  ? 1.2529 0.4691 0.4400 0.0369  0.0705  0.0156  25  TRP A N   
166 C CA  . TRP A 25  ? 1.1735 0.4009 0.3632 0.0723  0.0730  0.0141  25  TRP A CA  
167 C C   . TRP A 25  ? 1.3562 0.6312 0.5804 0.0688  0.0778  0.0125  25  TRP A C   
168 O O   . TRP A 25  ? 1.4359 0.7271 0.6675 0.0942  0.0808  0.0091  25  TRP A O   
169 C CB  . TRP A 25  ? 1.1487 0.4066 0.3638 0.0988  0.0745  0.0177  25  TRP A CB  
170 C CG  . TRP A 25  ? 1.3906 0.7233 0.6715 0.0914  0.0794  0.0218  25  TRP A CG  
171 C CD1 . TRP A 25  ? 1.4901 0.8477 0.7979 0.0664  0.0800  0.0261  25  TRP A CD1 
172 C CD2 . TRP A 25  ? 1.4420 0.8326 0.7677 0.1090  0.0841  0.0213  25  TRP A CD2 
173 N NE1 . TRP A 25  ? 1.4470 0.8715 0.8131 0.0691  0.0836  0.0283  25  TRP A NE1 
174 C CE2 . TRP A 25  ? 1.4916 0.9359 0.8682 0.0937  0.0861  0.0263  25  TRP A CE2 
175 C CE3 . TRP A 25  ? 1.3928 0.7955 0.7193 0.1349  0.0872  0.0165  25  TRP A CE3 
176 C CZ2 . TRP A 25  ? 1.4864 0.9899 0.9103 0.1026  0.0898  0.0277  25  TRP A CZ2 
177 C CZ3 . TRP A 25  ? 1.5962 1.0621 0.9712 0.1416  0.0922  0.0177  25  TRP A CZ3 
178 C CH2 . TRP A 25  ? 1.5086 1.0215 0.9299 0.1251  0.0929  0.0240  25  TRP A CH2 
179 N N   . ILE A 26  ? 1.3461 0.6455 0.5930 0.0380  0.0778  0.0136  26  ILE A N   
180 C CA  . ILE A 26  ? 1.0740 0.4147 0.3530 0.0325  0.0793  0.0123  26  ILE A CA  
181 C C   . ILE A 26  ? 1.1708 0.4761 0.4165 0.0085  0.0757  0.0084  26  ILE A C   
182 O O   . ILE A 26  ? 1.2864 0.5885 0.5321 -0.0207 0.0730  0.0085  26  ILE A O   
183 C CB  . ILE A 26  ? 1.2046 0.6106 0.5448 0.0205  0.0800  0.0162  26  ILE A CB  
184 C CG1 . ILE A 26  ? 0.9809 0.4268 0.3549 0.0464  0.0838  0.0195  26  ILE A CG1 
185 C CG2 . ILE A 26  ? 1.2039 0.6378 0.5661 0.0054  0.0773  0.0147  26  ILE A CG2 
186 C CD1 . ILE A 26  ? 1.1447 0.6466 0.5729 0.0375  0.0838  0.0235  26  ILE A CD1 
187 N N   . ILE A 27  ? 1.1279 0.4095 0.3467 0.0197  0.0759  0.0040  27  ILE A N   
188 C CA  . ILE A 27  ? 1.2451 0.4951 0.4368 -0.0023 0.0714  0.0001  27  ILE A CA  
189 C C   . ILE A 27  ? 1.2471 0.5414 0.4717 -0.0232 0.0697  0.0008  27  ILE A C   
190 O O   . ILE A 27  ? 1.1170 0.4033 0.3348 -0.0520 0.0649  -0.0009 27  ILE A O   
191 C CB  . ILE A 27  ? 1.4256 0.6392 0.5846 0.0175  0.0715  -0.0047 27  ILE A CB  
192 C CG1 . ILE A 27  ? 1.5896 0.7528 0.7119 0.0395  0.0701  -0.0054 27  ILE A CG1 
193 C CG2 . ILE A 27  ? 1.5243 0.7072 0.6568 -0.0066 0.0666  -0.0077 27  ILE A CG2 
194 C CD1 . ILE A 27  ? 1.7054 0.8929 0.8438 0.0763  0.0747  -0.0063 27  ILE A CD1 
195 N N   . ALA A 28  ? 1.0435 0.3863 0.3080 -0.0093 0.0718  0.0029  28  ALA A N   
196 C CA  . ALA A 28  ? 1.0588 0.4424 0.3581 -0.0255 0.0670  0.0038  28  ALA A CA  
197 C C   . ALA A 28  ? 0.9370 0.3763 0.2858 -0.0108 0.0694  0.0084  28  ALA A C   
198 O O   . ALA A 28  ? 0.9616 0.4054 0.3099 0.0135  0.0759  0.0093  28  ALA A O   
199 C CB  . ALA A 28  ? 1.0594 0.4192 0.3281 -0.0290 0.0648  -0.0001 28  ALA A CB  
200 N N   . PRO A 29  ? 0.9039 0.3854 0.2943 -0.0253 0.0632  0.0106  29  PRO A N   
201 C CA  . PRO A 29  ? 0.8911 0.3756 0.2880 -0.0524 0.0543  0.0078  29  PRO A CA  
202 C C   . PRO A 29  ? 0.9287 0.4105 0.3302 -0.0675 0.0546  0.0060  29  PRO A C   
203 O O   . PRO A 29  ? 0.8935 0.3696 0.2932 -0.0565 0.0608  0.0082  29  PRO A O   
204 C CB  . PRO A 29  ? 0.8396 0.3737 0.2832 -0.0548 0.0470  0.0105  29  PRO A CB  
205 C CG  . PRO A 29  ? 0.8312 0.3929 0.3013 -0.0351 0.0531  0.0156  29  PRO A CG  
206 C CD  . PRO A 29  ? 0.8637 0.3948 0.2987 -0.0149 0.0634  0.0155  29  PRO A CD  
207 N N   . LYS A 30  ? 0.9491 0.4355 0.3551 -0.0933 0.0478  0.0013  30  LYS A N   
208 C CA  . LYS A 30  ? 1.0615 0.5530 0.4745 -0.1118 0.0488  -0.0019 30  LYS A CA  
209 C C   . LYS A 30  ? 0.9456 0.4932 0.4157 -0.1097 0.0476  -0.0013 30  LYS A C   
210 O O   . LYS A 30  ? 0.8297 0.3830 0.3070 -0.1127 0.0529  -0.0014 30  LYS A O   
211 C CB  . LYS A 30  ? 1.1476 0.6304 0.5472 -0.1417 0.0425  -0.0090 30  LYS A CB  
212 C CG  . LYS A 30  ? 1.2234 0.6456 0.5619 -0.1479 0.0431  -0.0103 30  LYS A CG  
213 C CD  . LYS A 30  ? 1.1980 0.5682 0.4903 -0.1419 0.0509  -0.0081 30  LYS A CD  
214 C CE  . LYS A 30  ? 1.5675 0.8723 0.7951 -0.1496 0.0500  -0.0107 30  LYS A CE  
215 N NZ  . LYS A 30  ? 1.4537 0.7013 0.6321 -0.1400 0.0551  -0.0085 30  LYS A NZ  
216 N N   . GLU A 31  ? 0.7804 0.3663 0.2879 -0.1047 0.0400  -0.0007 31  GLU A N   
217 C CA  . GLU A 31  ? 0.7297 0.3666 0.2904 -0.1008 0.0368  -0.0007 31  GLU A CA  
218 C C   . GLU A 31  ? 0.7881 0.4426 0.3668 -0.0817 0.0329  0.0056  31  GLU A C   
219 O O   . GLU A 31  ? 0.7382 0.3730 0.2937 -0.0767 0.0311  0.0081  31  GLU A O   
220 C CB  . GLU A 31  ? 0.9517 0.6224 0.5436 -0.1215 0.0270  -0.0096 31  GLU A CB  
221 C CG  . GLU A 31  ? 1.2343 0.8936 0.8091 -0.1461 0.0308  -0.0173 31  GLU A CG  
222 C CD  . GLU A 31  ? 1.2852 0.9865 0.8953 -0.1658 0.0211  -0.0285 31  GLU A CD  
223 O OE1 . GLU A 31  ? 1.2481 0.9770 0.8879 -0.1596 0.0088  -0.0300 31  GLU A OE1 
224 O OE2 . GLU A 31  ? 1.2102 0.9172 0.8176 -0.1878 0.0253  -0.0365 31  GLU A OE2 
225 N N   . TYR A 32  ? 0.6888 0.3801 0.3076 -0.0729 0.0317  0.0079  32  TYR A N   
226 C CA  . TYR A 32  ? 0.7031 0.4121 0.3390 -0.0593 0.0265  0.0138  32  TYR A CA  
227 C C   . TYR A 32  ? 0.6692 0.4206 0.3535 -0.0589 0.0186  0.0124  32  TYR A C   
228 O O   . TYR A 32  ? 0.5837 0.3526 0.2885 -0.0660 0.0201  0.0067  32  TYR A O   
229 C CB  . TYR A 32  ? 0.7125 0.4082 0.3302 -0.0401 0.0375  0.0210  32  TYR A CB  
230 C CG  . TYR A 32  ? 0.6855 0.4019 0.3261 -0.0289 0.0441  0.0241  32  TYR A CG  
231 C CD1 . TYR A 32  ? 0.7031 0.4094 0.3367 -0.0307 0.0515  0.0221  32  TYR A CD1 
232 C CD2 . TYR A 32  ? 0.6595 0.4030 0.3249 -0.0180 0.0425  0.0296  32  TYR A CD2 
233 C CE1 . TYR A 32  ? 0.6139 0.3376 0.2660 -0.0208 0.0569  0.0252  32  TYR A CE1 
234 C CE2 . TYR A 32  ? 0.5640 0.3259 0.2486 -0.0086 0.0482  0.0325  32  TYR A CE2 
235 C CZ  . TYR A 32  ? 0.6081 0.3607 0.2869 -0.0093 0.0554  0.0302  32  TYR A CZ  
236 O OH  . TYR A 32  ? 0.5985 0.3685 0.2949 -0.0002 0.0604  0.0331  32  TYR A OH  
237 N N   . GLU A 33  ? 0.5824 0.3481 0.2816 -0.0514 0.0098  0.0169  33  GLU A N   
238 C CA  . GLU A 33  ? 0.5483 0.3489 0.2897 -0.0486 0.0002  0.0160  33  GLU A CA  
239 C C   . GLU A 33  ? 0.5282 0.3386 0.2784 -0.0345 0.0091  0.0233  33  GLU A C   
240 O O   . GLU A 33  ? 0.5393 0.3456 0.2797 -0.0263 0.0098  0.0309  33  GLU A O   
241 C CB  . GLU A 33  ? 0.7009 0.5058 0.4491 -0.0502 -0.0175 0.0168  33  GLU A CB  
242 C CG  . GLU A 33  ? 0.6771 0.5110 0.4637 -0.0452 -0.0303 0.0159  33  GLU A CG  
243 C CD  . GLU A 33  ? 0.7972 0.6584 0.6176 -0.0511 -0.0360 0.0036  33  GLU A CD  
244 O OE1 . GLU A 33  ? 0.7515 0.6154 0.5738 -0.0614 -0.0447 -0.0050 33  GLU A OE1 
245 O OE2 . GLU A 33  ? 0.5824 0.4645 0.4274 -0.0459 -0.0312 0.0018  33  GLU A OE2 
246 N N   . ALA A 34  ? 0.5104 0.3358 0.2788 -0.0336 0.0158  0.0204  34  ALA A N   
247 C CA  . ALA A 34  ? 0.4916 0.3283 0.2701 -0.0213 0.0235  0.0266  34  ALA A CA  
248 C C   . ALA A 34  ? 0.4620 0.3277 0.2764 -0.0183 0.0130  0.0268  34  ALA A C   
249 O O   . ALA A 34  ? 0.4788 0.3537 0.3002 -0.0091 0.0164  0.0333  34  ALA A O   
250 C CB  . ALA A 34  ? 0.4902 0.3249 0.2664 -0.0219 0.0354  0.0240  34  ALA A CB  
251 N N   . TYR A 35  ? 0.4569 0.3356 0.2922 -0.0257 -0.0007 0.0191  35  TYR A N   
252 C CA  . TYR A 35  ? 0.4332 0.3390 0.3054 -0.0232 -0.0128 0.0145  35  TYR A CA  
253 C C   . TYR A 35  ? 0.4107 0.3363 0.3039 -0.0202 -0.0035 0.0118  35  TYR A C   
254 O O   . TYR A 35  ? 0.4458 0.3641 0.3256 -0.0221 0.0111  0.0123  35  TYR A O   
255 C CB  . TYR A 35  ? 0.4577 0.3599 0.3287 -0.0162 -0.0234 0.0234  35  TYR A CB  
256 C CG  . TYR A 35  ? 0.4998 0.3824 0.3492 -0.0204 -0.0345 0.0262  35  TYR A CG  
257 C CD1 . TYR A 35  ? 0.5834 0.4704 0.4467 -0.0235 -0.0546 0.0197  35  TYR A CD1 
258 C CD2 . TYR A 35  ? 0.6249 0.4848 0.4396 -0.0206 -0.0256 0.0344  35  TYR A CD2 
259 C CE1 . TYR A 35  ? 0.6243 0.4912 0.4656 -0.0281 -0.0660 0.0227  35  TYR A CE1 
260 C CE2 . TYR A 35  ? 0.6431 0.4840 0.4354 -0.0259 -0.0353 0.0368  35  TYR A CE2 
261 C CZ  . TYR A 35  ? 0.6813 0.5244 0.4860 -0.0304 -0.0558 0.0315  35  TYR A CZ  
262 O OH  . TYR A 35  ? 0.8405 0.6628 0.6209 -0.0363 -0.0669 0.0343  35  TYR A OH  
263 N N   . GLU A 36  ? 0.4074 0.3541 0.3298 -0.0147 -0.0125 0.0095  36  GLU A N   
264 C CA  . GLU A 36  ? 0.3976 0.3626 0.3392 -0.0114 -0.0045 0.0075  36  GLU A CA  
265 C C   . GLU A 36  ? 0.4183 0.3983 0.3850 -0.0038 -0.0181 0.0069  36  GLU A C   
266 O O   . GLU A 36  ? 0.4220 0.3990 0.3935 -0.0022 -0.0351 0.0057  36  GLU A O   
267 C CB  . GLU A 36  ? 0.3799 0.3619 0.3362 -0.0210 0.0010  -0.0058 36  GLU A CB  
268 C CG  . GLU A 36  ? 0.6475 0.6505 0.6302 -0.0252 -0.0140 -0.0197 36  GLU A CG  
269 C CD  . GLU A 36  ? 0.5689 0.5977 0.5708 -0.0361 -0.0074 -0.0348 36  GLU A CD  
270 O OE1 . GLU A 36  ? 0.6591 0.6881 0.6547 -0.0401 0.0078  -0.0335 36  GLU A OE1 
271 O OE2 . GLU A 36  ? 0.7111 0.7612 0.7338 -0.0414 -0.0176 -0.0486 36  GLU A OE2 
272 N N   . CYS A 37  ? 0.3550 0.3482 0.3356 0.0007  -0.0118 0.0078  37  CYS A N   
273 C CA  . CYS A 37  ? 0.3500 0.3547 0.3524 0.0076  -0.0244 0.0068  37  CYS A CA  
274 C C   . CYS A 37  ? 0.5143 0.5461 0.5488 0.0073  -0.0256 -0.0084 37  CYS A C   
275 O O   . CYS A 37  ? 0.3402 0.3825 0.3779 0.0040  -0.0109 -0.0109 37  CYS A O   
276 C CB  . CYS A 37  ? 0.3530 0.3526 0.3454 0.0125  -0.0173 0.0196  37  CYS A CB  
277 S SG  . CYS A 37  ? 0.4328 0.4082 0.3897 0.0122  -0.0151 0.0348  37  CYS A SG  
278 N N   . LYS A 38  ? 0.3659 0.4092 0.4233 0.0114  -0.0437 -0.0193 38  LYS A N   
279 C CA  . LYS A 38  ? 0.3384 0.4126 0.4296 0.0124  -0.0462 -0.0372 38  LYS A CA  
280 C C   . LYS A 38  ? 0.3381 0.4169 0.4498 0.0248  -0.0658 -0.0423 38  LYS A C   
281 O O   . LYS A 38  ? 0.4436 0.5011 0.5444 0.0304  -0.0827 -0.0350 38  LYS A O   
282 C CB  . LYS A 38  ? 0.4162 0.5074 0.5196 0.0052  -0.0496 -0.0523 38  LYS A CB  
283 C CG  . LYS A 38  ? 0.8165 0.9171 0.9128 -0.0094 -0.0292 -0.0569 38  LYS A CG  
284 C CD  . LYS A 38  ? 0.9185 1.0314 1.0199 -0.0197 -0.0332 -0.0691 38  LYS A CD  
285 C CE  . LYS A 38  ? 0.9257 1.0731 1.0668 -0.0131 -0.0508 -0.0889 38  LYS A CE  
286 N NZ  . LYS A 38  ? 0.9385 1.1053 1.0878 -0.0249 -0.0536 -0.1028 38  LYS A NZ  
287 N N   . GLY A 39  ? 0.3140 0.4188 0.4532 0.0284  -0.0642 -0.0557 39  GLY A N   
288 C CA  . GLY A 39  ? 0.3602 0.4686 0.5188 0.0416  -0.0819 -0.0625 39  GLY A CA  
289 C C   . GLY A 39  ? 0.4309 0.5415 0.5909 0.0431  -0.0718 -0.0581 39  GLY A C   
290 O O   . GLY A 39  ? 0.6203 0.7268 0.7642 0.0352  -0.0527 -0.0473 39  GLY A O   
291 N N   . GLY A 40  ? 0.7799 0.8955 0.9586 0.0545  -0.0865 -0.0674 40  GLY A N   
292 C CA  . GLY A 40  ? 0.6815 0.8018 0.8652 0.0565  -0.0792 -0.0668 40  GLY A CA  
293 C C   . GLY A 40  ? 0.4492 0.5373 0.6097 0.0591  -0.0877 -0.0489 40  GLY A C   
294 O O   . GLY A 40  ? 0.4112 0.4731 0.5545 0.0613  -0.1034 -0.0399 40  GLY A O   
295 N N   . CYS A 41  ? 0.4225 0.5131 0.5802 0.0567  -0.0763 -0.0436 41  CYS A N   
296 C CA  . CYS A 41  ? 0.3461 0.4123 0.4850 0.0571  -0.0832 -0.0292 41  CYS A CA  
297 C C   . CYS A 41  ? 0.4458 0.5194 0.6038 0.0657  -0.0918 -0.0422 41  CYS A C   
298 O O   . CYS A 41  ? 0.5658 0.6576 0.7334 0.0631  -0.0774 -0.0464 41  CYS A O   
299 C CB  . CYS A 41  ? 0.4150 0.4791 0.5339 0.0473  -0.0633 -0.0122 41  CYS A CB  
300 S SG  . CYS A 41  ? 0.4138 0.4696 0.5109 0.0401  -0.0534 -0.0006 41  CYS A SG  
301 N N   . PHE A 42  ? 0.3458 0.4042 0.5085 0.0767  -0.1163 -0.0499 42  PHE A N   
302 C CA  . PHE A 42  ? 0.4214 0.4823 0.6004 0.0876  -0.1278 -0.0639 42  PHE A CA  
303 C C   . PHE A 42  ? 0.3948 0.4162 0.5563 0.0957  -0.1564 -0.0594 42  PHE A C   
304 O O   . PHE A 42  ? 0.4513 0.4510 0.5961 0.0947  -0.1689 -0.0513 42  PHE A O   
305 C CB  . PHE A 42  ? 0.4268 0.5245 0.6430 0.0972  -0.1274 -0.0904 42  PHE A CB  
306 C CG  . PHE A 42  ? 0.5532 0.6551 0.7804 0.1047  -0.1425 -0.1006 42  PHE A CG  
307 C CD1 . PHE A 42  ? 0.7436 0.8285 0.9761 0.1214  -0.1718 -0.1107 42  PHE A CD1 
308 C CD2 . PHE A 42  ? 0.5162 0.6367 0.7464 0.0951  -0.1289 -0.1000 42  PHE A CD2 
309 C CE1 . PHE A 42  ? 0.8370 0.9268 1.0802 0.1292  -0.1874 -0.1203 42  PHE A CE1 
310 C CE2 . PHE A 42  ? 0.7274 0.8531 0.9676 0.1009  -0.1432 -0.1095 42  PHE A CE2 
311 C CZ  . PHE A 42  ? 0.8677 0.9797 1.1157 0.1182  -0.1727 -0.1197 42  PHE A CZ  
312 N N   . PHE A 43  ? 0.4013 0.4100 0.5630 0.1026  -0.1673 -0.0646 43  PHE A N   
313 C CA  . PHE A 43  ? 0.4496 0.4139 0.5890 0.1092  -0.1961 -0.0600 43  PHE A CA  
314 C C   . PHE A 43  ? 0.5340 0.4980 0.6939 0.1300  -0.2211 -0.0814 43  PHE A C   
315 O O   . PHE A 43  ? 0.4730 0.4743 0.6691 0.1414  -0.2168 -0.1042 43  PHE A O   
316 C CB  . PHE A 43  ? 0.4098 0.3555 0.5369 0.1077  -0.1993 -0.0566 43  PHE A CB  
317 C CG  . PHE A 43  ? 0.3895 0.3351 0.4954 0.0879  -0.1781 -0.0354 43  PHE A CG  
318 C CD1 . PHE A 43  ? 0.5953 0.5149 0.6675 0.0736  -0.1797 -0.0136 43  PHE A CD1 
319 C CD2 . PHE A 43  ? 0.3780 0.3522 0.4983 0.0835  -0.1567 -0.0384 43  PHE A CD2 
320 C CE1 . PHE A 43  ? 0.4270 0.3533 0.4833 0.0568  -0.1602 0.0037  43  PHE A CE1 
321 C CE2 . PHE A 43  ? 0.4715 0.4485 0.5743 0.0672  -0.1388 -0.0201 43  PHE A CE2 
322 C CZ  . PHE A 43  ? 0.3993 0.3545 0.4719 0.0546  -0.1405 0.0004  43  PHE A CZ  
323 N N   . PRO A 44  ? 0.4438 0.3666 0.5798 0.1346  -0.2479 -0.0750 44  PRO A N   
324 C CA  . PRO A 44  ? 0.5910 0.4695 0.6814 0.1187  -0.2538 -0.0492 44  PRO A CA  
325 C C   . PRO A 44  ? 0.8532 0.7433 0.9346 0.1044  -0.2371 -0.0355 44  PRO A C   
326 O O   . PRO A 44  ? 0.5842 0.4963 0.6860 0.1107  -0.2370 -0.0461 44  PRO A O   
327 C CB  . PRO A 44  ? 0.5563 0.3885 0.6281 0.1321  -0.2917 -0.0530 44  PRO A CB  
328 C CG  . PRO A 44  ? 0.7282 0.5912 0.8360 0.1491  -0.2957 -0.0781 44  PRO A CG  
329 C CD  . PRO A 44  ? 0.4839 0.4020 0.6354 0.1554  -0.2748 -0.0947 44  PRO A CD  
330 N N   . LEU A 45  ? 0.6375 0.5142 0.6891 0.0852  -0.2234 -0.0136 45  LEU A N   
331 C CA  . LEU A 45  ? 0.8384 0.7278 0.8813 0.0725  -0.2050 -0.0017 45  LEU A CA  
332 C C   . LEU A 45  ? 1.0299 0.8867 1.0476 0.0708  -0.2252 0.0052  45  LEU A C   
333 O O   . LEU A 45  ? 0.9531 0.7685 0.9469 0.0733  -0.2517 0.0084  45  LEU A O   
334 C CB  . LEU A 45  ? 0.7870 0.6782 0.8091 0.0545  -0.1835 0.0171  45  LEU A CB  
335 C CG  . LEU A 45  ? 0.6936 0.6197 0.7383 0.0541  -0.1600 0.0126  45  LEU A CG  
336 C CD1 . LEU A 45  ? 0.8036 0.7273 0.8259 0.0383  -0.1455 0.0306  45  LEU A CD1 
337 C CD2 . LEU A 45  ? 0.7153 0.6788 0.7856 0.0568  -0.1399 0.0039  45  LEU A CD2 
338 N N   . ALA A 46  ? 1.4359 1.3088 1.4563 0.0665  -0.2135 0.0071  46  ALA A N   
339 C CA  . ALA A 46  ? 1.4241 1.2668 1.4159 0.0612  -0.2288 0.0162  46  ALA A CA  
340 C C   . ALA A 46  ? 1.5490 1.3638 1.4980 0.0417  -0.2240 0.0384  46  ALA A C   
341 O O   . ALA A 46  ? 1.6302 1.4607 1.5767 0.0316  -0.2022 0.0468  46  ALA A O   
342 C CB  . ALA A 46  ? 1.3795 1.2473 1.3842 0.0602  -0.2159 0.0120  46  ALA A CB  
343 N N   . ASP A 47  ? 1.5281 1.3021 1.4423 0.0356  -0.2452 0.0472  47  ASP A N   
344 C CA  . ASP A 47  ? 1.5342 1.2795 1.4042 0.0147  -0.2436 0.0671  47  ASP A CA  
345 C C   . ASP A 47  ? 1.6174 1.3897 1.4817 0.0002  -0.2127 0.0775  47  ASP A C   
346 O O   . ASP A 47  ? 1.5762 1.3537 1.4256 -0.0139 -0.1979 0.0886  47  ASP A O   
347 C CB  . ASP A 47  ? 1.4571 1.1514 1.2878 0.0097  -0.2730 0.0739  47  ASP A CB  
348 C CG  . ASP A 47  ? 1.4762 1.1432 1.2580 -0.0163 -0.2692 0.0939  47  ASP A CG  
349 O OD1 . ASP A 47  ? 1.5675 1.2440 1.3345 -0.0290 -0.2535 0.1024  47  ASP A OD1 
350 O OD2 . ASP A 47  ? 1.4102 1.0531 1.1728 -0.0257 -0.2760 0.0970  47  ASP A OD2 
351 N N   . ASP A 48  ? 1.4689 1.2592 1.3445 0.0040  -0.2031 0.0731  48  ASP A N   
352 C CA  . ASP A 48  ? 1.5467 1.3550 1.4112 -0.0078 -0.1777 0.0821  48  ASP A CA  
353 C C   . ASP A 48  ? 1.4734 1.3250 1.3689 -0.0022 -0.1498 0.0767  48  ASP A C   
354 O O   . ASP A 48  ? 1.6012 1.4688 1.4931 -0.0063 -0.1300 0.0799  48  ASP A O   
355 C CB  . ASP A 48  ? 1.5395 1.3379 1.3931 -0.0082 -0.1831 0.0811  48  ASP A CB  
356 C CG  . ASP A 48  ? 1.6740 1.4860 1.5610 0.0088  -0.1923 0.0642  48  ASP A CG  
357 O OD1 . ASP A 48  ? 1.7479 1.5540 1.6522 0.0210  -0.2121 0.0542  48  ASP A OD1 
358 O OD2 . ASP A 48  ? 1.7067 1.5363 1.6025 0.0097  -0.1797 0.0601  48  ASP A OD2 
359 N N   . VAL A 49  ? 1.5159 1.3836 1.4387 0.0070  -0.1485 0.0682  49  VAL A N   
360 C CA  . VAL A 49  ? 1.4290 1.3336 1.3767 0.0109  -0.1233 0.0639  49  VAL A CA  
361 C C   . VAL A 49  ? 1.2561 1.1713 1.1886 -0.0002 -0.1040 0.0766  49  VAL A C   
362 O O   . VAL A 49  ? 0.8398 0.7821 0.7855 0.0023  -0.0827 0.0755  49  VAL A O   
363 C CB  . VAL A 49  ? 1.2925 1.2123 1.2721 0.0223  -0.1265 0.0507  49  VAL A CB  
364 C CG1 . VAL A 49  ? 1.0398 0.9943 1.0413 0.0249  -0.1016 0.0459  49  VAL A CG1 
365 C CG2 . VAL A 49  ? 1.3975 1.3117 1.3949 0.0347  -0.1471 0.0356  49  VAL A CG2 
366 N N   . THR A 50  ? 1.0383 0.9336 0.9428 -0.0128 -0.1117 0.0882  50  THR A N   
367 C CA  . THR A 50  ? 0.9753 0.8852 0.8663 -0.0247 -0.0948 0.0990  50  THR A CA  
368 C C   . THR A 50  ? 0.8296 0.7698 0.7470 -0.0180 -0.0797 0.0949  50  THR A C   
369 O O   . THR A 50  ? 0.7957 0.7616 0.7164 -0.0185 -0.0591 0.0980  50  THR A O   
370 C CB  . THR A 50  ? 1.0678 0.9883 0.9440 -0.0302 -0.0785 0.1046  50  THR A CB  
371 O OG1 . THR A 50  ? 0.9021 0.8490 0.8010 -0.0183 -0.0604 0.0975  50  THR A OG1 
372 C CG2 . THR A 50  ? 1.0972 0.9893 0.9517 -0.0340 -0.0928 0.1058  50  THR A CG2 
373 N N   . PRO A 51  ? 0.6756 0.6125 0.6110 -0.0107 -0.0901 0.0872  51  PRO A N   
374 C CA  . PRO A 51  ? 0.5625 0.5274 0.5225 -0.0044 -0.0757 0.0820  51  PRO A CA  
375 C C   . PRO A 51  ? 0.4288 0.4060 0.3782 -0.0153 -0.0656 0.0924  51  PRO A C   
376 O O   . PRO A 51  ? 0.4603 0.4201 0.3880 -0.0279 -0.0759 0.1005  51  PRO A O   
377 C CB  . PRO A 51  ? 0.6301 0.5852 0.6081 0.0048  -0.0920 0.0702  51  PRO A CB  
378 C CG  . PRO A 51  ? 0.5740 0.4927 0.5284 -0.0008 -0.1154 0.0747  51  PRO A CG  
379 C CD  . PRO A 51  ? 0.6202 0.5264 0.5515 -0.0081 -0.1161 0.0827  51  PRO A CD  
380 N N   . THR A 52  ? 0.4130 0.4197 0.3758 -0.0113 -0.0460 0.0920  52  THR A N   
381 C CA  . THR A 52  ? 0.4581 0.4832 0.4177 -0.0190 -0.0367 0.0992  52  THR A CA  
382 C C   . THR A 52  ? 0.4435 0.4634 0.4131 -0.0191 -0.0462 0.0954  52  THR A C   
383 O O   . THR A 52  ? 0.3523 0.3627 0.3373 -0.0093 -0.0550 0.0846  52  THR A O   
384 C CB  . THR A 52  ? 0.3471 0.4026 0.3189 -0.0113 -0.0160 0.0983  52  THR A CB  
385 O OG1 . THR A 52  ? 0.3690 0.4285 0.3625 0.0001  -0.0137 0.0881  52  THR A OG1 
386 C CG2 . THR A 52  ? 0.3826 0.4412 0.3435 -0.0092 -0.0067 0.1007  52  THR A CG2 
387 N N   . LYS A 53  ? 0.3862 0.4141 0.3466 -0.0305 -0.0441 0.1030  53  LYS A N   
388 C CA  . LYS A 53  ? 0.3362 0.3596 0.3038 -0.0315 -0.0516 0.0996  53  LYS A CA  
389 C C   . LYS A 53  ? 0.3073 0.3511 0.3020 -0.0180 -0.0411 0.0898  53  LYS A C   
390 O O   . LYS A 53  ? 0.3073 0.3423 0.3139 -0.0121 -0.0495 0.0805  53  LYS A O   
391 C CB  . LYS A 53  ? 0.3504 0.3838 0.3031 -0.0481 -0.0487 0.1100  53  LYS A CB  
392 C CG  . LYS A 53  ? 0.4204 0.4305 0.3412 -0.0666 -0.0601 0.1198  53  LYS A CG  
393 C CD  . LYS A 53  ? 0.6259 0.6409 0.5315 -0.0859 -0.0612 0.1277  53  LYS A CD  
394 C CE  . LYS A 53  ? 0.8306 0.8292 0.7010 -0.1088 -0.0677 0.1385  53  LYS A CE  
395 N NZ  . LYS A 53  ? 0.5666 0.5965 0.4344 -0.1130 -0.0506 0.1429  53  LYS A NZ  
396 N N   . HIS A 54  ? 0.2740 0.3438 0.2765 -0.0129 -0.0233 0.0911  54  HIS A N   
397 C CA  . HIS A 54  ? 0.2521 0.3372 0.2746 -0.0027 -0.0138 0.0827  54  HIS A CA  
398 C C   . HIS A 54  ? 0.2494 0.3232 0.2855 0.0068  -0.0192 0.0699  54  HIS A C   
399 O O   . HIS A 54  ? 0.2779 0.3561 0.3295 0.0114  -0.0192 0.0599  54  HIS A O   
400 C CB  . HIS A 54  ? 0.2726 0.3806 0.2956 0.0018  0.0038  0.0867  54  HIS A CB  
401 C CG  . HIS A 54  ? 0.2211 0.3419 0.2576 0.0084  0.0126  0.0807  54  HIS A CG  
402 N ND1 . HIS A 54  ? 0.2142 0.3307 0.2607 0.0155  0.0159  0.0707  54  HIS A ND1 
403 C CD2 . HIS A 54  ? 0.2491 0.3857 0.2888 0.0070  0.0179  0.0832  54  HIS A CD2 
404 C CE1 . HIS A 54  ? 0.2049 0.3323 0.2579 0.0174  0.0234  0.0676  54  HIS A CE1 
405 N NE2 . HIS A 54  ? 0.2110 0.3500 0.2601 0.0132  0.0243  0.0752  54  HIS A NE2 
406 N N   . ALA A 55  ? 0.2572 0.3192 0.2883 0.0090  -0.0235 0.0690  55  ALA A N   
407 C CA  . ALA A 55  ? 0.2938 0.3494 0.3394 0.0172  -0.0297 0.0558  55  ALA A CA  
408 C C   . ALA A 55  ? 0.3228 0.3643 0.3766 0.0199  -0.0474 0.0468  55  ALA A C   
409 O O   . ALA A 55  ? 0.2601 0.3088 0.3342 0.0275  -0.0489 0.0322  55  ALA A O   
410 C CB  . ALA A 55  ? 0.2656 0.3093 0.3016 0.0178  -0.0334 0.0574  55  ALA A CB  
411 N N   . ILE A 56  ? 0.3597 0.3806 0.3965 0.0133  -0.0612 0.0544  56  ILE A N   
412 C CA  . ILE A 56  ? 0.3076 0.3088 0.3473 0.0171  -0.0804 0.0461  56  ILE A CA  
413 C C   . ILE A 56  ? 0.2948 0.3107 0.3488 0.0189  -0.0741 0.0394  56  ILE A C   
414 O O   . ILE A 56  ? 0.2942 0.3113 0.3663 0.0286  -0.0805 0.0238  56  ILE A O   
415 C CB  . ILE A 56  ? 0.3406 0.3106 0.3506 0.0062  -0.0965 0.0581  56  ILE A CB  
416 C CG1 . ILE A 56  ? 0.4139 0.3668 0.4090 0.0049  -0.1045 0.0626  56  ILE A CG1 
417 C CG2 . ILE A 56  ? 0.4115 0.3554 0.4188 0.0100  -0.1172 0.0506  56  ILE A CG2 
418 C CD1 . ILE A 56  ? 0.5465 0.4733 0.5065 -0.0111 -0.1141 0.0775  56  ILE A CD1 
419 N N   . VAL A 57  ? 0.2856 0.3149 0.3319 0.0097  -0.0615 0.0501  57  VAL A N   
420 C CA  . VAL A 57  ? 0.2751 0.3177 0.3319 0.0097  -0.0553 0.0452  57  VAL A CA  
421 C C   . VAL A 57  ? 0.3010 0.3646 0.3814 0.0191  -0.0438 0.0313  57  VAL A C   
422 O O   . VAL A 57  ? 0.2524 0.3195 0.3465 0.0239  -0.0462 0.0182  57  VAL A O   
423 C CB  . VAL A 57  ? 0.3102 0.3684 0.3557 -0.0011 -0.0431 0.0592  57  VAL A CB  
424 C CG1 . VAL A 57  ? 0.3262 0.3996 0.3825 -0.0007 -0.0357 0.0540  57  VAL A CG1 
425 C CG2 . VAL A 57  ? 0.4089 0.4484 0.4305 -0.0143 -0.0546 0.0711  57  VAL A CG2 
426 N N   . GLN A 58  ? 0.2613 0.3387 0.3443 0.0204  -0.0306 0.0334  58  GLN A N   
427 C CA  . GLN A 58  ? 0.2432 0.3385 0.3429 0.0251  -0.0187 0.0214  58  GLN A CA  
428 C C   . GLN A 58  ? 0.2289 0.3227 0.3468 0.0330  -0.0288 0.0034  58  GLN A C   
429 O O   . GLN A 58  ? 0.2404 0.3494 0.3750 0.0355  -0.0236 -0.0110 58  GLN A O   
430 C CB  . GLN A 58  ? 0.2360 0.3397 0.3291 0.0241  -0.0044 0.0281  58  GLN A CB  
431 C CG  . GLN A 58  ? 0.6044 0.7228 0.7080 0.0249  0.0086  0.0176  58  GLN A CG  
432 C CD  . GLN A 58  ? 0.3339 0.4552 0.4240 0.0233  0.0228  0.0263  58  GLN A CD  
433 O OE1 . GLN A 58  ? 0.3241 0.4436 0.4001 0.0228  0.0256  0.0397  58  GLN A OE1 
434 N NE2 . GLN A 58  ? 0.4394 0.5654 0.5328 0.0220  0.0312  0.0175  58  GLN A NE2 
435 N N   . THR A 59  ? 0.2412 0.3184 0.3561 0.0370  -0.0437 0.0030  59  THR A N   
436 C CA  . THR A 59  ? 0.2474 0.3253 0.3814 0.0469  -0.0559 -0.0154 59  THR A CA  
437 C C   . THR A 59  ? 0.3196 0.3944 0.4638 0.0529  -0.0665 -0.0276 59  THR A C   
438 O O   . THR A 59  ? 0.2515 0.3445 0.4190 0.0603  -0.0659 -0.0474 59  THR A O   
439 C CB  . THR A 59  ? 0.2657 0.3216 0.3902 0.0503  -0.0730 -0.0118 59  THR A CB  
440 O OG1 . THR A 59  ? 0.3305 0.3887 0.4438 0.0445  -0.0622 -0.0010 59  THR A OG1 
441 C CG2 . THR A 59  ? 0.2834 0.3438 0.4304 0.0629  -0.0872 -0.0324 59  THR A CG2 
442 N N   . LEU A 60  ? 0.2919 0.3447 0.4182 0.0491  -0.0760 -0.0171 60  LEU A N   
443 C CA  . LEU A 60  ? 0.2849 0.3306 0.4166 0.0542  -0.0861 -0.0282 60  LEU A CA  
444 C C   . LEU A 60  ? 0.2651 0.3381 0.4106 0.0515  -0.0681 -0.0361 60  LEU A C   
445 O O   . LEU A 60  ? 0.2679 0.3496 0.4306 0.0596  -0.0713 -0.0550 60  LEU A O   
446 C CB  . LEU A 60  ? 0.3088 0.3232 0.4131 0.0464  -0.0986 -0.0132 60  LEU A CB  
447 C CG  . LEU A 60  ? 0.3369 0.3179 0.4218 0.0470  -0.1189 -0.0058 60  LEU A CG  
448 C CD1 . LEU A 60  ? 0.7275 0.6821 0.7798 0.0321  -0.1255 0.0127  60  LEU A CD1 
449 C CD2 . LEU A 60  ? 0.3605 0.3236 0.4556 0.0638  -0.1419 -0.0244 60  LEU A CD2 
450 N N   . VAL A 61  ? 0.2496 0.3353 0.3860 0.0407  -0.0498 -0.0224 61  VAL A N   
451 C CA  . VAL A 61  ? 0.2333 0.3413 0.3781 0.0368  -0.0335 -0.0285 61  VAL A CA  
452 C C   . VAL A 61  ? 0.2223 0.3539 0.3892 0.0413  -0.0247 -0.0474 61  VAL A C   
453 O O   . VAL A 61  ? 0.2521 0.3992 0.4317 0.0420  -0.0191 -0.0627 61  VAL A O   
454 C CB  . VAL A 61  ? 0.2889 0.4042 0.4183 0.0265  -0.0181 -0.0103 61  VAL A CB  
455 C CG1 . VAL A 61  ? 0.3111 0.4453 0.4453 0.0222  -0.0027 -0.0163 61  VAL A CG1 
456 C CG2 . VAL A 61  ? 0.4055 0.5052 0.5156 0.0199  -0.0256 0.0061  61  VAL A CG2 
457 N N   . HIS A 62  ? 0.2219 0.3577 0.3919 0.0424  -0.0224 -0.0469 62  HIS A N   
458 C CA  . HIS A 62  ? 0.2939 0.4537 0.4840 0.0438  -0.0144 -0.0649 62  HIS A CA  
459 C C   . HIS A 62  ? 0.4026 0.5708 0.6161 0.0553  -0.0273 -0.0883 62  HIS A C   
460 O O   . HIS A 62  ? 0.2800 0.4744 0.5115 0.0546  -0.0182 -0.1071 62  HIS A O   
461 C CB  . HIS A 62  ? 0.2110 0.3696 0.3982 0.0430  -0.0132 -0.0600 62  HIS A CB  
462 C CG  . HIS A 62  ? 0.2332 0.4163 0.4420 0.0438  -0.0090 -0.0801 62  HIS A CG  
463 N ND1 . HIS A 62  ? 0.2301 0.4339 0.4407 0.0330  0.0101  -0.0862 62  HIS A ND1 
464 C CD2 . HIS A 62  ? 0.2454 0.4370 0.4745 0.0532  -0.0220 -0.0965 62  HIS A CD2 
465 C CE1 . HIS A 62  ? 0.3177 0.5441 0.5489 0.0335  0.0102  -0.1054 62  HIS A CE1 
466 N NE2 . HIS A 62  ? 0.3017 0.5235 0.5467 0.0470  -0.0093 -0.1125 62  HIS A NE2 
467 N N   . LEU A 63  ? 0.2539 0.3998 0.4661 0.0661  -0.0491 -0.0883 63  LEU A N   
468 C CA  . LEU A 63  ? 0.3219 0.4714 0.5545 0.0807  -0.0648 -0.1109 63  LEU A CA  
469 C C   . LEU A 63  ? 0.3010 0.4608 0.5390 0.0800  -0.0581 -0.1218 63  LEU A C   
470 O O   . LEU A 63  ? 0.2662 0.4536 0.5287 0.0861  -0.0546 -0.1460 63  LEU A O   
471 C CB  . LEU A 63  ? 0.3891 0.5008 0.6085 0.0910  -0.0914 -0.1050 63  LEU A CB  
472 C CG  . LEU A 63  ? 0.7239 0.8311 0.9518 0.1013  -0.1073 -0.1111 63  LEU A CG  
473 C CD1 . LEU A 63  ? 0.7784 0.8882 0.9955 0.0901  -0.0959 -0.0948 63  LEU A CD1 
474 C CD2 . LEU A 63  ? 1.1739 1.2383 1.3844 0.1114  -0.1358 -0.1068 63  LEU A CD2 
475 N N   . LYS A 64  ? 0.3359 0.4761 0.5518 0.0720  -0.0562 -0.1051 64  LYS A N   
476 C CA  . LYS A 64  ? 0.3307 0.4774 0.5488 0.0706  -0.0510 -0.1145 64  LYS A CA  
477 C C   . LYS A 64  ? 0.3871 0.5685 0.6156 0.0605  -0.0268 -0.1230 64  LYS A C   
478 O O   . LYS A 64  ? 0.4398 0.6397 0.6826 0.0631  -0.0223 -0.1431 64  LYS A O   
479 C CB  . LYS A 64  ? 0.3747 0.4943 0.5653 0.0617  -0.0540 -0.0934 64  LYS A CB  
480 C CG  . LYS A 64  ? 0.6544 0.7364 0.8309 0.0691  -0.0788 -0.0897 64  LYS A CG  
481 C CD  . LYS A 64  ? 0.5848 0.6608 0.7716 0.0822  -0.0915 -0.1122 64  LYS A CD  
482 C CE  . LYS A 64  ? 0.6550 0.7343 0.8343 0.0736  -0.0818 -0.1127 64  LYS A CE  
483 N NZ  . LYS A 64  ? 0.6467 0.7193 0.8355 0.0879  -0.0943 -0.1368 64  LYS A NZ  
484 N N   . PHE A 65  ? 0.3831 0.5713 0.6014 0.0485  -0.0115 -0.1081 65  PHE A N   
485 C CA  . PHE A 65  ? 0.3295 0.5413 0.5475 0.0358  0.0106  -0.1116 65  PHE A CA  
486 C C   . PHE A 65  ? 0.2305 0.4558 0.4521 0.0306  0.0201  -0.1118 65  PHE A C   
487 O O   . PHE A 65  ? 0.3405 0.5589 0.5432 0.0209  0.0307  -0.0945 65  PHE A O   
488 C CB  . PHE A 65  ? 0.4548 0.6547 0.6481 0.0247  0.0196  -0.0909 65  PHE A CB  
489 C CG  . PHE A 65  ? 0.5365 0.7195 0.7215 0.0273  0.0091  -0.0867 65  PHE A CG  
490 C CD1 . PHE A 65  ? 0.5887 0.7464 0.7601 0.0299  -0.0048 -0.0699 65  PHE A CD1 
491 C CD2 . PHE A 65  ? 0.6481 0.8398 0.8363 0.0247  0.0137  -0.0994 65  PHE A CD2 
492 C CE1 . PHE A 65  ? 0.6912 0.8317 0.8519 0.0292  -0.0147 -0.0657 65  PHE A CE1 
493 C CE2 . PHE A 65  ? 0.6135 0.7873 0.7917 0.0258  0.0035  -0.0954 65  PHE A CE2 
494 C CZ  . PHE A 65  ? 0.5946 0.7420 0.7584 0.0276  -0.0109 -0.0783 65  PHE A CZ  
495 N N   . PRO A 66  ? 0.2655 0.5108 0.5110 0.0369  0.0164  -0.1323 66  PRO A N   
496 C CA  . PRO A 66  ? 0.3324 0.5874 0.5797 0.0315  0.0227  -0.1317 66  PRO A CA  
497 C C   . PRO A 66  ? 0.5806 0.8479 0.8152 0.0132  0.0449  -0.1292 66  PRO A C   
498 O O   . PRO A 66  ? 0.4696 0.7316 0.6929 0.0064  0.0504  -0.1198 66  PRO A O   
499 C CB  . PRO A 66  ? 0.2098 0.4901 0.4891 0.0422  0.0134  -0.1583 66  PRO A CB  
500 C CG  . PRO A 66  ? 0.2682 0.5594 0.5626 0.0506  0.0088  -0.1766 66  PRO A CG  
501 C CD  . PRO A 66  ? 0.2518 0.5095 0.5229 0.0514  0.0032  -0.1566 66  PRO A CD  
502 N N   . THR A 67  ? 0.3871 0.6678 0.6201 0.0042  0.0571  -0.1376 67  THR A N   
503 C CA  . THR A 67  ? 0.5405 0.8284 0.7563 -0.0151 0.0768  -0.1353 67  THR A CA  
504 C C   . THR A 67  ? 0.4354 0.6945 0.6181 -0.0211 0.0818  -0.1091 67  THR A C   
505 O O   . THR A 67  ? 0.7302 0.9823 0.8916 -0.0337 0.0933  -0.1010 67  THR A O   
506 C CB  . THR A 67  ? 0.5833 0.8984 0.8083 -0.0249 0.0887  -0.1566 67  THR A CB  
507 O OG1 . THR A 67  ? 0.7109 1.0158 0.9311 -0.0197 0.0848  -0.1530 67  THR A OG1 
508 C CG2 . THR A 67  ? 0.4481 0.7895 0.7015 -0.0183 0.0821  -0.1825 67  THR A CG2 
509 N N   . LYS A 68  ? 0.3836 0.6257 0.5605 -0.0123 0.0724  -0.0965 68  LYS A N   
510 C CA  . LYS A 68  ? 0.4661 0.6869 0.6154 -0.0161 0.0759  -0.0735 68  LYS A CA  
511 C C   . LYS A 68  ? 0.5079 0.7098 0.6468 -0.0091 0.0688  -0.0545 68  LYS A C   
512 O O   . LYS A 68  ? 0.6025 0.7910 0.7187 -0.0125 0.0744  -0.0381 68  LYS A O   
513 C CB  . LYS A 68  ? 0.5255 0.7416 0.6730 -0.0129 0.0704  -0.0699 68  LYS A CB  
514 C CG  . LYS A 68  ? 0.7644 0.9983 0.9215 -0.0186 0.0766  -0.0896 68  LYS A CG  
515 C CD  . LYS A 68  ? 0.7774 1.0027 0.9272 -0.0173 0.0717  -0.0837 68  LYS A CD  
516 C CE  . LYS A 68  ? 0.9283 1.1707 1.0908 -0.0198 0.0753  -0.1062 68  LYS A CE  
517 N NZ  . LYS A 68  ? 0.8321 1.0938 0.9920 -0.0343 0.0926  -0.1195 68  LYS A NZ  
518 N N   . VAL A 69  ? 0.4558 0.6557 0.6094 0.0011  0.0562  -0.0570 69  VAL A N   
519 C CA  . VAL A 69  ? 0.3027 0.4847 0.4456 0.0070  0.0487  -0.0395 69  VAL A CA  
520 C C   . VAL A 69  ? 0.3319 0.5159 0.4858 0.0109  0.0433  -0.0468 69  VAL A C   
521 O O   . VAL A 69  ? 0.3164 0.5099 0.4916 0.0171  0.0337  -0.0624 69  VAL A O   
522 C CB  . VAL A 69  ? 0.3443 0.5150 0.4869 0.0140  0.0351  -0.0308 69  VAL A CB  
523 C CG1 . VAL A 69  ? 0.3289 0.4842 0.4601 0.0178  0.0284  -0.0145 69  VAL A CG1 
524 C CG2 . VAL A 69  ? 0.4421 0.6125 0.5737 0.0092  0.0399  -0.0232 69  VAL A CG2 
525 N N   . GLY A 70  ? 0.3045 0.4784 0.4431 0.0085  0.0480  -0.0358 70  GLY A N   
526 C CA  . GLY A 70  ? 0.3410 0.5147 0.4865 0.0108  0.0431  -0.0409 70  GLY A CA  
527 C C   . GLY A 70  ? 0.4143 0.5743 0.5616 0.0206  0.0269  -0.0335 70  GLY A C   
528 O O   . GLY A 70  ? 0.2536 0.4024 0.3931 0.0240  0.0205  -0.0220 70  GLY A O   
529 N N   . LYS A 71  ? 0.3256 0.4865 0.4815 0.0234  0.0198  -0.0406 71  LYS A N   
530 C CA  . LYS A 71  ? 0.3669 0.5124 0.5221 0.0313  0.0031  -0.0352 71  LYS A CA  
531 C C   . LYS A 71  ? 0.3222 0.4489 0.4523 0.0292  0.0061  -0.0151 71  LYS A C   
532 O O   . LYS A 71  ? 0.3483 0.4741 0.4638 0.0239  0.0200  -0.0078 71  LYS A O   
533 C CB  . LYS A 71  ? 0.4827 0.6370 0.6550 0.0348  -0.0056 -0.0502 71  LYS A CB  
534 C CG  . LYS A 71  ? 0.5072 0.6897 0.7071 0.0359  -0.0047 -0.0742 71  LYS A CG  
535 C CD  . LYS A 71  ? 0.7021 0.8991 0.9200 0.0386  -0.0123 -0.0894 71  LYS A CD  
536 C CE  . LYS A 71  ? 0.9030 1.1362 1.1508 0.0386  -0.0091 -0.1156 71  LYS A CE  
537 N NZ  . LYS A 71  ? 0.9308 1.1830 1.2014 0.0441  -0.0205 -0.1330 71  LYS A NZ  
538 N N   . ALA A 72  ? 0.3790 0.4892 0.5023 0.0335  -0.0079 -0.0068 72  ALA A N   
539 C CA  . ALA A 72  ? 0.4558 0.5514 0.5582 0.0316  -0.0066 0.0079  72  ALA A CA  
540 C C   . ALA A 72  ? 0.4708 0.5667 0.5740 0.0308  -0.0049 0.0016  72  ALA A C   
541 O O   . ALA A 72  ? 0.3430 0.4496 0.4650 0.0325  -0.0104 -0.0139 72  ALA A O   
542 C CB  . ALA A 72  ? 0.4221 0.4994 0.5147 0.0332  -0.0227 0.0165  72  ALA A CB  
543 N N   A CYS A 73  ? 0.4345 0.5204 0.5175 0.0282  0.0027  0.0128  73  CYS A N   
544 N N   B CYS A 73  ? 0.4226 0.5085 0.5056 0.0282  0.0026  0.0128  73  CYS A N   
545 C CA  A CYS A 73  ? 0.3954 0.4790 0.4736 0.0253  0.0072  0.0084  73  CYS A CA  
546 C CA  B CYS A 73  ? 0.3954 0.4792 0.4736 0.0254  0.0072  0.0084  73  CYS A CA  
547 C C   A CYS A 73  ? 0.3570 0.4235 0.4214 0.0265  -0.0023 0.0157  73  CYS A C   
548 C C   B CYS A 73  ? 0.3331 0.3995 0.3972 0.0264  -0.0020 0.0157  73  CYS A C   
549 O O   A CYS A 73  ? 0.3397 0.3955 0.3878 0.0271  -0.0033 0.0286  73  CYS A O   
550 O O   B CYS A 73  ? 0.3189 0.3747 0.3665 0.0271  -0.0026 0.0288  73  CYS A O   
551 C CB  A CYS A 73  ? 0.5343 0.6161 0.5956 0.0213  0.0249  0.0138  73  CYS A CB  
552 C CB  B CYS A 73  ? 0.5281 0.6104 0.5900 0.0212  0.0250  0.0134  73  CYS A CB  
553 S SG  A CYS A 73  ? 0.4306 0.5130 0.4893 0.0132  0.0322  0.0027  73  CYS A SG  
554 S SG  B CYS A 73  ? 0.7051 0.8036 0.7765 0.0168  0.0365  0.0056  73  CYS A SG  
555 N N   . CYS A 74  ? 0.6295 0.6955 0.7000 0.0256  -0.0089 0.0065  74  CYS A N   
556 C CA  . CYS A 74  ? 0.3101 0.3588 0.3658 0.0256  -0.0181 0.0122  74  CYS A CA  
557 C C   . CYS A 74  ? 0.3451 0.3844 0.3776 0.0214  -0.0037 0.0194  74  CYS A C   
558 O O   . CYS A 74  ? 0.3362 0.3800 0.3695 0.0170  0.0045  0.0120  74  CYS A O   
559 C CB  . CYS A 74  ? 0.3427 0.3966 0.4160 0.0270  -0.0327 -0.0019 74  CYS A CB  
560 S SG  . CYS A 74  ? 0.4321 0.4647 0.4875 0.0260  -0.0458 0.0031  74  CYS A SG  
561 N N   . VAL A 75  ? 0.3190 0.3451 0.3296 0.0222  -0.0010 0.0329  75  VAL A N   
562 C CA  . VAL A 75  ? 0.3425 0.3592 0.3297 0.0217  0.0128  0.0394  75  VAL A CA  
563 C C   . VAL A 75  ? 0.3929 0.3942 0.3590 0.0212  0.0085  0.0478  75  VAL A C   
564 O O   . VAL A 75  ? 0.3740 0.3714 0.3400 0.0200  -0.0035 0.0520  75  VAL A O   
565 C CB  . VAL A 75  ? 0.3405 0.3638 0.3221 0.0252  0.0263  0.0459  75  VAL A CB  
566 C CG1 . VAL A 75  ? 0.3617 0.3954 0.3564 0.0235  0.0329  0.0378  75  VAL A CG1 
567 C CG2 . VAL A 75  ? 0.3946 0.4251 0.3797 0.0270  0.0215  0.0537  75  VAL A CG2 
568 N N   . PRO A 76  ? 0.3496 0.3393 0.2944 0.0213  0.0178  0.0504  76  PRO A N   
569 C CA  . PRO A 76  ? 0.3492 0.3269 0.2715 0.0209  0.0170  0.0583  76  PRO A CA  
570 C C   . PRO A 76  ? 0.3823 0.3705 0.3004 0.0235  0.0221  0.0674  76  PRO A C   
571 O O   . PRO A 76  ? 0.4193 0.4189 0.3407 0.0290  0.0328  0.0689  76  PRO A O   
572 C CB  . PRO A 76  ? 0.3801 0.3440 0.2813 0.0223  0.0278  0.0569  76  PRO A CB  
573 C CG  . PRO A 76  ? 0.4811 0.4458 0.3933 0.0193  0.0293  0.0475  76  PRO A CG  
574 C CD  . PRO A 76  ? 0.3750 0.3589 0.3123 0.0203  0.0282  0.0450  76  PRO A CD  
575 N N   . THR A 77  ? 0.3648 0.3491 0.2747 0.0184  0.0136  0.0733  77  THR A N   
576 C CA  . THR A 77  ? 0.4323 0.4281 0.3352 0.0167  0.0180  0.0817  77  THR A CA  
577 C C   . THR A 77  ? 0.5484 0.5403 0.4260 0.0146  0.0247  0.0863  77  THR A C   
578 O O   . THR A 77  ? 0.6244 0.6322 0.4959 0.0133  0.0321  0.0916  77  THR A O   
579 C CB  . THR A 77  ? 0.3822 0.3759 0.2914 0.0090  0.0028  0.0849  77  THR A CB  
580 O OG1 . THR A 77  ? 0.4474 0.4195 0.3464 0.0032  -0.0122 0.0843  77  THR A OG1 
581 C CG2 . THR A 77  ? 0.3855 0.3871 0.3206 0.0128  -0.0019 0.0792  77  THR A CG2 
582 N N   . LYS A 78  ? 0.5054 0.4790 0.3685 0.0136  0.0228  0.0836  78  LYS A N   
583 C CA  . LYS A 78  ? 0.5081 0.4771 0.3458 0.0130  0.0311  0.0857  78  LYS A CA  
584 C C   . LYS A 78  ? 0.5298 0.4794 0.3567 0.0166  0.0329  0.0797  78  LYS A C   
585 O O   . LYS A 78  ? 0.5034 0.4401 0.3372 0.0127  0.0217  0.0757  78  LYS A O   
586 C CB  . LYS A 78  ? 0.5023 0.4636 0.3228 0.0000  0.0219  0.0917  78  LYS A CB  
587 C CG  . LYS A 78  ? 0.6621 0.6233 0.4559 -0.0021 0.0324  0.0932  78  LYS A CG  
588 C CD  . LYS A 78  ? 0.8712 0.8202 0.6436 -0.0185 0.0221  0.0993  78  LYS A CD  
589 C CE  . LYS A 78  ? 0.9298 0.8783 0.6738 -0.0221 0.0329  0.0990  78  LYS A CE  
590 N NZ  . LYS A 78  ? 1.1080 1.0390 0.8265 -0.0406 0.0216  0.1050  78  LYS A NZ  
591 N N   . LEU A 79  ? 0.5043 0.4526 0.3141 0.0242  0.0464  0.0783  79  LEU A N   
592 C CA  . LEU A 79  ? 0.4486 0.3753 0.2434 0.0278  0.0495  0.0727  79  LEU A CA  
593 C C   . LEU A 79  ? 0.5720 0.4878 0.3378 0.0265  0.0541  0.0731  79  LEU A C   
594 O O   . LEU A 79  ? 0.5681 0.4987 0.3264 0.0257  0.0594  0.0766  79  LEU A O   
595 C CB  . LEU A 79  ? 0.4478 0.3749 0.2440 0.0400  0.0606  0.0691  79  LEU A CB  
596 C CG  . LEU A 79  ? 0.4300 0.3680 0.2515 0.0406  0.0584  0.0681  79  LEU A CG  
597 C CD1 . LEU A 79  ? 0.4809 0.4181 0.2974 0.0528  0.0692  0.0665  79  LEU A CD1 
598 C CD2 . LEU A 79  ? 0.4034 0.3301 0.2345 0.0315  0.0488  0.0629  79  LEU A CD2 
599 N N   . SER A 80  ? 0.5106 0.4016 0.2596 0.0248  0.0523  0.0687  80  SER A N   
600 C CA  . SER A 80  ? 0.5110 0.3875 0.2302 0.0229  0.0560  0.0679  80  SER A CA  
601 C C   . SER A 80  ? 0.5298 0.3862 0.2295 0.0328  0.0652  0.0616  80  SER A C   
602 O O   . SER A 80  ? 0.5251 0.3712 0.2312 0.0351  0.0646  0.0584  80  SER A O   
603 C CB  . SER A 80  ? 0.5239 0.3835 0.2348 0.0085  0.0412  0.0692  80  SER A CB  
604 O OG  . SER A 80  ? 0.5967 0.4674 0.3170 -0.0007 0.0311  0.0754  80  SER A OG  
605 N N   . PRO A 81  ? 0.5542 0.4032 0.2273 0.0381  0.0739  0.0592  81  PRO A N   
606 C CA  . PRO A 81  ? 0.6359 0.4597 0.2852 0.0487  0.0813  0.0526  81  PRO A CA  
607 C C   . PRO A 81  ? 0.6000 0.3917 0.2307 0.0372  0.0735  0.0500  81  PRO A C   
608 O O   . PRO A 81  ? 0.6072 0.3973 0.2406 0.0229  0.0627  0.0526  81  PRO A O   
609 C CB  . PRO A 81  ? 0.7827 0.6157 0.4127 0.0593  0.0930  0.0496  81  PRO A CB  
610 C CG  . PRO A 81  ? 0.6646 0.5148 0.2968 0.0447  0.0891  0.0545  81  PRO A CG  
611 C CD  . PRO A 81  ? 0.5786 0.4433 0.2408 0.0347  0.0782  0.0614  81  PRO A CD  
612 N N   . ILE A 82  ? 0.6317 0.3955 0.2411 0.0437  0.0780  0.0446  82  ILE A N   
613 C CA  . ILE A 82  ? 0.6552 0.3856 0.2372 0.0344  0.0737  0.0407  82  ILE A CA  
614 C C   . ILE A 82  ? 0.7024 0.4075 0.2489 0.0489  0.0842  0.0347  82  ILE A C   
615 O O   . ILE A 82  ? 0.6926 0.4048 0.2388 0.0669  0.0930  0.0329  82  ILE A O   
616 C CB  . ILE A 82  ? 0.7417 0.4578 0.3315 0.0226  0.0656  0.0389  82  ILE A CB  
617 C CG1 . ILE A 82  ? 0.7344 0.4365 0.3178 0.0320  0.0726  0.0363  82  ILE A CG1 
618 C CG2 . ILE A 82  ? 0.6719 0.4165 0.3000 0.0124  0.0550  0.0425  82  ILE A CG2 
619 C CD1 . ILE A 82  ? 0.7545 0.4393 0.3366 0.0173  0.0672  0.0332  82  ILE A CD1 
620 N N   . SER A 83  ? 0.7151 0.3898 0.2311 0.0419  0.0821  0.0309  83  SER A N   
621 C CA  . SER A 83  ? 0.7568 0.3987 0.2343 0.0550  0.0901  0.0239  83  SER A CA  
622 C C   . SER A 83  ? 0.7756 0.3817 0.2376 0.0512  0.0868  0.0215  83  SER A C   
623 O O   . SER A 83  ? 0.7691 0.3695 0.2392 0.0321  0.0780  0.0230  83  SER A O   
624 C CB  . SER A 83  ? 0.8062 0.4307 0.2537 0.0484  0.0900  0.0204  83  SER A CB  
625 O OG  . SER A 83  ? 0.7762 0.4319 0.2324 0.0486  0.0938  0.0224  83  SER A OG  
626 N N   . VAL A 84  ? 0.8354 0.4170 0.2740 0.0691  0.0932  0.0171  84  VAL A N   
627 C CA  . VAL A 84  ? 0.8390 0.3766 0.2509 0.0642  0.0902  0.0146  84  VAL A CA  
628 C C   . VAL A 84  ? 0.9288 0.4221 0.2923 0.0798  0.0947  0.0071  84  VAL A C   
629 O O   . VAL A 84  ? 0.9020 0.4058 0.2602 0.1014  0.1016  0.0028  84  VAL A O   
630 C CB  . VAL A 84  ? 0.8478 0.3917 0.2768 0.0694  0.0905  0.0178  84  VAL A CB  
631 C CG1 . VAL A 84  ? 0.8037 0.3903 0.2797 0.0537  0.0858  0.0237  84  VAL A CG1 
632 C CG2 . VAL A 84  ? 0.8664 0.4217 0.2965 0.0978  0.0974  0.0163  84  VAL A CG2 
633 N N   . LEU A 85  ? 0.9375 0.3822 0.2652 0.0681  0.0903  0.0044  85  LEU A N   
634 C CA  . LEU A 85  ? 0.9967 0.3887 0.2746 0.0824  0.0920  -0.0029 85  LEU A CA  
635 C C   . LEU A 85  ? 1.0994 0.4584 0.3602 0.0879  0.0896  -0.0019 85  LEU A C   
636 O O   . LEU A 85  ? 1.1227 0.4673 0.3802 0.0649  0.0849  0.0017  85  LEU A O   
637 C CB  . LEU A 85  ? 1.0454 0.4024 0.2947 0.0628  0.0869  -0.0059 85  LEU A CB  
638 C CG  . LEU A 85  ? 1.1695 0.4721 0.3748 0.0745  0.0859  -0.0124 85  LEU A CG  
639 C CD1 . LEU A 85  ? 1.2398 0.5584 0.4470 0.1026  0.0924  -0.0180 85  LEU A CD1 
640 C CD2 . LEU A 85  ? 1.1227 0.3920 0.3017 0.0497  0.0801  -0.0140 85  LEU A CD2 
641 N N   . TYR A 86  ? 1.1288 0.4789 0.3806 0.1173  0.0921  -0.0051 86  TYR A N   
642 C CA  . TYR A 86  ? 1.3037 0.6240 0.5390 0.1254  0.0888  -0.0033 86  TYR A CA  
643 C C   . TYR A 86  ? 1.5142 0.7799 0.7062 0.1469  0.0846  -0.0087 86  TYR A C   
644 O O   . TYR A 86  ? 1.2806 0.5485 0.4671 0.1648  0.0865  -0.0145 86  TYR A O   
645 C CB  . TYR A 86  ? 1.2604 0.6273 0.5330 0.1427  0.0925  0.0000  86  TYR A CB  
646 C CG  . TYR A 86  ? 1.3415 0.7319 0.6229 0.1765  0.0971  -0.0061 86  TYR A CG  
647 C CD1 . TYR A 86  ? 1.2045 0.6473 0.5176 0.1792  0.1039  -0.0078 86  TYR A CD1 
648 C CD2 . TYR A 86  ? 1.2932 0.6561 0.5537 0.2041  0.0931  -0.0098 86  TYR A CD2 
649 C CE1 . TYR A 86  ? 1.3108 0.7837 0.6375 0.2064  0.1084  -0.0142 86  TYR A CE1 
650 C CE2 . TYR A 86  ? 1.2668 0.6614 0.5436 0.2341  0.0958  -0.0160 86  TYR A CE2 
651 C CZ  . TYR A 86  ? 1.3816 0.8334 0.6928 0.2342  0.1044  -0.0188 86  TYR A CZ  
652 O OH  . TYR A 86  ? 1.2709 0.7602 0.6003 0.2605  0.1078  -0.0262 86  TYR A OH  
653 N N   . LYS A 87  ? 1.6259 0.8431 0.7861 0.1448  0.0781  -0.0059 87  LYS A N   
654 C CA  . LYS A 87  ? 1.6967 0.8574 0.8115 0.1645  0.0708  -0.0079 87  LYS A CA  
655 C C   . LYS A 87  ? 1.6411 0.8272 0.7706 0.2037  0.0708  -0.0111 87  LYS A C   
656 O O   . LYS A 87  ? 1.6076 0.8184 0.7590 0.2126  0.0714  -0.0084 87  LYS A O   
657 C CB  . LYS A 87  ? 1.8328 0.9349 0.9068 0.1474  0.0627  -0.0019 87  LYS A CB  
658 C CG  . LYS A 87  ? 1.8584 0.9363 0.9180 0.1063  0.0619  0.0000  87  LYS A CG  
659 C CD  . LYS A 87  ? 1.8817 0.9053 0.9006 0.0883  0.0543  0.0051  87  LYS A CD  
660 C CE  . LYS A 87  ? 1.8829 0.8928 0.8949 0.0454  0.0533  0.0029  87  LYS A CE  
661 N NZ  . LYS A 87  ? 1.8392 0.8154 0.8220 0.0258  0.0457  0.0019  87  LYS A NZ  
662 N N   . ASP A 88  ? 1.7922 0.9745 0.9108 0.2267  0.0697  -0.0176 88  ASP A N   
663 C CA  . ASP A 88  ? 2.1108 1.3125 1.2380 0.2638  0.0668  -0.0223 88  ASP A CA  
664 C C   . ASP A 88  ? 2.3844 1.5346 1.4721 0.2725  0.0538  -0.0179 88  ASP A C   
665 O O   . ASP A 88  ? 2.3553 1.4451 1.3968 0.2529  0.0469  -0.0130 88  ASP A O   
666 C CB  . ASP A 88  ? 2.0913 1.2977 1.2117 0.2838  0.0678  -0.0323 88  ASP A CB  
667 C CG  . ASP A 88  ? 2.1213 1.3593 1.2580 0.3218  0.0650  -0.0400 88  ASP A CG  
668 O OD1 . ASP A 88  ? 2.1439 1.3847 1.2852 0.3339  0.0587  -0.0365 88  ASP A OD1 
669 O OD2 . ASP A 88  ? 2.0660 1.3276 1.2111 0.3384  0.0690  -0.0504 88  ASP A OD2 
670 N N   . ASP A 89  ? 2.5236 1.7001 1.6285 0.3002  0.0500  -0.0198 89  ASP A N   
671 C CA  . ASP A 89  ? 2.5289 1.6591 1.5938 0.3112  0.0358  -0.0172 89  ASP A CA  
672 C C   . ASP A 89  ? 2.4921 1.5648 1.5033 0.3206  0.0255  -0.0215 89  ASP A C   
673 O O   . ASP A 89  ? 2.5097 1.5274 1.4724 0.3187  0.0129  -0.0184 89  ASP A O   
674 C CB  . ASP A 89  ? 2.4747 1.6494 1.5709 0.3420  0.0324  -0.0207 89  ASP A CB  
675 C CG  . ASP A 89  ? 2.5004 1.7311 1.6330 0.3699  0.0377  -0.0318 89  ASP A CG  
676 O OD1 . ASP A 89  ? 2.5093 1.7193 1.6193 0.3807  0.0354  -0.0393 89  ASP A OD1 
677 O OD2 . ASP A 89  ? 2.4905 1.7876 1.6743 0.3795  0.0447  -0.0336 89  ASP A OD2 
678 N N   . MET A 90  ? 2.3879 1.4720 1.4047 0.3295  0.0305  -0.0291 90  MET A N   
679 C CA  . MET A 90  ? 2.3670 1.3943 1.3324 0.3333  0.0224  -0.0328 90  MET A CA  
680 C C   . MET A 90  ? 2.2498 1.2362 1.1870 0.2962  0.0258  -0.0265 90  MET A C   
681 O O   . MET A 90  ? 2.2968 1.2366 1.1917 0.2950  0.0204  -0.0289 90  MET A O   
682 C CB  . MET A 90  ? 2.4791 1.5406 1.4643 0.3621  0.0264  -0.0460 90  MET A CB  
683 C CG  . MET A 90  ? 2.5999 1.6882 1.5989 0.4014  0.0188  -0.0548 90  MET A CG  
684 S SD  . MET A 90  ? 2.6076 1.7405 1.6306 0.4328  0.0245  -0.0732 90  MET A SD  
685 C CE  . MET A 90  ? 2.4644 1.6835 1.5558 0.4168  0.0458  -0.0743 90  MET A CE  
686 N N   . GLY A 91  ? 2.3920 1.3963 1.3524 0.2656  0.0340  -0.0194 91  GLY A N   
687 C CA  . GLY A 91  ? 2.3177 1.2905 1.2571 0.2280  0.0365  -0.0142 91  GLY A CA  
688 C C   . GLY A 91  ? 2.1366 1.1438 1.1065 0.2178  0.0475  -0.0190 91  GLY A C   
689 O O   . GLY A 91  ? 2.1125 1.1104 1.0803 0.1841  0.0506  -0.0150 91  GLY A O   
690 N N   . VAL A 92  ? 1.9704 1.0203 0.9685 0.2442  0.0531  -0.0282 92  VAL A N   
691 C CA  . VAL A 92  ? 1.8199 0.9017 0.8403 0.2349  0.0629  -0.0338 92  VAL A CA  
692 C C   . VAL A 92  ? 1.6489 0.7783 0.7126 0.2106  0.0716  -0.0298 92  VAL A C   
693 O O   . VAL A 92  ? 1.4806 0.6604 0.5840 0.2218  0.0763  -0.0295 92  VAL A O   
694 C CB  . VAL A 92  ? 1.7087 0.8332 0.7516 0.2677  0.0680  -0.0455 92  VAL A CB  
695 C CG1 . VAL A 92  ? 1.6041 0.7617 0.6661 0.2550  0.0784  -0.0511 92  VAL A CG1 
696 C CG2 . VAL A 92  ? 1.8965 0.9761 0.8977 0.2937  0.0581  -0.0514 92  VAL A CG2 
697 N N   . PRO A 93  ? 1.7185 0.8377 0.7775 0.1778  0.0730  -0.0268 93  PRO A N   
698 C CA  . PRO A 93  ? 1.6206 0.7934 0.7235 0.1577  0.0799  -0.0246 93  PRO A CA  
699 C C   . PRO A 93  ? 1.4613 0.6957 0.6017 0.1755  0.0888  -0.0304 93  PRO A C   
700 O O   . PRO A 93  ? 1.3597 0.5946 0.4905 0.1866  0.0914  -0.0374 93  PRO A O   
701 C CB  . PRO A 93  ? 1.5816 0.7305 0.6676 0.1238  0.0775  -0.0231 93  PRO A CB  
702 C CG  . PRO A 93  ? 1.7916 0.8832 0.8293 0.1298  0.0724  -0.0260 93  PRO A CG  
703 C CD  . PRO A 93  ? 1.7946 0.8563 0.8092 0.1565  0.0672  -0.0253 93  PRO A CD  
704 N N   . THR A 94  ? 1.5088 0.7965 0.6909 0.1764  0.0938  -0.0272 94  THR A N   
705 C CA  . THR A 94  ? 1.3285 0.6780 0.5472 0.1932  0.1023  -0.0316 94  THR A CA  
706 C C   . THR A 94  ? 1.1317 0.5313 0.3891 0.1729  0.1065  -0.0249 94  THR A C   
707 O O   . THR A 94  ? 1.1524 0.5518 0.4197 0.1597  0.1035  -0.0176 94  THR A O   
708 C CB  . THR A 94  ? 1.3230 0.6884 0.5527 0.2260  0.1023  -0.0348 94  THR A CB  
709 O OG1 . THR A 94  ? 1.5702 0.8883 0.7622 0.2461  0.0959  -0.0407 94  THR A OG1 
710 C CG2 . THR A 94  ? 1.2106 0.6459 0.4809 0.2400  0.1116  -0.0400 94  THR A CG2 
711 N N   . LEU A 95  ? 1.0604 0.5022 0.3380 0.1696  0.1129  -0.0271 95  LEU A N   
712 C CA  . LEU A 95  ? 0.9901 0.4764 0.3006 0.1498  0.1149  -0.0197 95  LEU A CA  
713 C C   . LEU A 95  ? 0.9829 0.5210 0.3305 0.1645  0.1202  -0.0177 95  LEU A C   
714 O O   . LEU A 95  ? 1.1922 0.7579 0.5498 0.1858  0.1263  -0.0247 95  LEU A O   
715 C CB  . LEU A 95  ? 0.9883 0.4923 0.2989 0.1365  0.1178  -0.0216 95  LEU A CB  
716 C CG  . LEU A 95  ? 1.0237 0.5645 0.3616 0.1137  0.1164  -0.0126 95  LEU A CG  
717 C CD1 . LEU A 95  ? 0.9535 0.4669 0.2842 0.0892  0.1064  -0.0058 95  LEU A CD1 
718 C CD2 . LEU A 95  ? 1.0001 0.5648 0.3386 0.1053  0.1202  -0.0148 95  LEU A CD2 
719 N N   . LYS A 96  ? 0.9858 0.5392 0.3550 0.1523  0.1177  -0.0086 96  LYS A N   
720 C CA  . LYS A 96  ? 0.8730 0.4807 0.2810 0.1583  0.1223  -0.0045 96  LYS A CA  
721 C C   . LYS A 96  ? 0.8564 0.4957 0.2878 0.1334  0.1208  0.0027  96  LYS A C   
722 O O   . LYS A 96  ? 0.8654 0.4978 0.3079 0.1117  0.1124  0.0100  96  LYS A O   
723 C CB  . LYS A 96  ? 0.9146 0.5205 0.3388 0.1611  0.1177  0.0014  96  LYS A CB  
724 C CG  . LYS A 96  ? 0.9504 0.6126 0.4190 0.1658  0.1206  0.0064  96  LYS A CG  
725 C CD  . LYS A 96  ? 1.0649 0.7589 0.5377 0.1917  0.1294  -0.0018 96  LYS A CD  
726 C CE  . LYS A 96  ? 1.1412 0.8922 0.6575 0.1930  0.1318  0.0033  96  LYS A CE  
727 N NZ  . LYS A 96  ? 1.0968 0.8969 0.6298 0.1948  0.1400  -0.0011 96  LYS A NZ  
728 N N   . TYR A 97  ? 0.8476 0.5213 0.2860 0.1360  0.1280  -0.0003 97  TYR A N   
729 C CA  . TYR A 97  ? 0.8021 0.4924 0.2482 0.1120  0.1253  0.0055  97  TYR A CA  
730 C C   . TYR A 97  ? 0.7536 0.4798 0.2409 0.0989  0.1197  0.0162  97  TYR A C   
731 O O   . TYR A 97  ? 0.7873 0.5081 0.2833 0.0778  0.1095  0.0230  97  TYR A O   
732 C CB  . TYR A 97  ? 0.8148 0.5302 0.2558 0.1153  0.1338  -0.0014 97  TYR A CB  
733 C CG  . TYR A 97  ? 0.9392 0.6616 0.3762 0.0899  0.1302  0.0044  97  TYR A CG  
734 C CD1 . TYR A 97  ? 0.8295 0.5134 0.2439 0.0729  0.1209  0.0068  97  TYR A CD1 
735 C CD2 . TYR A 97  ? 0.7994 0.5653 0.2536 0.0818  0.1346  0.0074  97  TYR A CD2 
736 C CE1 . TYR A 97  ? 0.8291 0.5168 0.2388 0.0505  0.1149  0.0122  97  TYR A CE1 
737 C CE2 . TYR A 97  ? 0.7938 0.5604 0.2399 0.0576  0.1292  0.0134  97  TYR A CE2 
738 C CZ  . TYR A 97  ? 0.8128 0.5395 0.2369 0.0432  0.1186  0.0159  97  TYR A CZ  
739 O OH  . TYR A 97  ? 0.8438 0.5690 0.2597 0.0201  0.1103  0.0222  97  TYR A OH  
740 N N   . HIS A 98  ? 0.7646 0.5271 0.2774 0.1118  0.1252  0.0169  98  HIS A N   
741 C CA  . HIS A 98  ? 0.7063 0.4994 0.2567 0.1016  0.1198  0.0263  98  HIS A CA  
742 C C   . HIS A 98  ? 0.7063 0.4943 0.2699 0.1145  0.1184  0.0270  98  HIS A C   
743 O O   . HIS A 98  ? 0.7572 0.5694 0.3328 0.1322  0.1244  0.0246  98  HIS A O   
744 C CB  . HIS A 98  ? 0.6715 0.5135 0.2407 0.1011  0.1266  0.0277  98  HIS A CB  
745 C CG  . HIS A 98  ? 0.7217 0.5697 0.2750 0.0857  0.1283  0.0276  98  HIS A CG  
746 N ND1 . HIS A 98  ? 0.8277 0.6629 0.3796 0.0622  0.1172  0.0353  98  HIS A ND1 
747 C CD2 . HIS A 98  ? 0.8281 0.6948 0.3658 0.0900  0.1398  0.0203  98  HIS A CD2 
748 C CE1 . HIS A 98  ? 0.9000 0.7411 0.4327 0.0515  0.1209  0.0341  98  HIS A CE1 
749 N NE2 . HIS A 98  ? 0.7810 0.6426 0.3048 0.0670  0.1356  0.0247  98  HIS A NE2 
750 N N   . TYR A 99  ? 0.6713 0.4298 0.2328 0.1042  0.1100  0.0299  99  TYR A N   
751 C CA  . TYR A 99  ? 0.7921 0.5447 0.3649 0.1109  0.1079  0.0317  99  TYR A CA  
752 C C   . TYR A 99  ? 0.7743 0.5615 0.3865 0.0990  0.1031  0.0394  99  TYR A C   
753 O O   . TYR A 99  ? 0.6231 0.4071 0.2465 0.0804  0.0948  0.0429  99  TYR A O   
754 C CB  . TYR A 99  ? 0.6864 0.3922 0.2349 0.1032  0.1027  0.0300  99  TYR A CB  
755 C CG  . TYR A 99  ? 0.7069 0.3957 0.2517 0.1126  0.1023  0.0300  99  TYR A CG  
756 C CD1 . TYR A 99  ? 0.7712 0.4560 0.3037 0.1378  0.1072  0.0262  99  TYR A CD1 
757 C CD2 . TYR A 99  ? 0.8224 0.4994 0.3745 0.0961  0.0965  0.0331  99  TYR A CD2 
758 C CE1 . TYR A 99  ? 0.9393 0.6039 0.4640 0.1461  0.1050  0.0269  99  TYR A CE1 
759 C CE2 . TYR A 99  ? 0.8368 0.4960 0.3811 0.1019  0.0963  0.0335  99  TYR A CE2 
760 C CZ  . TYR A 99  ? 0.9473 0.5976 0.4764 0.1268  0.0999  0.0312  99  TYR A CZ  
761 O OH  . TYR A 99  ? 1.0388 0.6665 0.5558 0.1322  0.0977  0.0323  99  TYR A OH  
762 N N   . GLU A 100 ? 0.6348 0.4558 0.2679 0.1102  0.1076  0.0411  100 GLU A N   
763 C CA  . GLU A 100 ? 0.6712 0.5284 0.3381 0.0990  0.1041  0.0478  100 GLU A CA  
764 C C   . GLU A 100 ? 0.6538 0.5085 0.3411 0.0914  0.0973  0.0516  100 GLU A C   
765 O O   . GLU A 100 ? 0.5752 0.4104 0.2548 0.0986  0.0980  0.0496  100 GLU A O   
766 C CB  . GLU A 100 ? 0.5948 0.4917 0.2762 0.1117  0.1117  0.0477  100 GLU A CB  
767 C CG  . GLU A 100 ? 0.6231 0.5324 0.2876 0.1186  0.1203  0.0420  100 GLU A CG  
768 C CD  . GLU A 100 ? 0.9034 0.8251 0.5680 0.0979  0.1182  0.0461  100 GLU A CD  
769 O OE1 . GLU A 100 ? 0.8676 0.7905 0.5482 0.0808  0.1086  0.0535  100 GLU A OE1 
770 O OE2 . GLU A 100 ? 1.0612 0.9904 0.7085 0.0990  0.1253  0.0412  100 GLU A OE2 
771 N N   . GLY A 101 ? 0.5935 0.4674 0.3055 0.0765  0.0903  0.0565  101 GLY A N   
772 C CA  . GLY A 101 ? 0.5418 0.4227 0.2782 0.0705  0.0848  0.0588  101 GLY A CA  
773 C C   . GLY A 101 ? 0.5836 0.4403 0.3169 0.0589  0.0784  0.0558  101 GLY A C   
774 O O   . GLY A 101 ? 0.5260 0.3862 0.2750 0.0555  0.0766  0.0553  101 GLY A O   
775 N N   . MET A 102 ? 0.5092 0.3445 0.2239 0.0509  0.0749  0.0532  102 MET A N   
776 C CA  . MET A 102 ? 0.5199 0.3326 0.2280 0.0396  0.0701  0.0488  102 MET A CA  
777 C C   . MET A 102 ? 0.5015 0.3268 0.2334 0.0243  0.0582  0.0479  102 MET A C   
778 O O   . MET A 102 ? 0.5623 0.3829 0.3011 0.0146  0.0546  0.0431  102 MET A O   
779 C CB  . MET A 102 ? 0.5579 0.3366 0.2287 0.0398  0.0727  0.0452  102 MET A CB  
780 C CG  . MET A 102 ? 0.6626 0.4195 0.3065 0.0559  0.0821  0.0433  102 MET A CG  
781 S SD  . MET A 102 ? 0.6798 0.4173 0.3192 0.0523  0.0828  0.0414  102 MET A SD  
782 C CE  . MET A 102 ? 0.6209 0.3233 0.2350 0.0324  0.0780  0.0362  102 MET A CE  
783 N N   . SER A 103 ? 0.5131 0.3547 0.2571 0.0216  0.0512  0.0517  103 SER A N   
784 C CA  . SER A 103 ? 0.4998 0.3483 0.2624 0.0099  0.0369  0.0502  103 SER A CA  
785 C C   . SER A 103 ? 0.4714 0.3432 0.2573 0.0105  0.0301  0.0552  103 SER A C   
786 O O   . SER A 103 ? 0.5681 0.4472 0.3470 0.0149  0.0345  0.0612  103 SER A O   
787 C CB  . SER A 103 ? 0.5899 0.4198 0.3314 0.0022  0.0295  0.0495  103 SER A CB  
788 O OG  . SER A 103 ? 1.1060 0.9376 0.8344 0.0045  0.0305  0.0557  103 SER A OG  
789 N N   . VAL A 104 ? 0.4734 0.3567 0.2857 0.0053  0.0185  0.0517  104 VAL A N   
790 C CA  . VAL A 104 ? 0.4329 0.3339 0.2670 0.0060  0.0101  0.0554  104 VAL A CA  
791 C C   . VAL A 104 ? 0.4482 0.3399 0.2694 0.0006  -0.0016 0.0608  104 VAL A C   
792 O O   . VAL A 104 ? 0.4850 0.3639 0.3003 -0.0055 -0.0137 0.0577  104 VAL A O   
793 C CB  . VAL A 104 ? 0.4517 0.3665 0.3169 0.0040  0.0006  0.0478  104 VAL A CB  
794 C CG1 . VAL A 104 ? 0.4337 0.3616 0.3178 0.0058  -0.0095 0.0511  104 VAL A CG1 
795 C CG2 . VAL A 104 ? 0.4338 0.3563 0.3073 0.0059  0.0129  0.0426  104 VAL A CG2 
796 N N   . ALA A 105 ? 0.4610 0.3597 0.2764 0.0013  0.0012  0.0687  105 ALA A N   
797 C CA  . ALA A 105 ? 0.4782 0.3678 0.2804 -0.0069 -0.0112 0.0748  105 ALA A CA  
798 C C   . ALA A 105 ? 0.4589 0.3538 0.2817 -0.0087 -0.0270 0.0759  105 ALA A C   
799 O O   . ALA A 105 ? 0.4748 0.3545 0.2926 -0.0142 -0.0457 0.0768  105 ALA A O   
800 C CB  . ALA A 105 ? 0.4992 0.3942 0.2802 -0.0085 0.0012  0.0820  105 ALA A CB  
801 N N   . GLU A 106 ? 0.4670 0.3808 0.3113 -0.0033 -0.0213 0.0756  106 GLU A N   
802 C CA  . GLU A 106 ? 0.4987 0.4159 0.3609 -0.0040 -0.0358 0.0758  106 GLU A CA  
803 C C   . GLU A 106 ? 0.5188 0.4559 0.4104 0.0038  -0.0294 0.0694  106 GLU A C   
804 O O   . GLU A 106 ? 0.4346 0.3838 0.3278 0.0082  -0.0122 0.0692  106 GLU A O   
805 C CB  . GLU A 106 ? 0.5193 0.4359 0.3667 -0.0111 -0.0367 0.0862  106 GLU A CB  
806 C CG  . GLU A 106 ? 0.7048 0.6014 0.5194 -0.0220 -0.0427 0.0929  106 GLU A CG  
807 C CD  . GLU A 106 ? 0.9945 0.8882 0.7933 -0.0333 -0.0472 0.1025  106 GLU A CD  
808 O OE1 . GLU A 106 ? 1.1587 1.0284 0.9317 -0.0446 -0.0609 0.1077  106 GLU A OE1 
809 O OE2 . GLU A 106 ? 0.9595 0.8736 0.7696 -0.0324 -0.0377 0.1048  106 GLU A OE2 
810 N N   . CYS A 107 ? 0.4345 0.3736 0.3473 0.0057  -0.0445 0.0635  107 CYS A N   
811 C CA  . CYS A 107 ? 0.4715 0.4297 0.4128 0.0117  -0.0407 0.0558  107 CYS A CA  
812 C C   . CYS A 107 ? 0.4423 0.4029 0.3910 0.0118  -0.0491 0.0597  107 CYS A C   
813 O O   . CYS A 107 ? 0.3877 0.3309 0.3226 0.0074  -0.0640 0.0654  107 CYS A O   
814 C CB  . CYS A 107 ? 0.4998 0.4631 0.4632 0.0145  -0.0509 0.0419  107 CYS A CB  
815 S SG  . CYS A 107 ? 0.5062 0.4673 0.4623 0.0112  -0.0427 0.0354  107 CYS A SG  
816 N N   . GLY A 108 ? 0.3789 0.3576 0.3459 0.0158  -0.0401 0.0566  108 GLY A N   
817 C CA  . GLY A 108 ? 0.4958 0.4766 0.4712 0.0159  -0.0482 0.0585  108 GLY A CA  
818 C C   . GLY A 108 ? 0.3559 0.3576 0.3548 0.0209  -0.0388 0.0513  108 GLY A C   
819 O O   . GLY A 108 ? 0.3464 0.3602 0.3508 0.0228  -0.0242 0.0473  108 GLY A O   
820 N N   . CYS A 109 ? 0.3812 0.3839 0.3904 0.0221  -0.0480 0.0500  109 CYS A N   
821 C CA  . CYS A 109 ? 0.3461 0.3678 0.3759 0.0257  -0.0401 0.0434  109 CYS A CA  
822 C C   . CYS A 109 ? 0.3092 0.3395 0.3290 0.0221  -0.0264 0.0544  109 CYS A C   
823 O O   . CYS A 109 ? 0.4314 0.4540 0.4360 0.0165  -0.0310 0.0646  109 CYS A O   
824 C CB  . CYS A 109 ? 0.4299 0.4471 0.4750 0.0301  -0.0577 0.0346  109 CYS A CB  
825 S SG  . CYS A 109 ? 0.4569 0.4758 0.5233 0.0382  -0.0729 0.0164  109 CYS A SG  
826 N N   . ARG A 110 ? 0.3763 0.4229 0.4031 0.0245  -0.0103 0.0523  110 ARG A N   
827 C CA  . ARG A 110 ? 0.3744 0.4321 0.3935 0.0234  0.0023  0.0614  110 ARG A CA  
828 C C   . ARG A 110 ? 0.3832 0.4555 0.4175 0.0257  0.0097  0.0558  110 ARG A C   
829 O O   . ARG A 110 ? 0.3600 0.4419 0.3925 0.0246  0.0144  0.0619  110 ARG A O   
830 C CB  . ARG A 110 ? 0.3317 0.3896 0.3340 0.0251  0.0151  0.0671  110 ARG A CB  
831 C CG  . ARG A 110 ? 0.3245 0.3706 0.3084 0.0215  0.0104  0.0738  110 ARG A CG  
832 C CD  . ARG A 110 ? 0.3347 0.3841 0.3098 0.0145  0.0060  0.0832  110 ARG A CD  
833 N NE  . ARG A 110 ? 0.3690 0.4078 0.3229 0.0081  0.0030  0.0896  110 ARG A NE  
834 C CZ  . ARG A 110 ? 0.4008 0.4188 0.3455 0.0014  -0.0128 0.0905  110 ARG A CZ  
835 N NH1 . ARG A 110 ? 0.4261 0.4319 0.3830 0.0029  -0.0281 0.0843  110 ARG A NH1 
836 N NH2 . ARG A 110 ? 0.5228 0.5315 0.4446 -0.0062 -0.0139 0.0969  110 ARG A NH2 
837 O OXT . ARG A 110 ? 0.4848 0.5609 0.5322 0.0273  0.0112  0.0447  110 ARG A OXT 
# 
